data_4MGR
#
_entry.id   4MGR
#
_cell.length_a   99.930
_cell.length_b   101.360
_cell.length_c   213.200
_cell.angle_alpha   90.00
_cell.angle_beta   90.00
_cell.angle_gamma   90.00
#
_symmetry.space_group_name_H-M   'P 21 21 21'
#
loop_
_entity.id
_entity.type
_entity.pdbx_description
1 polymer 'HTH-type transcriptional regulatory protein GabR'
2 non-polymer 'ZINC ION'
3 non-polymer IMIDAZOLE
4 non-polymer 'ACETATE ION'
5 water water
#
_entity_poly.entity_id   1
_entity_poly.type   'polypeptide(L)'
_entity_poly.pdbx_seq_one_letter_code
;MDITITLDRSEQADYIYQQIYQKLKKEILSRNLLPHSKVPSKRELAENLKVSVNSVNSAYQQLLAEGYLYAIERKGFFVE
ELDMFSAEEHPPFALPDDLKEIHIDQSDWISFSHMSSDTDHFPIKSWFRCEQKAASRSYRTLGDMSHPQGIYEVRAAITR
LISLTRGVKCRPEQMIIGAGTQVLMQLLTELLPKEAVYAMEEPGYRRMYQLLKNAGKQVKTIMLDEKGMSIAEITRQQPD
VLVTTPSHQFPSGTIMPVSRRIQLLNWAAEEPRRYIIEDDYDSEFTYDVDSIPALQSLDRFQNVIYMGTFSKSLLPGLRI
SYMVLPPELLRAYKQRGYDLQTCSSLTQLTLQEFIESGEYQKHIKKMKQHYKEKRERLITALEAEFSGEVTVKGANAGLH
FVTEFDTRRTEQDILSHAAGLQLEIFGMSRFNLKENKRQTGRPALIIGFARLKEEDIQEGVQRLFKAVYGHKKIPVTGDH
HHHHH
;
_entity_poly.pdbx_strand_id   A,B,C,D
#
loop_
_chem_comp.id
_chem_comp.type
_chem_comp.name
_chem_comp.formula
ACT non-polymer 'ACETATE ION' 'C2 H3 O2 -1'
IMD non-polymer IMIDAZOLE 'C3 H5 N2 1'
ZN non-polymer 'ZINC ION' 'Zn 2'
#
# COMPACT_ATOMS: atom_id res chain seq x y z
N ASP A 2 -47.52 10.08 5.76
CA ASP A 2 -46.86 11.14 5.02
C ASP A 2 -45.44 10.73 4.68
N ILE A 3 -45.19 10.45 3.41
CA ILE A 3 -43.90 9.92 2.98
C ILE A 3 -43.42 10.41 1.61
N THR A 4 -42.15 10.82 1.54
CA THR A 4 -41.43 10.89 0.28
C THR A 4 -40.07 10.24 0.44
N ILE A 5 -39.88 9.08 -0.20
CA ILE A 5 -38.61 8.35 -0.15
C ILE A 5 -38.32 7.68 -1.50
N THR A 6 -37.11 7.86 -2.02
CA THR A 6 -36.71 7.17 -3.23
C THR A 6 -35.71 6.04 -2.92
N LEU A 7 -35.99 4.84 -3.41
CA LEU A 7 -35.16 3.69 -3.13
C LEU A 7 -34.24 3.32 -4.28
N ASP A 8 -33.00 2.93 -3.95
CA ASP A 8 -32.10 2.32 -4.91
C ASP A 8 -32.14 0.82 -4.65
N ARG A 9 -32.74 0.08 -5.57
CA ARG A 9 -32.91 -1.36 -5.42
C ARG A 9 -31.79 -2.14 -6.11
N SER A 10 -30.80 -1.43 -6.65
CA SER A 10 -29.69 -2.06 -7.35
C SER A 10 -28.80 -2.85 -6.40
N GLU A 11 -28.04 -3.79 -6.97
CA GLU A 11 -27.19 -4.68 -6.19
C GLU A 11 -26.12 -3.97 -5.36
N GLN A 12 -25.60 -2.87 -5.89
CA GLN A 12 -24.48 -2.18 -5.27
C GLN A 12 -24.92 -1.24 -4.14
N ALA A 13 -26.23 -1.09 -3.98
CA ALA A 13 -26.76 -0.17 -2.98
C ALA A 13 -26.85 -0.83 -1.60
N ASP A 14 -27.24 -0.05 -0.60
CA ASP A 14 -27.44 -0.58 0.74
C ASP A 14 -28.77 -1.33 0.80
N TYR A 15 -28.91 -2.23 1.75
CA TYR A 15 -30.16 -2.95 1.94
C TYR A 15 -31.29 -1.96 2.16
N ILE A 16 -32.48 -2.29 1.65
CA ILE A 16 -33.61 -1.38 1.66
C ILE A 16 -33.95 -0.85 3.06
N TYR A 17 -33.88 -1.70 4.09
CA TYR A 17 -34.18 -1.25 5.44
C TYR A 17 -33.17 -0.20 5.92
N GLN A 18 -31.91 -0.36 5.51
CA GLN A 18 -30.87 0.60 5.83
C GLN A 18 -31.15 1.94 5.17
N GLN A 19 -31.54 1.92 3.89
CA GLN A 19 -31.91 3.14 3.18
C GLN A 19 -33.09 3.84 3.85
N ILE A 20 -34.10 3.05 4.23
CA ILE A 20 -35.28 3.59 4.89
C ILE A 20 -34.93 4.29 6.21
N TYR A 21 -34.18 3.62 7.08
CA TYR A 21 -33.82 4.26 8.35
C TYR A 21 -32.82 5.41 8.22
N GLN A 22 -31.96 5.36 7.21
CA GLN A 22 -31.06 6.47 6.92
C GLN A 22 -31.85 7.70 6.51
N LYS A 23 -32.78 7.52 5.57
CA LYS A 23 -33.65 8.60 5.12
C LYS A 23 -34.47 9.18 6.28
N LEU A 24 -35.08 8.30 7.07
CA LEU A 24 -35.90 8.73 8.19
C LEU A 24 -35.09 9.48 9.25
N LYS A 25 -33.90 8.98 9.58
CA LYS A 25 -32.97 9.68 10.46
C LYS A 25 -32.69 11.07 9.90
N LYS A 26 -32.42 11.13 8.60
CA LYS A 26 -32.09 12.39 7.94
C LYS A 26 -33.22 13.42 8.07
N GLU A 27 -34.44 13.00 7.79
CA GLU A 27 -35.59 13.90 7.83
C GLU A 27 -36.06 14.24 9.26
N ILE A 28 -35.72 13.37 10.21
CA ILE A 28 -36.02 13.63 11.62
C ILE A 28 -35.02 14.62 12.20
N LEU A 29 -33.75 14.46 11.83
CA LEU A 29 -32.66 15.28 12.32
C LEU A 29 -32.69 16.68 11.72
N SER A 30 -33.34 16.82 10.57
CA SER A 30 -33.46 18.11 9.90
C SER A 30 -34.79 18.81 10.23
N ARG A 31 -35.58 18.18 11.10
CA ARG A 31 -36.89 18.70 11.51
C ARG A 31 -37.97 18.61 10.42
N ASN A 32 -37.58 18.14 9.23
CA ASN A 32 -38.54 17.84 8.18
C ASN A 32 -39.65 16.93 8.69
N LEU A 33 -39.29 16.06 9.64
CA LEU A 33 -40.26 15.31 10.43
C LEU A 33 -40.30 15.89 11.84
N LEU A 34 -41.39 16.56 12.17
CA LEU A 34 -41.51 17.27 13.45
C LEU A 34 -41.65 16.30 14.61
N PRO A 35 -41.12 16.67 15.79
CA PRO A 35 -41.21 15.84 17.00
C PRO A 35 -42.64 15.44 17.33
N HIS A 36 -42.81 14.20 17.81
CA HIS A 36 -44.11 13.69 18.26
C HIS A 36 -45.13 13.49 17.14
N SER A 37 -44.77 13.86 15.92
CA SER A 37 -45.60 13.54 14.76
C SER A 37 -45.61 12.04 14.56
N LYS A 38 -46.76 11.49 14.17
CA LYS A 38 -46.86 10.05 13.98
C LYS A 38 -46.11 9.61 12.73
N VAL A 39 -45.68 8.35 12.72
CA VAL A 39 -45.00 7.77 11.58
C VAL A 39 -45.93 6.68 11.05
N PRO A 40 -45.90 6.43 9.73
CA PRO A 40 -46.82 5.45 9.16
C PRO A 40 -46.68 4.08 9.80
N SER A 41 -47.78 3.33 9.86
CA SER A 41 -47.74 1.96 10.41
C SER A 41 -46.87 1.12 9.48
N LYS A 42 -46.35 0.01 10.00
CA LYS A 42 -45.46 -0.85 9.22
C LYS A 42 -46.08 -1.20 7.87
N ARG A 43 -47.32 -1.68 7.90
CA ARG A 43 -48.01 -2.11 6.69
C ARG A 43 -48.26 -0.98 5.69
N GLU A 44 -48.69 0.17 6.20
CA GLU A 44 -49.01 1.32 5.35
C GLU A 44 -47.76 1.82 4.63
N LEU A 45 -46.71 2.07 5.40
CA LEU A 45 -45.43 2.52 4.85
C LEU A 45 -44.84 1.48 3.92
N ALA A 46 -45.06 0.20 4.22
CA ALA A 46 -44.57 -0.90 3.39
C ALA A 46 -45.24 -0.92 2.02
N GLU A 47 -46.57 -0.90 2.02
CA GLU A 47 -47.34 -0.89 0.80
C GLU A 47 -47.06 0.36 -0.04
N ASN A 48 -46.89 1.50 0.63
CA ASN A 48 -46.68 2.75 -0.07
C ASN A 48 -45.32 2.85 -0.77
N LEU A 49 -44.33 2.13 -0.26
CA LEU A 49 -42.99 2.14 -0.86
C LEU A 49 -42.75 1.00 -1.86
N LYS A 50 -43.78 0.17 -2.07
CA LYS A 50 -43.65 -1.06 -2.84
C LYS A 50 -42.49 -1.90 -2.32
N VAL A 51 -42.50 -2.17 -1.01
CA VAL A 51 -41.40 -2.87 -0.35
C VAL A 51 -41.92 -3.76 0.78
N SER A 52 -41.16 -4.79 1.13
CA SER A 52 -41.57 -5.75 2.17
C SER A 52 -41.82 -5.10 3.53
N VAL A 53 -42.75 -5.67 4.29
CA VAL A 53 -43.05 -5.19 5.63
C VAL A 53 -41.91 -5.53 6.58
N ASN A 54 -41.16 -6.58 6.25
CA ASN A 54 -39.98 -6.97 7.02
C ASN A 54 -38.89 -5.89 7.01
N SER A 55 -38.65 -5.30 5.85
CA SER A 55 -37.69 -4.22 5.71
C SER A 55 -38.10 -3.03 6.55
N VAL A 56 -39.37 -2.63 6.44
CA VAL A 56 -39.93 -1.55 7.23
C VAL A 56 -39.78 -1.83 8.73
N ASN A 57 -40.05 -3.06 9.13
CA ASN A 57 -39.92 -3.44 10.53
C ASN A 57 -38.48 -3.38 11.02
N SER A 58 -37.53 -3.74 10.14
CA SER A 58 -36.12 -3.64 10.48
C SER A 58 -35.70 -2.18 10.66
N ALA A 59 -36.14 -1.33 9.73
CA ALA A 59 -35.85 0.10 9.81
C ALA A 59 -36.41 0.73 11.08
N TYR A 60 -37.67 0.42 11.38
CA TYR A 60 -38.32 0.92 12.59
C TYR A 60 -37.63 0.40 13.85
N GLN A 61 -37.27 -0.89 13.86
CA GLN A 61 -36.50 -1.44 14.99
C GLN A 61 -35.22 -0.66 15.20
N GLN A 62 -34.55 -0.33 14.09
CA GLN A 62 -33.32 0.46 14.14
C GLN A 62 -33.58 1.82 14.78
N LEU A 63 -34.58 2.52 14.28
CA LEU A 63 -34.92 3.85 14.78
C LEU A 63 -35.35 3.85 16.25
N LEU A 64 -36.05 2.80 16.67
CA LEU A 64 -36.50 2.68 18.05
C LEU A 64 -35.32 2.39 18.97
N ALA A 65 -34.42 1.51 18.53
CA ALA A 65 -33.24 1.15 19.32
C ALA A 65 -32.29 2.32 19.48
N GLU A 66 -32.14 3.11 18.41
CA GLU A 66 -31.26 4.28 18.48
C GLU A 66 -31.96 5.48 19.10
N GLY A 67 -33.30 5.42 19.15
CA GLY A 67 -34.06 6.46 19.83
C GLY A 67 -34.56 7.61 18.96
N TYR A 68 -34.62 7.38 17.65
CA TYR A 68 -35.22 8.37 16.75
C TYR A 68 -36.73 8.29 16.81
N LEU A 69 -37.23 7.10 17.15
CA LEU A 69 -38.66 6.88 17.31
C LEU A 69 -38.97 6.35 18.70
N TYR A 70 -40.21 6.54 19.14
CA TYR A 70 -40.67 5.90 20.36
C TYR A 70 -42.06 5.32 20.17
N ALA A 71 -42.47 4.47 21.11
CA ALA A 71 -43.74 3.76 21.00
C ALA A 71 -44.62 3.89 22.24
N ILE A 72 -45.87 4.26 22.02
CA ILE A 72 -46.92 4.15 23.01
C ILE A 72 -47.72 3.00 22.45
N GLU A 73 -48.41 2.22 23.27
CA GLU A 73 -48.97 1.00 22.69
C GLU A 73 -50.34 1.35 22.10
N ARG A 74 -50.29 1.47 20.78
CA ARG A 74 -51.34 1.88 19.88
C ARG A 74 -50.45 2.02 18.66
N LYS A 75 -50.95 2.40 17.49
CA LYS A 75 -49.99 2.86 16.49
C LYS A 75 -50.05 4.38 16.39
N GLY A 76 -49.11 5.07 17.04
CA GLY A 76 -48.19 4.46 17.99
C GLY A 76 -46.71 4.35 17.70
N PHE A 77 -46.27 4.88 16.57
CA PHE A 77 -44.83 5.11 16.38
C PHE A 77 -44.61 6.59 16.12
N PHE A 78 -43.85 7.25 16.99
CA PHE A 78 -43.71 8.70 16.91
C PHE A 78 -42.26 9.18 16.82
N VAL A 79 -42.05 10.24 16.05
CA VAL A 79 -40.74 10.88 15.97
C VAL A 79 -40.35 11.43 17.34
N GLU A 80 -39.17 11.04 17.82
CA GLU A 80 -38.70 11.46 19.14
C GLU A 80 -38.26 12.92 19.15
N GLU A 81 -38.49 13.62 20.25
CA GLU A 81 -38.12 15.02 20.36
C GLU A 81 -36.62 15.13 20.62
N LEU A 82 -35.91 15.81 19.73
CA LEU A 82 -34.46 15.97 19.85
C LEU A 82 -34.09 17.45 19.87
N ASP A 83 -33.20 17.83 20.78
CA ASP A 83 -32.67 19.20 20.82
C ASP A 83 -31.96 19.51 19.51
N MET A 84 -32.05 20.76 19.07
CA MET A 84 -31.25 21.21 17.94
C MET A 84 -29.78 21.19 18.36
N PHE A 85 -28.89 20.94 17.40
CA PHE A 85 -27.46 21.09 17.65
C PHE A 85 -27.15 22.57 17.80
N SER A 86 -26.00 22.88 18.40
CA SER A 86 -25.45 24.23 18.31
C SER A 86 -25.24 24.50 16.81
N ALA A 87 -25.41 25.72 16.28
CA ALA A 87 -25.56 27.04 16.93
C ALA A 87 -24.27 27.64 17.50
N GLU A 88 -23.18 26.86 17.55
CA GLU A 88 -21.86 27.42 17.82
C GLU A 88 -21.08 27.44 16.51
N GLU A 89 -19.86 27.97 16.55
CA GLU A 89 -19.04 28.01 15.34
C GLU A 89 -18.36 26.68 15.09
N HIS A 90 -18.62 26.08 13.94
CA HIS A 90 -18.00 24.81 13.57
C HIS A 90 -16.52 25.01 13.26
N PRO A 91 -15.66 24.15 13.84
CA PRO A 91 -14.24 24.16 13.46
C PRO A 91 -14.06 23.58 12.06
N PRO A 92 -12.96 23.95 11.39
CA PRO A 92 -12.68 23.44 10.05
C PRO A 92 -12.16 22.00 10.04
N PHE A 93 -11.72 21.55 8.87
CA PHE A 93 -11.18 20.21 8.65
C PHE A 93 -9.69 20.43 8.33
N ALA A 94 -8.99 19.39 7.87
CA ALA A 94 -7.60 19.60 7.42
C ALA A 94 -6.64 20.07 8.53
N LEU A 95 -6.25 21.34 8.49
CA LEU A 95 -5.19 21.90 9.34
C LEU A 95 -3.77 21.41 9.02
N PRO A 96 -3.17 22.02 7.96
CA PRO A 96 -1.94 21.71 7.21
C PRO A 96 -0.71 21.37 8.04
N ASP A 97 -0.54 21.98 9.21
CA ASP A 97 0.62 21.66 10.04
C ASP A 97 0.53 20.24 10.57
N ASP A 98 -0.66 19.86 11.04
CA ASP A 98 -0.93 18.48 11.45
C ASP A 98 -1.22 17.62 10.23
N LEU A 99 -1.86 18.22 9.23
CA LEU A 99 -2.20 17.53 7.98
C LEU A 99 -0.93 17.04 7.31
N LYS A 100 0.21 17.54 7.77
CA LYS A 100 1.42 17.19 7.11
C LYS A 100 1.86 15.91 7.78
N GLU A 101 1.64 14.82 7.06
CA GLU A 101 2.39 13.60 7.21
C GLU A 101 2.75 13.37 5.77
N ILE A 102 4.02 13.55 5.45
CA ILE A 102 4.45 13.50 4.06
C ILE A 102 5.16 12.17 3.83
N HIS A 103 4.78 11.49 2.76
CA HIS A 103 5.36 10.21 2.43
C HIS A 103 6.27 10.35 1.23
N ILE A 104 7.55 10.03 1.42
CA ILE A 104 8.48 9.92 0.31
C ILE A 104 9.42 8.76 0.60
N ASP A 105 9.61 7.88 -0.38
CA ASP A 105 10.48 6.72 -0.16
C ASP A 105 11.91 7.21 0.04
N GLN A 106 12.62 6.56 0.95
CA GLN A 106 13.90 7.06 1.40
C GLN A 106 15.11 6.55 0.60
N SER A 107 15.43 5.28 0.80
CA SER A 107 16.69 4.71 0.33
C SER A 107 16.99 4.94 -1.15
N ASP A 108 18.21 5.39 -1.44
CA ASP A 108 19.19 5.75 -0.41
C ASP A 108 19.60 7.21 -0.57
N TRP A 109 19.68 8.00 0.51
CA TRP A 109 19.35 7.65 1.90
C TRP A 109 20.06 6.47 2.60
N ILE A 110 21.32 6.68 2.95
CA ILE A 110 22.05 5.75 3.79
C ILE A 110 21.91 6.18 5.26
N SER A 111 21.77 5.21 6.16
CA SER A 111 21.48 5.53 7.56
C SER A 111 22.57 5.09 8.53
N PHE A 112 23.12 6.06 9.26
CA PHE A 112 24.03 5.80 10.37
C PHE A 112 23.29 5.81 11.71
N SER A 113 21.96 5.87 11.64
CA SER A 113 21.10 5.92 12.83
C SER A 113 21.40 4.83 13.85
N HIS A 114 21.40 5.21 15.13
CA HIS A 114 21.57 4.28 16.23
C HIS A 114 20.26 3.56 16.51
N MET A 115 19.17 4.13 16.01
CA MET A 115 17.85 3.57 16.26
C MET A 115 17.57 2.33 15.41
N SER A 116 16.79 1.41 15.98
CA SER A 116 16.55 0.06 15.46
C SER A 116 15.97 0.04 14.04
N SER A 117 16.23 -1.00 13.24
CA SER A 117 17.09 -2.16 13.55
C SER A 117 17.46 -2.86 12.25
N ASP A 118 18.05 -4.05 12.36
CA ASP A 118 18.23 -4.92 11.22
C ASP A 118 16.91 -5.65 10.97
N THR A 119 16.28 -5.40 9.83
CA THR A 119 15.06 -6.09 9.44
C THR A 119 15.35 -7.45 8.81
N ASP A 120 16.43 -7.49 8.02
CA ASP A 120 16.87 -8.72 7.39
C ASP A 120 17.69 -9.51 8.38
N HIS A 121 18.35 -10.56 7.91
CA HIS A 121 19.30 -11.34 8.72
C HIS A 121 18.60 -12.08 9.87
N PHE A 122 17.33 -11.79 10.10
CA PHE A 122 16.59 -12.41 11.19
C PHE A 122 15.84 -13.64 10.72
N PRO A 123 16.00 -14.76 11.44
CA PRO A 123 15.32 -16.01 11.13
C PRO A 123 13.82 -15.90 11.38
N ILE A 124 13.13 -15.17 10.50
CA ILE A 124 11.68 -15.04 10.58
C ILE A 124 11.01 -16.37 10.25
N LYS A 125 11.74 -17.24 9.56
CA LYS A 125 11.27 -18.58 9.27
C LYS A 125 11.24 -19.44 10.54
N SER A 126 12.31 -19.36 11.32
CA SER A 126 12.36 -20.06 12.60
C SER A 126 11.46 -19.39 13.64
N TRP A 127 11.25 -18.08 13.49
CA TRP A 127 10.35 -17.36 14.38
C TRP A 127 8.92 -17.80 14.12
N PHE A 128 8.55 -17.91 12.85
CA PHE A 128 7.24 -18.39 12.45
C PHE A 128 7.04 -19.84 12.85
N ARG A 129 8.10 -20.64 12.72
CA ARG A 129 8.09 -22.04 13.15
C ARG A 129 7.76 -22.14 14.63
N CYS A 130 8.54 -21.42 15.44
CA CYS A 130 8.35 -21.35 16.87
C CYS A 130 6.94 -20.91 17.22
N GLU A 131 6.44 -19.90 16.50
CA GLU A 131 5.08 -19.40 16.70
C GLU A 131 4.08 -20.50 16.44
N GLN A 132 4.36 -21.33 15.42
CA GLN A 132 3.47 -22.42 15.08
C GLN A 132 3.40 -23.48 16.18
N LYS A 133 4.55 -23.99 16.62
CA LYS A 133 4.52 -25.02 17.66
C LYS A 133 4.04 -24.46 19.01
N ALA A 134 4.23 -23.17 19.23
CA ALA A 134 3.69 -22.51 20.41
C ALA A 134 2.16 -22.45 20.36
N ALA A 135 1.64 -22.12 19.18
CA ALA A 135 0.20 -22.04 18.97
C ALA A 135 -0.44 -23.42 19.05
N SER A 136 0.31 -24.45 18.65
CA SER A 136 -0.19 -25.82 18.71
C SER A 136 -0.12 -26.38 20.14
N ARG A 137 0.85 -25.93 20.92
CA ARG A 137 0.96 -26.34 22.32
C ARG A 137 -0.13 -25.74 23.21
N SER A 138 -0.25 -24.42 23.17
CA SER A 138 -1.29 -23.68 23.88
C SER A 138 -2.50 -23.54 22.96
N TYR A 139 -3.45 -22.66 23.28
CA TYR A 139 -4.64 -22.49 22.44
C TYR A 139 -5.44 -23.79 22.35
N ARG A 140 -6.24 -24.06 23.39
CA ARG A 140 -6.82 -22.97 24.18
C ARG A 140 -6.15 -22.64 25.51
N THR A 141 -5.42 -21.53 25.49
CA THR A 141 -4.89 -20.84 26.65
C THR A 141 -5.19 -19.37 26.43
N LEU A 142 -4.66 -18.85 25.33
CA LEU A 142 -4.60 -17.42 25.03
C LEU A 142 -5.92 -16.67 25.18
N GLY A 143 -7.03 -17.38 25.12
CA GLY A 143 -8.33 -16.76 25.29
C GLY A 143 -8.66 -16.44 26.74
N ASP A 144 -7.84 -16.90 27.67
CA ASP A 144 -8.12 -16.73 29.10
C ASP A 144 -7.58 -15.47 29.80
N MET A 145 -7.12 -14.49 29.02
CA MET A 145 -6.68 -13.21 29.59
C MET A 145 -5.44 -13.28 30.49
N SER A 146 -4.28 -13.28 29.84
CA SER A 146 -2.98 -13.49 30.49
C SER A 146 -2.74 -12.66 31.75
N HIS A 147 -2.01 -13.28 32.68
CA HIS A 147 -1.55 -12.66 33.92
C HIS A 147 -0.94 -11.30 33.63
N PRO A 148 -1.31 -10.27 34.42
CA PRO A 148 -0.88 -8.88 34.20
C PRO A 148 0.64 -8.70 34.17
N GLN A 149 1.40 -9.59 34.80
CA GLN A 149 2.86 -9.52 34.74
C GLN A 149 3.39 -10.24 33.53
N GLY A 150 2.50 -10.88 32.78
CA GLY A 150 2.88 -11.75 31.68
C GLY A 150 2.68 -13.19 32.09
N ILE A 151 2.62 -14.10 31.12
CA ILE A 151 2.42 -15.51 31.41
C ILE A 151 3.57 -16.08 32.23
N TYR A 152 3.25 -16.88 33.25
CA TYR A 152 4.25 -17.35 34.21
C TYR A 152 5.41 -18.12 33.57
N GLU A 153 5.08 -19.05 32.68
CA GLU A 153 6.11 -19.89 32.07
C GLU A 153 7.05 -19.09 31.17
N VAL A 154 6.52 -18.02 30.56
CA VAL A 154 7.32 -17.12 29.74
C VAL A 154 8.32 -16.38 30.64
N ARG A 155 7.82 -15.83 31.75
CA ARG A 155 8.66 -15.16 32.72
C ARG A 155 9.70 -16.10 33.31
N ALA A 156 9.37 -17.38 33.40
CA ALA A 156 10.30 -18.41 33.88
C ALA A 156 11.42 -18.63 32.87
N ALA A 157 11.04 -18.78 31.60
CA ALA A 157 12.01 -18.92 30.52
C ALA A 157 12.99 -17.75 30.50
N ILE A 158 12.45 -16.53 30.54
CA ILE A 158 13.29 -15.34 30.59
C ILE A 158 14.15 -15.32 31.86
N THR A 159 13.62 -15.83 32.97
CA THR A 159 14.35 -15.90 34.23
C THR A 159 15.61 -16.75 34.09
N ARG A 160 15.44 -17.98 33.60
CA ARG A 160 16.58 -18.86 33.36
C ARG A 160 17.56 -18.21 32.37
N LEU A 161 17.00 -17.66 31.29
CA LEU A 161 17.81 -17.04 30.24
C LEU A 161 18.74 -15.96 30.80
N ILE A 162 18.19 -15.01 31.53
CA ILE A 162 19.01 -13.93 32.07
C ILE A 162 19.84 -14.36 33.27
N SER A 163 19.48 -15.49 33.88
CA SER A 163 20.36 -16.08 34.88
C SER A 163 21.66 -16.54 34.22
N LEU A 164 21.54 -17.21 33.08
CA LEU A 164 22.71 -17.69 32.36
C LEU A 164 23.49 -16.56 31.68
N THR A 165 22.78 -15.71 30.95
CA THR A 165 23.40 -14.63 30.19
C THR A 165 23.83 -13.41 31.00
N ARG A 166 22.93 -12.89 31.84
CA ARG A 166 23.24 -11.67 32.59
C ARG A 166 23.69 -11.90 34.04
N GLY A 167 23.66 -13.17 34.48
CA GLY A 167 23.96 -13.48 35.87
C GLY A 167 22.91 -12.95 36.83
N VAL A 168 21.78 -12.51 36.29
CA VAL A 168 20.70 -11.95 37.09
C VAL A 168 19.95 -13.04 37.85
N LYS A 169 19.84 -12.89 39.17
CA LYS A 169 19.06 -13.82 39.98
C LYS A 169 17.73 -13.21 40.39
N CYS A 170 16.65 -13.90 40.06
CA CYS A 170 15.31 -13.52 40.48
C CYS A 170 14.39 -14.72 40.41
N ARG A 171 13.14 -14.52 40.83
CA ARG A 171 12.10 -15.52 40.66
C ARG A 171 11.09 -14.93 39.70
N PRO A 172 10.41 -15.79 38.92
CA PRO A 172 9.46 -15.34 37.90
C PRO A 172 8.39 -14.37 38.43
N GLU A 173 8.07 -14.46 39.72
CA GLU A 173 7.10 -13.56 40.33
C GLU A 173 7.58 -12.12 40.42
N GLN A 174 8.89 -11.90 40.25
CA GLN A 174 9.47 -10.57 40.30
C GLN A 174 9.47 -9.87 38.94
N MET A 175 9.19 -10.62 37.89
CA MET A 175 9.32 -10.09 36.53
C MET A 175 8.03 -9.48 36.00
N ILE A 176 8.16 -8.33 35.33
CA ILE A 176 7.03 -7.72 34.64
C ILE A 176 7.32 -7.41 33.17
N ILE A 177 6.60 -8.11 32.29
CA ILE A 177 6.56 -7.82 30.86
C ILE A 177 5.43 -6.79 30.74
N GLY A 178 5.52 -5.80 29.85
CA GLY A 178 6.47 -5.75 28.74
C GLY A 178 6.03 -4.72 27.71
N ALA A 179 6.38 -4.97 26.45
CA ALA A 179 6.04 -4.09 25.32
C ALA A 179 6.73 -2.74 25.37
N GLY A 180 8.03 -2.76 25.60
CA GLY A 180 8.83 -1.56 25.62
C GLY A 180 9.25 -1.16 27.02
N THR A 181 10.36 -0.44 27.13
CA THR A 181 10.87 -0.03 28.43
C THR A 181 10.18 1.24 28.91
N GLN A 182 9.41 1.87 28.03
CA GLN A 182 8.72 3.13 28.32
C GLN A 182 7.53 2.91 29.26
N VAL A 183 6.70 1.93 28.93
CA VAL A 183 5.55 1.57 29.77
C VAL A 183 6.03 1.04 31.12
N LEU A 184 7.12 0.27 31.11
CA LEU A 184 7.70 -0.28 32.31
C LEU A 184 8.28 0.81 33.20
N MET A 185 8.92 1.80 32.57
CA MET A 185 9.46 2.94 33.31
C MET A 185 8.35 3.78 33.91
N GLN A 186 7.28 4.00 33.16
CA GLN A 186 6.10 4.70 33.68
C GLN A 186 5.56 3.99 34.91
N LEU A 187 5.28 2.70 34.76
CA LEU A 187 4.82 1.85 35.86
C LEU A 187 5.76 1.93 37.06
N LEU A 188 7.06 1.95 36.78
CA LEU A 188 8.09 2.00 37.81
C LEU A 188 8.03 3.30 38.58
N THR A 189 7.88 4.41 37.86
CA THR A 189 7.74 5.71 38.49
C THR A 189 6.47 5.76 39.33
N GLU A 190 5.48 4.95 38.95
CA GLU A 190 4.28 4.84 39.78
C GLU A 190 4.45 3.90 40.98
N LEU A 191 5.41 2.98 40.90
CA LEU A 191 5.73 2.11 42.04
C LEU A 191 6.62 2.80 43.06
N LEU A 192 7.64 3.50 42.57
CA LEU A 192 8.55 4.25 43.42
C LEU A 192 7.81 5.41 44.08
N PRO A 193 8.30 5.88 45.24
CA PRO A 193 7.68 7.01 45.94
C PRO A 193 7.49 8.22 45.02
N LYS A 194 6.34 8.87 45.16
CA LYS A 194 5.95 9.97 44.29
C LYS A 194 6.92 11.15 44.35
N GLU A 195 7.57 11.32 45.50
CA GLU A 195 8.48 12.45 45.70
C GLU A 195 9.93 12.09 45.40
N ALA A 196 10.16 10.89 44.89
CA ALA A 196 11.50 10.38 44.62
C ALA A 196 12.33 11.33 43.75
N VAL A 197 13.60 11.50 44.13
CA VAL A 197 14.52 12.33 43.36
C VAL A 197 15.35 11.44 42.42
N TYR A 198 15.25 11.72 41.13
CA TYR A 198 15.91 10.90 40.12
C TYR A 198 17.23 11.52 39.67
N ALA A 199 18.20 10.67 39.36
CA ALA A 199 19.48 11.12 38.82
C ALA A 199 19.82 10.34 37.55
N MET A 200 20.10 11.05 36.46
CA MET A 200 20.47 10.40 35.21
C MET A 200 21.86 10.78 34.73
N GLU A 201 22.48 9.89 33.96
CA GLU A 201 23.78 10.16 33.37
C GLU A 201 23.68 11.30 32.35
N GLU A 202 24.61 12.25 32.47
CA GLU A 202 24.68 13.39 31.56
C GLU A 202 26.01 13.32 30.81
N PRO A 203 25.98 13.05 29.50
CA PRO A 203 24.82 12.81 28.62
C PRO A 203 24.18 11.45 28.86
N GLY A 204 22.97 11.26 28.37
CA GLY A 204 22.25 10.03 28.62
C GLY A 204 21.08 9.84 27.68
N TYR A 205 20.20 8.90 28.01
CA TYR A 205 19.06 8.60 27.17
C TYR A 205 18.06 9.72 27.44
N ARG A 206 17.77 10.52 26.43
CA ARG A 206 16.99 11.73 26.66
C ARG A 206 15.49 11.45 26.72
N ARG A 207 15.06 10.31 26.19
CA ARG A 207 13.66 9.94 26.23
C ARG A 207 13.20 9.69 27.65
N MET A 208 14.01 8.97 28.42
CA MET A 208 13.73 8.73 29.83
C MET A 208 13.70 10.04 30.60
N TYR A 209 14.61 10.94 30.24
CA TYR A 209 14.66 12.26 30.87
C TYR A 209 13.35 12.98 30.62
N GLN A 210 12.88 12.96 29.38
CA GLN A 210 11.62 13.61 29.02
C GLN A 210 10.42 12.97 29.70
N LEU A 211 10.43 11.64 29.84
CA LEU A 211 9.35 10.93 30.52
C LEU A 211 9.31 11.33 31.99
N LEU A 212 10.48 11.36 32.62
CA LEU A 212 10.60 11.75 34.02
C LEU A 212 10.14 13.19 34.26
N LYS A 213 10.67 14.11 33.46
CA LYS A 213 10.30 15.52 33.57
C LYS A 213 8.82 15.75 33.29
N ASN A 214 8.25 14.97 32.38
CA ASN A 214 6.83 15.05 32.07
C ASN A 214 5.97 14.63 33.25
N ALA A 215 6.50 13.70 34.06
CA ALA A 215 5.79 13.18 35.21
C ALA A 215 5.94 14.10 36.42
N GLY A 216 6.70 15.18 36.25
CA GLY A 216 6.92 16.14 37.32
C GLY A 216 7.85 15.66 38.39
N LYS A 217 8.75 14.74 38.02
CA LYS A 217 9.76 14.23 38.95
C LYS A 217 10.95 15.17 38.98
N GLN A 218 11.58 15.30 40.14
CA GLN A 218 12.85 16.01 40.20
C GLN A 218 13.91 15.12 39.59
N VAL A 219 14.61 15.64 38.58
CA VAL A 219 15.65 14.87 37.91
C VAL A 219 16.97 15.62 37.91
N LYS A 220 17.98 15.01 38.53
CA LYS A 220 19.32 15.62 38.57
C LYS A 220 20.24 14.95 37.54
N THR A 221 21.11 15.75 36.93
CA THR A 221 21.99 15.23 35.89
C THR A 221 23.36 14.92 36.47
N ILE A 222 23.78 13.67 36.37
CA ILE A 222 25.08 13.27 36.91
C ILE A 222 26.19 13.32 35.86
N MET A 223 27.22 14.10 36.15
CA MET A 223 28.40 14.21 35.29
C MET A 223 29.06 12.85 35.13
N LEU A 224 29.72 12.64 33.99
CA LEU A 224 30.41 11.39 33.71
C LEU A 224 31.92 11.54 33.85
N ASP A 225 32.60 10.47 34.28
CA ASP A 225 34.06 10.44 34.25
C ASP A 225 34.58 9.20 33.52
N GLU A 226 35.89 8.99 33.59
CA GLU A 226 36.55 7.86 32.94
C GLU A 226 35.90 6.52 33.27
N LYS A 227 35.38 6.42 34.49
CA LYS A 227 34.74 5.20 34.99
C LYS A 227 33.23 5.18 34.80
N GLY A 228 32.69 6.16 34.08
CA GLY A 228 31.25 6.26 33.93
C GLY A 228 30.61 7.14 34.98
N MET A 229 29.38 6.82 35.36
CA MET A 229 28.59 7.67 36.25
C MET A 229 29.34 8.00 37.54
N SER A 230 29.42 9.29 37.84
CA SER A 230 30.20 9.77 38.98
C SER A 230 29.53 9.48 40.32
N ILE A 231 30.25 8.80 41.21
CA ILE A 231 29.78 8.56 42.57
C ILE A 231 29.90 9.84 43.38
N ALA A 232 30.86 10.69 43.00
CA ALA A 232 31.08 11.95 43.68
C ALA A 232 29.91 12.91 43.52
N GLU A 233 29.46 13.08 42.28
CA GLU A 233 28.29 13.93 42.01
C GLU A 233 27.02 13.36 42.64
N ILE A 234 26.81 12.06 42.49
CA ILE A 234 25.70 11.36 43.14
C ILE A 234 25.72 11.62 44.66
N THR A 235 26.92 11.68 45.23
CA THR A 235 27.06 12.00 46.65
C THR A 235 26.69 13.47 46.92
N ARG A 236 27.07 14.36 46.02
CA ARG A 236 26.78 15.79 46.17
C ARG A 236 25.29 16.12 46.12
N GLN A 237 24.59 15.67 45.08
CA GLN A 237 23.19 16.07 44.90
C GLN A 237 22.13 15.16 45.54
N GLN A 238 22.57 14.13 46.24
CA GLN A 238 21.70 13.26 47.04
C GLN A 238 20.36 12.82 46.42
N PRO A 239 20.41 12.07 45.31
CA PRO A 239 19.18 11.54 44.70
C PRO A 239 18.67 10.31 45.43
N ASP A 240 17.38 10.01 45.27
CA ASP A 240 16.81 8.79 45.82
C ASP A 240 17.04 7.58 44.91
N VAL A 241 17.04 7.82 43.59
CA VAL A 241 17.14 6.75 42.61
C VAL A 241 18.02 7.12 41.41
N LEU A 242 18.91 6.20 41.03
CA LEU A 242 19.80 6.40 39.89
C LEU A 242 19.24 5.69 38.66
N VAL A 243 19.47 6.25 37.49
CA VAL A 243 19.19 5.57 36.22
C VAL A 243 20.53 5.39 35.51
N THR A 244 20.96 4.15 35.31
CA THR A 244 22.31 3.92 34.81
C THR A 244 22.38 2.91 33.65
N THR A 245 23.40 3.05 32.82
CA THR A 245 23.67 2.09 31.75
C THR A 245 25.07 1.52 31.90
N PRO A 246 25.24 0.56 32.84
CA PRO A 246 26.54 0.05 33.28
C PRO A 246 27.34 -0.73 32.22
N SER A 247 26.68 -1.59 31.45
CA SER A 247 27.38 -2.45 30.49
C SER A 247 27.95 -1.68 29.30
N HIS A 248 27.11 -0.94 28.60
CA HIS A 248 27.55 0.00 27.58
C HIS A 248 26.79 1.30 27.81
N GLN A 249 27.51 2.34 28.21
CA GLN A 249 26.85 3.60 28.56
C GLN A 249 26.34 4.36 27.34
N PHE A 250 25.08 4.75 27.39
CA PHE A 250 24.47 5.52 26.32
C PHE A 250 24.41 7.00 26.70
N PRO A 251 24.85 7.88 25.78
CA PRO A 251 25.50 7.66 24.49
C PRO A 251 26.98 7.24 24.52
N SER A 252 27.76 7.76 25.47
CA SER A 252 29.22 7.82 25.35
C SER A 252 29.96 6.50 25.14
N GLY A 253 29.35 5.37 25.50
CA GLY A 253 29.95 4.07 25.21
C GLY A 253 30.89 3.51 26.26
N THR A 254 31.08 4.25 27.34
CA THR A 254 31.97 3.79 28.42
C THR A 254 31.38 2.57 29.14
N ILE A 255 32.20 1.55 29.35
CA ILE A 255 31.80 0.43 30.19
C ILE A 255 32.18 0.73 31.64
N MET A 256 31.22 0.58 32.55
CA MET A 256 31.48 0.87 33.96
C MET A 256 32.30 -0.23 34.61
N PRO A 257 33.51 0.11 35.11
CA PRO A 257 34.38 -0.86 35.77
C PRO A 257 33.75 -1.39 37.04
N VAL A 258 34.16 -2.58 37.48
CA VAL A 258 33.56 -3.23 38.65
C VAL A 258 33.67 -2.37 39.92
N SER A 259 34.72 -1.56 40.02
CA SER A 259 34.92 -0.69 41.18
C SER A 259 33.84 0.36 41.33
N ARG A 260 33.50 1.04 40.24
CA ARG A 260 32.43 2.04 40.24
C ARG A 260 31.09 1.37 40.56
N ARG A 261 30.96 0.13 40.12
CA ARG A 261 29.77 -0.66 40.41
C ARG A 261 29.66 -0.93 41.92
N ILE A 262 30.78 -1.28 42.53
CA ILE A 262 30.82 -1.48 43.98
C ILE A 262 30.43 -0.19 44.67
N GLN A 263 31.00 0.93 44.21
CA GLN A 263 30.69 2.24 44.77
C GLN A 263 29.19 2.54 44.73
N LEU A 264 28.57 2.36 43.56
CA LEU A 264 27.15 2.60 43.41
C LEU A 264 26.29 1.67 44.26
N LEU A 265 26.62 0.39 44.28
CA LEU A 265 25.86 -0.58 45.08
C LEU A 265 25.93 -0.27 46.57
N ASN A 266 27.14 0.02 47.05
CA ASN A 266 27.33 0.45 48.43
C ASN A 266 26.52 1.71 48.74
N TRP A 267 26.54 2.67 47.82
CA TRP A 267 25.74 3.87 47.98
C TRP A 267 24.27 3.52 48.15
N ALA A 268 23.82 2.55 47.35
CA ALA A 268 22.43 2.08 47.43
C ALA A 268 22.14 1.45 48.78
N ALA A 269 23.14 0.76 49.35
CA ALA A 269 22.94 0.04 50.61
C ALA A 269 23.15 0.89 51.87
N GLU A 270 23.74 2.08 51.72
CA GLU A 270 24.12 2.89 52.88
C GLU A 270 22.97 3.65 53.55
N GLU A 271 21.87 3.85 52.81
CA GLU A 271 20.67 4.48 53.36
C GLU A 271 19.43 3.72 52.87
N PRO A 272 18.32 3.81 53.62
CA PRO A 272 17.10 3.11 53.17
C PRO A 272 16.41 3.84 52.01
N ARG A 273 15.62 3.10 51.25
CA ARG A 273 14.86 3.67 50.13
C ARG A 273 15.72 4.29 49.03
N ARG A 274 16.90 3.72 48.79
CA ARG A 274 17.72 4.10 47.65
C ARG A 274 17.63 3.01 46.57
N TYR A 275 17.54 3.44 45.31
CA TYR A 275 17.32 2.50 44.22
C TYR A 275 18.23 2.75 43.02
N ILE A 276 18.53 1.68 42.29
CA ILE A 276 19.27 1.77 41.05
C ILE A 276 18.52 1.07 39.93
N ILE A 277 18.09 1.84 38.94
CA ILE A 277 17.48 1.30 37.74
C ILE A 277 18.59 1.03 36.73
N GLU A 278 18.76 -0.23 36.38
CA GLU A 278 19.78 -0.62 35.43
C GLU A 278 19.15 -0.83 34.06
N ASP A 279 19.46 0.07 33.12
CA ASP A 279 18.93 -0.03 31.78
C ASP A 279 19.91 -0.85 30.96
N ASP A 280 19.49 -2.06 30.61
CA ASP A 280 20.35 -3.00 29.89
C ASP A 280 19.75 -3.24 28.51
N TYR A 281 20.44 -2.76 27.48
CA TYR A 281 19.92 -2.80 26.12
C TYR A 281 20.76 -3.63 25.14
N ASP A 282 22.00 -3.20 24.91
CA ASP A 282 22.87 -3.86 23.92
C ASP A 282 23.86 -4.89 24.50
N SER A 283 23.78 -5.18 25.80
CA SER A 283 24.80 -5.95 26.50
C SER A 283 25.20 -7.27 25.85
N GLU A 284 24.27 -7.89 25.11
CA GLU A 284 24.54 -9.18 24.49
C GLU A 284 25.49 -9.11 23.30
N PHE A 285 25.89 -7.91 22.92
CA PHE A 285 26.93 -7.78 21.91
C PHE A 285 28.21 -7.20 22.50
N THR A 286 29.20 -8.08 22.68
CA THR A 286 30.53 -7.72 23.13
C THR A 286 31.53 -8.46 22.25
N TYR A 287 32.30 -7.70 21.48
CA TYR A 287 33.13 -8.27 20.43
C TYR A 287 34.49 -8.77 20.92
N ASP A 288 35.13 -8.03 21.82
CA ASP A 288 36.39 -8.46 22.41
C ASP A 288 36.22 -9.58 23.42
N VAL A 289 35.24 -9.40 24.31
CA VAL A 289 35.08 -10.27 25.47
C VAL A 289 33.69 -10.89 25.55
N ASP A 290 33.47 -11.71 26.58
CA ASP A 290 32.15 -12.23 26.88
C ASP A 290 31.29 -11.10 27.42
N SER A 291 29.97 -11.26 27.38
CA SER A 291 29.08 -10.25 27.94
C SER A 291 29.30 -10.12 29.44
N ILE A 292 29.57 -8.89 29.88
CA ILE A 292 29.82 -8.59 31.29
C ILE A 292 28.54 -8.81 32.11
N PRO A 293 28.66 -9.53 33.24
CA PRO A 293 27.51 -9.79 34.12
C PRO A 293 26.83 -8.50 34.54
N ALA A 294 25.50 -8.52 34.67
CA ALA A 294 24.73 -7.32 35.00
C ALA A 294 25.07 -6.75 36.38
N LEU A 295 24.92 -5.44 36.53
CA LEU A 295 25.18 -4.75 37.80
C LEU A 295 24.38 -5.37 38.95
N GLN A 296 23.12 -5.71 38.67
CA GLN A 296 22.24 -6.27 39.69
C GLN A 296 22.74 -7.63 40.17
N SER A 297 23.59 -8.28 39.38
CA SER A 297 24.14 -9.57 39.76
C SER A 297 25.17 -9.42 40.88
N LEU A 298 25.69 -8.21 41.07
CA LEU A 298 26.62 -7.97 42.16
C LEU A 298 25.92 -7.42 43.41
N ASP A 299 24.62 -7.21 43.30
CA ASP A 299 23.85 -6.64 44.40
C ASP A 299 23.39 -7.72 45.39
N ARG A 300 23.84 -7.59 46.64
CA ARG A 300 23.39 -8.48 47.69
C ARG A 300 22.19 -7.89 48.43
N PHE A 301 21.91 -6.62 48.17
CA PHE A 301 20.90 -5.87 48.92
C PHE A 301 19.52 -5.62 48.31
N GLN A 302 19.27 -6.15 47.12
CA GLN A 302 17.98 -5.99 46.44
C GLN A 302 17.60 -4.52 46.22
N ASN A 303 18.58 -3.67 45.94
CA ASN A 303 18.31 -2.26 45.65
C ASN A 303 18.27 -1.94 44.15
N VAL A 304 18.54 -2.94 43.31
CA VAL A 304 18.63 -2.71 41.87
C VAL A 304 17.43 -3.26 41.09
N ILE A 305 16.78 -2.38 40.34
CA ILE A 305 15.73 -2.79 39.41
C ILE A 305 16.39 -3.08 38.07
N TYR A 306 16.17 -4.28 37.52
CA TYR A 306 16.82 -4.63 36.26
C TYR A 306 15.90 -4.47 35.06
N MET A 307 16.25 -3.57 34.14
CA MET A 307 15.42 -3.38 32.95
C MET A 307 16.04 -4.06 31.74
N GLY A 308 15.44 -5.17 31.32
CA GLY A 308 15.90 -5.88 30.13
C GLY A 308 15.03 -5.62 28.91
N THR A 309 15.61 -5.85 27.72
CA THR A 309 14.86 -5.73 26.48
C THR A 309 15.43 -6.60 25.35
N PHE A 310 14.55 -7.08 24.48
CA PHE A 310 14.98 -7.85 23.30
C PHE A 310 15.02 -6.96 22.06
N SER A 311 14.67 -5.69 22.22
CA SER A 311 14.47 -4.78 21.09
C SER A 311 15.72 -4.52 20.25
N LYS A 312 16.86 -4.99 20.74
CA LYS A 312 18.10 -4.95 19.97
C LYS A 312 18.20 -6.18 19.07
N SER A 313 18.32 -7.34 19.71
CA SER A 313 18.53 -8.61 19.03
C SER A 313 17.39 -9.07 18.13
N LEU A 314 16.19 -9.11 18.68
CA LEU A 314 15.04 -9.66 17.98
C LEU A 314 14.50 -8.69 16.93
N LEU A 315 13.32 -9.00 16.40
CA LEU A 315 12.68 -8.19 15.37
C LEU A 315 12.60 -6.72 15.75
N PRO A 316 12.73 -5.84 14.73
CA PRO A 316 12.52 -4.39 14.87
C PRO A 316 11.07 -4.10 15.23
N GLY A 317 10.16 -4.88 14.65
CA GLY A 317 8.75 -4.73 14.95
C GLY A 317 8.43 -5.12 16.38
N LEU A 318 8.99 -6.24 16.82
CA LEU A 318 8.71 -6.78 18.14
C LEU A 318 9.07 -5.81 19.27
N ARG A 319 8.09 -5.53 20.13
CA ARG A 319 8.35 -4.75 21.32
C ARG A 319 8.13 -5.66 22.52
N ILE A 320 9.23 -6.11 23.12
CA ILE A 320 9.15 -6.86 24.38
C ILE A 320 10.28 -6.43 25.29
N SER A 321 9.92 -5.97 26.48
CA SER A 321 10.90 -5.65 27.50
C SER A 321 10.43 -6.30 28.78
N TYR A 322 11.29 -6.34 29.79
CA TYR A 322 10.90 -6.89 31.07
C TYR A 322 11.64 -6.14 32.16
N MET A 323 11.15 -6.26 33.39
CA MET A 323 11.88 -5.69 34.52
C MET A 323 11.84 -6.58 35.75
N VAL A 324 12.95 -6.59 36.48
CA VAL A 324 13.08 -7.33 37.71
C VAL A 324 13.02 -6.35 38.88
N LEU A 325 11.94 -6.47 39.65
CA LEU A 325 11.68 -5.63 40.80
C LEU A 325 12.19 -6.23 42.10
N PRO A 326 12.75 -5.39 42.99
CA PRO A 326 12.88 -5.75 44.41
C PRO A 326 11.51 -6.04 44.99
N PRO A 327 11.44 -6.94 46.00
CA PRO A 327 10.15 -7.44 46.54
C PRO A 327 9.21 -6.36 47.09
N GLU A 328 9.77 -5.26 47.60
CA GLU A 328 8.92 -4.18 48.12
C GLU A 328 8.14 -3.52 46.99
N LEU A 329 8.83 -3.23 45.90
CA LEU A 329 8.21 -2.67 44.71
C LEU A 329 7.21 -3.66 44.12
N LEU A 330 7.51 -4.95 44.26
CA LEU A 330 6.58 -6.00 43.84
C LEU A 330 5.29 -5.88 44.64
N ARG A 331 5.43 -5.71 45.95
CA ARG A 331 4.27 -5.53 46.84
C ARG A 331 3.44 -4.33 46.42
N ALA A 332 4.12 -3.19 46.25
CA ALA A 332 3.48 -1.96 45.79
C ALA A 332 2.71 -2.19 44.48
N TYR A 333 3.32 -2.93 43.56
CA TYR A 333 2.69 -3.26 42.29
C TYR A 333 1.45 -4.13 42.48
N LYS A 334 1.52 -5.04 43.43
CA LYS A 334 0.41 -5.96 43.68
C LYS A 334 -0.74 -5.28 44.42
N GLN A 335 -0.46 -4.12 45.03
CA GLN A 335 -1.53 -3.34 45.66
C GLN A 335 -2.47 -2.70 44.63
N ARG A 336 -1.95 -2.46 43.42
CA ARG A 336 -2.69 -1.73 42.39
C ARG A 336 -3.92 -2.47 41.89
N GLY A 337 -3.72 -3.67 41.34
CA GLY A 337 -4.82 -4.50 40.88
C GLY A 337 -5.51 -4.09 39.59
N TYR A 338 -5.22 -2.90 39.08
CA TYR A 338 -5.88 -2.44 37.85
C TYR A 338 -5.10 -2.63 36.54
N ASP A 339 -3.88 -3.16 36.61
CA ASP A 339 -3.04 -3.29 35.43
C ASP A 339 -3.40 -4.43 34.48
N LEU A 340 -3.22 -4.20 33.19
CA LEU A 340 -3.39 -5.24 32.18
C LEU A 340 -2.10 -5.42 31.39
N GLN A 341 -1.79 -6.67 31.02
CA GLN A 341 -0.59 -6.97 30.25
C GLN A 341 -0.59 -6.34 28.87
N THR A 342 0.50 -5.67 28.51
CA THR A 342 0.60 -4.95 27.24
C THR A 342 1.14 -5.79 26.08
N CYS A 343 1.66 -6.98 26.39
CA CYS A 343 2.19 -7.86 25.35
C CYS A 343 1.21 -8.94 24.96
N SER A 344 1.13 -9.23 23.66
CA SER A 344 0.28 -10.30 23.15
C SER A 344 0.72 -11.66 23.72
N SER A 345 -0.25 -12.50 24.05
CA SER A 345 0.03 -13.82 24.60
C SER A 345 0.79 -14.70 23.61
N LEU A 346 0.40 -14.62 22.34
CA LEU A 346 1.03 -15.42 21.29
C LEU A 346 2.48 -15.00 21.09
N THR A 347 2.74 -13.71 21.18
CA THR A 347 4.09 -13.19 21.04
C THR A 347 4.96 -13.68 22.20
N GLN A 348 4.40 -13.69 23.40
CA GLN A 348 5.09 -14.19 24.58
C GLN A 348 5.42 -15.68 24.45
N LEU A 349 4.41 -16.48 24.11
CA LEU A 349 4.60 -17.92 23.93
C LEU A 349 5.62 -18.22 22.83
N THR A 350 5.57 -17.43 21.76
CA THR A 350 6.55 -17.55 20.67
C THR A 350 7.95 -17.21 21.17
N LEU A 351 8.04 -16.21 22.04
CA LEU A 351 9.32 -15.84 22.64
C LEU A 351 9.86 -16.98 23.48
N GLN A 352 9.01 -17.58 24.30
CA GLN A 352 9.37 -18.72 25.12
C GLN A 352 9.87 -19.88 24.26
N GLU A 353 9.12 -20.21 23.21
CA GLU A 353 9.53 -21.26 22.29
C GLU A 353 10.86 -20.94 21.62
N PHE A 354 11.06 -19.66 21.34
CA PHE A 354 12.26 -19.20 20.64
C PHE A 354 13.49 -19.34 21.53
N ILE A 355 13.31 -19.06 22.82
CA ILE A 355 14.38 -19.20 23.79
C ILE A 355 14.68 -20.66 24.10
N GLU A 356 13.63 -21.43 24.38
CA GLU A 356 13.78 -22.81 24.84
C GLU A 356 14.12 -23.79 23.73
N SER A 357 14.02 -23.36 22.48
CA SER A 357 14.45 -24.20 21.36
C SER A 357 15.90 -23.89 21.01
N GLY A 358 16.49 -22.95 21.74
CA GLY A 358 17.89 -22.59 21.53
C GLY A 358 18.12 -21.70 20.34
N GLU A 359 17.07 -21.43 19.58
CA GLU A 359 17.16 -20.59 18.38
C GLU A 359 17.56 -19.15 18.71
N TYR A 360 17.15 -18.67 19.88
CA TYR A 360 17.45 -17.30 20.29
C TYR A 360 18.95 -17.06 20.43
N GLN A 361 19.62 -17.84 21.27
CA GLN A 361 21.05 -17.66 21.51
C GLN A 361 21.88 -17.92 20.24
N LYS A 362 21.39 -18.83 19.41
CA LYS A 362 21.94 -19.09 18.09
C LYS A 362 21.94 -17.78 17.27
N HIS A 363 20.77 -17.16 17.19
CA HIS A 363 20.61 -15.88 16.52
C HIS A 363 21.54 -14.82 17.12
N ILE A 364 21.64 -14.81 18.44
CA ILE A 364 22.50 -13.87 19.15
C ILE A 364 23.94 -14.01 18.68
N LYS A 365 24.40 -15.26 18.54
CA LYS A 365 25.77 -15.49 18.12
C LYS A 365 25.99 -15.06 16.67
N LYS A 366 25.07 -15.44 15.78
CA LYS A 366 25.20 -15.05 14.37
C LYS A 366 25.23 -13.53 14.18
N MET A 367 24.32 -12.84 14.87
CA MET A 367 24.28 -11.39 14.82
C MET A 367 25.50 -10.77 15.48
N LYS A 368 26.05 -11.44 16.51
CA LYS A 368 27.24 -10.94 17.18
C LYS A 368 28.43 -10.97 16.21
N GLN A 369 28.55 -12.06 15.46
CA GLN A 369 29.60 -12.13 14.44
C GLN A 369 29.40 -11.08 13.34
N HIS A 370 28.17 -11.03 12.81
CA HIS A 370 27.83 -10.07 11.77
C HIS A 370 28.17 -8.62 12.16
N TYR A 371 27.79 -8.26 13.39
CA TYR A 371 28.05 -6.93 13.91
C TYR A 371 29.54 -6.70 14.19
N LYS A 372 30.22 -7.74 14.68
CA LYS A 372 31.65 -7.66 14.96
C LYS A 372 32.39 -7.29 13.67
N GLU A 373 32.11 -8.06 12.62
CA GLU A 373 32.70 -7.82 11.31
C GLU A 373 32.32 -6.46 10.75
N LYS A 374 31.03 -6.16 10.69
CA LYS A 374 30.55 -4.90 10.13
C LYS A 374 31.15 -3.67 10.83
N ARG A 375 31.26 -3.76 12.15
CA ARG A 375 31.86 -2.68 12.93
C ARG A 375 33.34 -2.56 12.63
N GLU A 376 34.03 -3.70 12.56
CA GLU A 376 35.45 -3.73 12.22
C GLU A 376 35.71 -3.06 10.88
N ARG A 377 34.82 -3.33 9.92
CA ARG A 377 34.96 -2.83 8.56
C ARG A 377 34.57 -1.37 8.43
N LEU A 378 33.52 -0.96 9.13
CA LEU A 378 33.10 0.44 9.14
C LEU A 378 34.20 1.28 9.80
N ILE A 379 34.85 0.70 10.81
CA ILE A 379 35.99 1.34 11.46
C ILE A 379 37.19 1.43 10.53
N THR A 380 37.45 0.35 9.80
CA THR A 380 38.55 0.33 8.83
C THR A 380 38.35 1.40 7.75
N ALA A 381 37.13 1.46 7.22
CA ALA A 381 36.78 2.44 6.20
C ALA A 381 36.85 3.86 6.76
N LEU A 382 36.44 4.01 8.02
CA LEU A 382 36.51 5.28 8.73
C LEU A 382 37.96 5.76 8.85
N GLU A 383 38.85 4.85 9.22
CA GLU A 383 40.28 5.16 9.36
C GLU A 383 40.98 5.18 8.02
N ALA A 384 40.26 4.82 6.96
CA ALA A 384 40.78 4.91 5.61
C ALA A 384 40.49 6.29 5.03
N GLU A 385 39.20 6.59 4.89
CA GLU A 385 38.75 7.85 4.32
C GLU A 385 39.05 9.04 5.25
N PHE A 386 39.43 8.73 6.49
CA PHE A 386 40.01 9.71 7.40
C PHE A 386 41.36 9.17 7.87
N SER A 387 42.44 9.89 7.60
CA SER A 387 43.76 9.45 8.07
C SER A 387 43.94 9.22 9.58
N GLY A 388 43.59 10.20 10.44
CA GLY A 388 42.97 11.45 10.07
C GLY A 388 42.36 12.21 11.22
N GLU A 389 41.36 13.03 10.90
CA GLU A 389 40.70 13.87 11.87
C GLU A 389 39.60 13.09 12.60
N VAL A 390 39.50 11.80 12.29
CA VAL A 390 38.61 10.88 12.97
C VAL A 390 39.09 10.56 14.39
N THR A 391 38.20 10.65 15.36
CA THR A 391 38.49 10.20 16.72
C THR A 391 37.39 9.24 17.13
N VAL A 392 37.72 7.97 17.31
CA VAL A 392 36.70 6.99 17.69
C VAL A 392 36.63 6.82 19.21
N LYS A 393 35.41 6.87 19.74
CA LYS A 393 35.17 6.79 21.17
C LYS A 393 34.12 5.72 21.46
N GLY A 394 34.21 5.11 22.63
CA GLY A 394 33.32 4.03 23.01
C GLY A 394 34.04 2.70 22.98
N ALA A 395 33.54 1.75 23.76
CA ALA A 395 34.15 0.43 23.82
C ALA A 395 33.90 -0.34 22.53
N ASN A 396 34.41 -1.57 22.45
CA ASN A 396 34.10 -2.40 21.30
C ASN A 396 33.00 -3.34 21.79
N ALA A 397 31.77 -2.98 21.44
CA ALA A 397 30.56 -3.62 21.95
C ALA A 397 29.35 -2.81 21.48
N GLY A 398 28.16 -3.40 21.58
CA GLY A 398 26.95 -2.69 21.25
C GLY A 398 26.81 -2.32 19.79
N LEU A 399 25.75 -1.58 19.47
CA LEU A 399 25.42 -1.25 18.08
C LEU A 399 25.87 0.13 17.62
N HIS A 400 26.57 0.86 18.48
CA HIS A 400 26.97 2.23 18.14
C HIS A 400 28.30 2.65 18.75
N PHE A 401 28.92 3.68 18.19
CA PHE A 401 30.07 4.34 18.81
C PHE A 401 30.01 5.86 18.60
N VAL A 402 31.06 6.56 19.01
CA VAL A 402 31.08 8.02 18.91
C VAL A 402 32.26 8.49 18.05
N THR A 403 32.09 9.58 17.32
CA THR A 403 33.16 10.12 16.48
C THR A 403 33.37 11.62 16.69
N GLU A 404 34.54 11.98 17.19
CA GLU A 404 34.94 13.38 17.29
C GLU A 404 35.71 13.76 16.04
N PHE A 405 35.51 14.99 15.58
CA PHE A 405 36.17 15.44 14.36
C PHE A 405 36.96 16.72 14.58
N ASP A 406 38.03 16.88 13.80
CA ASP A 406 38.73 18.15 13.78
C ASP A 406 38.12 18.95 12.65
N THR A 407 37.35 19.98 13.01
CA THR A 407 36.70 20.81 12.00
C THR A 407 36.25 22.15 12.56
N ARG A 408 35.97 23.07 11.65
CA ARG A 408 35.44 24.39 11.96
C ARG A 408 33.96 24.31 12.31
N ARG A 409 33.18 23.82 11.36
CA ARG A 409 31.72 23.89 11.35
C ARG A 409 31.00 23.39 12.60
N THR A 410 29.87 24.04 12.90
CA THR A 410 29.01 23.65 14.01
C THR A 410 28.36 22.31 13.72
N GLU A 411 27.89 21.63 14.76
CA GLU A 411 27.26 20.32 14.62
C GLU A 411 25.98 20.43 13.79
N GLN A 412 25.25 21.52 14.00
CA GLN A 412 24.00 21.79 13.27
C GLN A 412 24.27 21.87 11.76
N ASP A 413 25.34 22.58 11.41
CA ASP A 413 25.79 22.68 10.03
C ASP A 413 25.97 21.28 9.41
N ILE A 414 26.89 20.51 9.98
CA ILE A 414 27.20 19.16 9.52
C ILE A 414 25.95 18.30 9.41
N LEU A 415 25.04 18.41 10.38
CA LEU A 415 23.78 17.68 10.32
C LEU A 415 22.92 18.07 9.11
N SER A 416 22.69 19.37 8.93
CA SER A 416 21.89 19.85 7.80
C SER A 416 22.50 19.43 6.45
N HIS A 417 23.80 19.65 6.33
CA HIS A 417 24.59 19.20 5.19
C HIS A 417 24.33 17.72 4.91
N ALA A 418 24.62 16.87 5.89
CA ALA A 418 24.36 15.44 5.81
C ALA A 418 22.95 15.11 5.33
N ALA A 419 21.97 15.86 5.83
CA ALA A 419 20.59 15.70 5.39
C ALA A 419 20.46 15.96 3.89
N GLY A 420 21.06 17.07 3.42
CA GLY A 420 21.08 17.37 2.00
C GLY A 420 21.96 16.41 1.23
N LEU A 421 22.72 15.59 1.96
CA LEU A 421 23.62 14.62 1.36
C LEU A 421 23.01 13.22 1.27
N GLN A 422 21.74 13.11 1.67
CA GLN A 422 21.05 11.81 1.75
C GLN A 422 21.55 10.97 2.92
N LEU A 423 22.48 11.52 3.69
CA LEU A 423 23.00 10.85 4.88
C LEU A 423 22.08 11.10 6.08
N GLU A 424 21.57 10.01 6.68
CA GLU A 424 20.86 10.12 7.95
C GLU A 424 21.82 9.91 9.10
N ILE A 425 22.00 10.95 9.92
CA ILE A 425 22.99 10.89 10.99
C ILE A 425 22.56 11.78 12.16
N PHE A 426 22.94 11.37 13.37
CA PHE A 426 22.52 12.10 14.57
C PHE A 426 23.70 12.68 15.34
N GLY A 427 23.48 13.82 15.98
CA GLY A 427 24.51 14.47 16.75
C GLY A 427 24.51 14.04 18.20
N MET A 428 25.60 14.35 18.91
CA MET A 428 25.71 14.03 20.32
C MET A 428 24.98 15.04 21.18
N SER A 429 24.71 16.20 20.60
CA SER A 429 23.99 17.27 21.28
C SER A 429 22.57 16.88 21.66
N ARG A 430 22.03 15.90 20.95
CA ARG A 430 20.67 15.42 21.20
C ARG A 430 20.55 14.72 22.56
N PHE A 431 21.59 13.97 22.93
CA PHE A 431 21.55 13.11 24.11
C PHE A 431 21.81 13.86 25.39
N ASN A 432 22.26 15.11 25.23
CA ASN A 432 22.47 15.99 26.34
C ASN A 432 21.11 16.44 26.91
N LEU A 433 20.97 16.53 28.24
CA LEU A 433 19.63 16.74 28.86
C LEU A 433 19.20 18.20 29.06
N LYS A 434 19.72 18.89 30.10
CA LYS A 434 19.67 20.36 30.16
C LYS A 434 21.05 20.88 30.55
N GLU A 435 21.91 21.43 29.66
CA GLU A 435 21.79 21.77 28.21
C GLU A 435 21.53 23.15 27.62
N ASN A 436 21.28 24.20 28.42
CA ASN A 436 21.89 25.50 28.14
C ASN A 436 21.99 25.83 26.65
N LYS A 437 23.20 26.14 26.19
CA LYS A 437 23.59 25.83 24.81
C LYS A 437 24.79 24.88 24.77
N ARG A 438 24.52 23.61 24.49
CA ARG A 438 25.52 22.62 24.06
C ARG A 438 26.91 22.60 24.75
N GLN A 439 27.91 22.46 23.89
CA GLN A 439 29.32 22.32 24.24
C GLN A 439 30.17 23.25 23.40
N THR A 440 29.98 23.13 22.08
CA THR A 440 30.95 23.47 21.03
C THR A 440 32.14 22.51 21.05
N GLY A 441 33.35 23.04 20.99
CA GLY A 441 34.51 22.18 20.86
C GLY A 441 34.60 21.53 19.48
N ARG A 442 34.68 20.21 19.46
CA ARG A 442 35.14 19.48 18.26
C ARG A 442 34.35 19.75 16.95
N PRO A 443 33.04 19.45 16.90
CA PRO A 443 32.10 18.70 17.75
C PRO A 443 32.01 17.24 17.30
N ALA A 444 31.12 16.45 17.92
CA ALA A 444 31.08 15.01 17.66
C ALA A 444 29.72 14.45 17.22
N LEU A 445 29.75 13.27 16.60
CA LEU A 445 28.56 12.57 16.14
C LEU A 445 28.42 11.21 16.82
N ILE A 446 27.20 10.68 16.83
CA ILE A 446 26.99 9.28 17.19
C ILE A 446 26.80 8.45 15.93
N ILE A 447 27.54 7.36 15.81
CA ILE A 447 27.42 6.50 14.65
C ILE A 447 26.79 5.18 15.07
N GLY A 448 25.55 4.97 14.67
CA GLY A 448 24.93 3.66 14.77
C GLY A 448 25.23 2.88 13.51
N PHE A 449 25.38 1.58 13.68
CA PHE A 449 25.52 0.65 12.57
C PHE A 449 24.54 -0.48 12.82
N ALA A 450 24.67 -1.56 12.05
CA ALA A 450 23.85 -2.77 12.19
C ALA A 450 22.47 -2.67 11.59
N ARG A 451 22.05 -1.45 11.29
CA ARG A 451 20.91 -1.21 10.40
C ARG A 451 21.49 -1.01 9.00
N LEU A 452 22.80 -0.84 8.95
CA LEU A 452 23.53 -0.43 7.75
C LEU A 452 23.78 -1.58 6.79
N LYS A 453 23.37 -1.42 5.53
CA LYS A 453 23.46 -2.50 4.55
C LYS A 453 24.89 -2.82 4.07
N GLU A 454 25.85 -2.01 4.51
CA GLU A 454 27.28 -2.31 4.33
C GLU A 454 27.81 -2.11 2.89
N GLU A 455 26.91 -2.01 1.92
CA GLU A 455 27.30 -1.62 0.57
C GLU A 455 27.41 -0.10 0.56
N ASP A 456 26.81 0.51 1.57
CA ASP A 456 26.83 1.96 1.75
C ASP A 456 28.03 2.45 2.53
N ILE A 457 28.74 1.53 3.20
CA ILE A 457 29.82 1.91 4.11
C ILE A 457 30.81 2.85 3.44
N GLN A 458 31.30 2.46 2.27
CA GLN A 458 32.18 3.32 1.50
C GLN A 458 31.51 4.66 1.17
N GLU A 459 30.35 4.59 0.52
CA GLU A 459 29.65 5.79 0.08
C GLU A 459 29.08 6.58 1.24
N GLY A 460 28.78 5.88 2.33
CA GLY A 460 28.27 6.54 3.53
C GLY A 460 29.34 7.35 4.23
N VAL A 461 30.49 6.74 4.47
CA VAL A 461 31.64 7.45 5.03
C VAL A 461 32.07 8.58 4.09
N GLN A 462 32.02 8.30 2.80
CA GLN A 462 32.38 9.28 1.77
C GLN A 462 31.42 10.47 1.78
N ARG A 463 30.17 10.22 2.17
CA ARG A 463 29.20 11.28 2.35
C ARG A 463 29.42 11.99 3.67
N LEU A 464 29.97 11.26 4.64
CA LEU A 464 30.31 11.84 5.94
C LEU A 464 31.55 12.70 5.77
N PHE A 465 32.19 12.55 4.61
CA PHE A 465 33.22 13.46 4.15
C PHE A 465 32.49 14.57 3.42
N LYS A 466 32.63 15.82 3.89
CA LYS A 466 32.05 16.98 3.20
C LYS A 466 30.53 16.99 3.02
N ALA A 467 29.75 17.20 4.09
CA ALA A 467 30.24 17.36 5.47
C ALA A 467 30.43 15.99 6.09
N VAL A 468 31.39 15.82 7.01
CA VAL A 468 32.22 16.88 7.58
C VAL A 468 33.23 17.44 6.56
N TYR A 469 33.54 18.72 6.70
CA TYR A 469 34.30 19.54 5.73
C TYR A 469 33.45 19.87 4.50
N ASP B 2 48.11 -17.39 46.99
CA ASP B 2 47.05 -17.72 46.04
C ASP B 2 46.59 -19.16 46.21
N ILE B 3 45.28 -19.37 46.15
CA ILE B 3 44.72 -20.72 46.17
C ILE B 3 44.75 -21.26 44.73
N THR B 4 44.21 -22.45 44.49
CA THR B 4 44.43 -23.14 43.23
C THR B 4 43.21 -23.17 42.33
N ILE B 5 43.46 -23.25 41.02
CA ILE B 5 42.40 -23.30 40.03
C ILE B 5 42.19 -24.74 39.56
N THR B 6 41.07 -25.33 39.97
CA THR B 6 40.71 -26.68 39.54
C THR B 6 39.60 -26.57 38.51
N LEU B 7 39.93 -26.86 37.26
CA LEU B 7 38.99 -26.64 36.16
C LEU B 7 38.59 -27.94 35.47
N ASP B 8 37.31 -28.08 35.17
CA ASP B 8 36.81 -29.24 34.45
C ASP B 8 37.20 -29.08 33.00
N ARG B 9 37.98 -30.05 32.49
CA ARG B 9 38.60 -29.92 31.17
C ARG B 9 37.68 -30.40 30.05
N SER B 10 36.60 -31.07 30.43
CA SER B 10 35.55 -31.42 29.48
C SER B 10 34.77 -30.15 29.14
N GLU B 11 34.96 -29.13 29.97
CA GLU B 11 34.18 -27.90 29.95
C GLU B 11 32.70 -28.23 29.99
N GLN B 12 31.92 -27.42 29.27
CA GLN B 12 30.56 -27.74 28.84
C GLN B 12 29.62 -28.48 29.81
N ALA B 13 29.19 -27.92 30.94
CA ALA B 13 29.75 -26.79 31.71
C ALA B 13 30.13 -25.46 31.04
N ASP B 14 31.26 -24.92 31.48
CA ASP B 14 31.75 -23.63 31.02
C ASP B 14 33.10 -23.78 30.32
N TYR B 15 33.37 -22.90 29.36
CA TYR B 15 34.64 -22.89 28.67
C TYR B 15 35.79 -22.66 29.64
N ILE B 16 36.95 -23.24 29.34
CA ILE B 16 38.14 -23.15 30.19
C ILE B 16 38.47 -21.71 30.61
N TYR B 17 38.52 -20.80 29.64
CA TYR B 17 38.83 -19.41 29.93
C TYR B 17 37.78 -18.79 30.87
N GLN B 18 36.53 -19.20 30.68
CA GLN B 18 35.43 -18.76 31.54
C GLN B 18 35.59 -19.25 32.97
N GLN B 19 35.89 -20.54 33.13
CA GLN B 19 36.11 -21.11 34.46
C GLN B 19 37.25 -20.35 35.15
N ILE B 20 38.32 -20.12 34.40
CA ILE B 20 39.47 -19.36 34.90
C ILE B 20 39.07 -17.97 35.41
N TYR B 21 38.57 -17.11 34.52
CA TYR B 21 38.26 -15.74 34.95
C TYR B 21 37.15 -15.66 36.01
N GLN B 22 36.29 -16.67 36.05
CA GLN B 22 35.29 -16.77 37.11
C GLN B 22 35.95 -17.01 38.47
N LYS B 23 36.86 -17.99 38.51
CA LYS B 23 37.62 -18.26 39.73
C LYS B 23 38.38 -17.01 40.16
N LEU B 24 38.98 -16.32 39.19
CA LEU B 24 39.72 -15.09 39.49
C LEU B 24 38.80 -14.00 40.05
N LYS B 25 37.59 -13.90 39.53
CA LYS B 25 36.60 -12.96 40.06
C LYS B 25 36.25 -13.27 41.51
N LYS B 26 35.86 -14.52 41.76
CA LYS B 26 35.53 -14.96 43.11
C LYS B 26 36.68 -14.71 44.08
N GLU B 27 37.91 -14.86 43.59
CA GLU B 27 39.10 -14.70 44.44
C GLU B 27 39.42 -13.23 44.73
N ILE B 28 39.29 -12.37 43.72
CA ILE B 28 39.50 -10.94 43.92
C ILE B 28 38.43 -10.38 44.86
N LEU B 29 37.20 -10.85 44.70
CA LEU B 29 36.08 -10.41 45.54
C LEU B 29 36.18 -10.90 46.98
N SER B 30 36.54 -12.16 47.17
CA SER B 30 36.66 -12.74 48.50
C SER B 30 37.89 -12.22 49.25
N ARG B 31 38.69 -11.40 48.56
CA ARG B 31 39.90 -10.77 49.10
C ARG B 31 41.08 -11.74 49.23
N ASN B 32 40.85 -13.01 48.94
CA ASN B 32 41.92 -14.02 48.97
C ASN B 32 43.07 -13.67 48.03
N LEU B 33 42.79 -12.84 47.03
CA LEU B 33 43.82 -12.20 46.23
C LEU B 33 43.81 -10.71 46.57
N LEU B 34 44.85 -10.25 47.26
CA LEU B 34 44.93 -8.86 47.71
C LEU B 34 45.03 -7.88 46.54
N PRO B 35 44.50 -6.67 46.72
CA PRO B 35 44.63 -5.61 45.70
C PRO B 35 46.09 -5.27 45.43
N HIS B 36 46.39 -4.87 44.20
CA HIS B 36 47.75 -4.52 43.77
C HIS B 36 48.74 -5.68 43.88
N SER B 37 48.21 -6.91 43.80
CA SER B 37 49.06 -8.10 43.79
C SER B 37 49.14 -8.65 42.36
N LYS B 38 50.36 -8.73 41.85
CA LYS B 38 50.60 -9.21 40.50
C LYS B 38 50.15 -10.65 40.33
N VAL B 39 49.32 -10.91 39.31
CA VAL B 39 48.93 -12.26 38.97
C VAL B 39 49.99 -12.84 38.02
N PRO B 40 50.09 -14.17 37.94
CA PRO B 40 51.06 -14.78 37.02
C PRO B 40 50.90 -14.27 35.59
N SER B 41 52.01 -14.19 34.86
CA SER B 41 51.98 -13.74 33.47
C SER B 41 51.22 -14.76 32.64
N LYS B 42 50.76 -14.35 31.46
CA LYS B 42 49.99 -15.23 30.59
C LYS B 42 50.68 -16.58 30.43
N ARG B 43 51.96 -16.56 30.08
CA ARG B 43 52.73 -17.78 29.90
C ARG B 43 52.90 -18.58 31.19
N GLU B 44 53.15 -17.89 32.30
CA GLU B 44 53.31 -18.57 33.58
C GLU B 44 52.07 -19.38 34.00
N LEU B 45 50.96 -18.68 34.25
CA LEU B 45 49.71 -19.32 34.62
C LEU B 45 49.31 -20.35 33.56
N ALA B 46 49.64 -20.03 32.31
CA ALA B 46 49.50 -20.97 31.20
C ALA B 46 50.15 -22.31 31.55
N GLU B 47 51.41 -22.24 31.99
CA GLU B 47 52.17 -23.43 32.34
C GLU B 47 51.66 -24.12 33.59
N ASN B 48 51.22 -23.32 34.57
CA ASN B 48 50.67 -23.88 35.80
C ASN B 48 49.43 -24.71 35.53
N LEU B 49 48.51 -24.15 34.76
CA LEU B 49 47.22 -24.79 34.51
C LEU B 49 47.26 -25.83 33.41
N LYS B 50 48.35 -25.85 32.64
CA LYS B 50 48.49 -26.78 31.52
C LYS B 50 47.33 -26.63 30.53
N VAL B 51 47.07 -25.39 30.12
CA VAL B 51 46.02 -25.06 29.16
C VAL B 51 46.64 -24.16 28.09
N SER B 52 45.91 -23.88 27.01
CA SER B 52 46.40 -22.98 25.97
C SER B 52 46.60 -21.53 26.44
N VAL B 53 47.64 -20.87 25.92
CA VAL B 53 47.92 -19.47 26.24
C VAL B 53 46.75 -18.59 25.83
N ASN B 54 46.09 -18.97 24.74
CA ASN B 54 44.92 -18.27 24.26
C ASN B 54 43.79 -18.22 25.30
N SER B 55 43.64 -19.32 26.05
CA SER B 55 42.62 -19.39 27.10
C SER B 55 42.90 -18.42 28.25
N VAL B 56 44.11 -18.50 28.80
CA VAL B 56 44.57 -17.59 29.84
C VAL B 56 44.44 -16.14 29.39
N ASN B 57 44.80 -15.87 28.13
CA ASN B 57 44.70 -14.55 27.55
C ASN B 57 43.25 -14.06 27.46
N SER B 58 42.34 -14.96 27.10
CA SER B 58 40.93 -14.62 27.05
C SER B 58 40.40 -14.27 28.44
N ALA B 59 40.75 -15.09 29.43
CA ALA B 59 40.34 -14.85 30.81
C ALA B 59 40.86 -13.50 31.31
N TYR B 60 42.15 -13.28 31.12
CA TYR B 60 42.81 -12.05 31.55
C TYR B 60 42.24 -10.82 30.83
N GLN B 61 41.89 -10.97 29.56
CA GLN B 61 41.25 -9.88 28.83
C GLN B 61 39.87 -9.59 29.37
N GLN B 62 39.18 -10.65 29.81
CA GLN B 62 37.89 -10.49 30.47
C GLN B 62 38.06 -9.64 31.74
N LEU B 63 38.99 -10.05 32.59
CA LEU B 63 39.27 -9.31 33.82
C LEU B 63 39.65 -7.86 33.55
N LEU B 64 40.56 -7.66 32.59
CA LEU B 64 41.02 -6.33 32.20
C LEU B 64 39.87 -5.43 31.75
N ALA B 65 38.99 -5.99 30.92
CA ALA B 65 37.84 -5.25 30.42
C ALA B 65 36.87 -4.89 31.55
N GLU B 66 36.59 -5.86 32.42
CA GLU B 66 35.66 -5.62 33.53
C GLU B 66 36.29 -4.81 34.67
N GLY B 67 37.61 -4.64 34.63
CA GLY B 67 38.30 -3.84 35.64
C GLY B 67 38.63 -4.59 36.91
N TYR B 68 38.65 -5.92 36.83
CA TYR B 68 39.10 -6.72 37.97
C TYR B 68 40.63 -6.67 38.06
N LEU B 69 41.27 -6.60 36.90
CA LEU B 69 42.71 -6.46 36.81
C LEU B 69 43.07 -5.18 36.08
N TYR B 70 44.30 -4.69 36.29
CA TYR B 70 44.83 -3.61 35.48
C TYR B 70 46.20 -3.96 34.91
N ALA B 71 46.53 -3.34 33.79
CA ALA B 71 47.73 -3.67 33.04
C ALA B 71 48.81 -2.62 33.21
N ILE B 72 50.06 -3.07 33.30
CA ILE B 72 51.19 -2.18 33.43
C ILE B 72 52.18 -2.46 32.30
N GLU B 73 52.46 -1.45 31.49
CA GLU B 73 53.52 -1.55 30.50
C GLU B 73 54.77 -1.85 31.29
N ARG B 74 55.62 -2.77 30.82
CA ARG B 74 56.54 -3.47 31.70
C ARG B 74 55.74 -4.26 32.75
N LYS B 75 55.19 -5.39 32.29
CA LYS B 75 54.12 -6.13 32.96
C LYS B 75 54.61 -6.75 34.29
N GLY B 76 53.78 -7.48 35.07
CA GLY B 76 52.51 -8.10 34.70
C GLY B 76 51.18 -7.40 34.92
N PHE B 77 50.17 -8.20 35.22
CA PHE B 77 48.83 -7.70 35.47
C PHE B 77 48.57 -7.74 36.97
N PHE B 78 47.87 -6.74 37.49
CA PHE B 78 47.70 -6.61 38.94
C PHE B 78 46.24 -6.50 39.34
N VAL B 79 45.90 -7.04 40.52
CA VAL B 79 44.54 -6.93 41.02
C VAL B 79 44.17 -5.47 41.27
N GLU B 80 43.03 -5.04 40.73
CA GLU B 80 42.58 -3.67 40.90
C GLU B 80 42.11 -3.48 42.34
N GLU B 81 42.07 -2.23 42.80
CA GLU B 81 41.67 -1.95 44.18
C GLU B 81 40.17 -1.73 44.25
N LEU B 82 39.47 -2.66 44.89
CA LEU B 82 38.02 -2.61 44.99
C LEU B 82 37.59 -2.38 46.43
N ASP B 83 36.61 -1.51 46.64
CA ASP B 83 36.04 -1.31 47.96
C ASP B 83 35.31 -2.57 48.40
N MET B 84 35.24 -2.78 49.71
CA MET B 84 34.46 -3.87 50.28
C MET B 84 32.99 -3.51 50.13
N PHE B 85 32.11 -4.50 50.21
CA PHE B 85 30.68 -4.22 50.14
C PHE B 85 30.17 -3.73 51.49
N SER B 86 29.62 -2.52 51.51
CA SER B 86 29.03 -1.98 52.73
C SER B 86 27.76 -2.76 53.02
N ALA B 87 27.34 -2.80 54.28
CA ALA B 87 26.11 -3.51 54.64
C ALA B 87 25.22 -2.69 55.57
N PRO B 96 8.97 -13.27 49.65
CA PRO B 96 8.43 -14.60 49.38
C PRO B 96 7.34 -14.95 50.38
N ASP B 97 6.51 -15.97 50.14
CA ASP B 97 5.64 -16.49 51.20
C ASP B 97 4.69 -15.44 51.77
N ASP B 98 3.48 -15.23 51.22
CA ASP B 98 3.00 -13.94 50.71
C ASP B 98 3.33 -13.87 49.22
N LEU B 99 4.23 -13.01 48.79
CA LEU B 99 4.62 -12.98 47.36
C LEU B 99 5.12 -14.40 47.03
N LYS B 100 5.24 -14.76 45.75
CA LYS B 100 5.04 -16.14 45.22
C LYS B 100 3.62 -16.65 45.02
N GLU B 101 3.04 -16.25 43.88
CA GLU B 101 1.81 -16.83 43.34
C GLU B 101 1.89 -18.35 43.22
N ILE B 102 0.74 -19.02 43.36
CA ILE B 102 0.66 -20.48 43.19
C ILE B 102 -0.21 -20.86 41.98
N HIS B 103 0.06 -22.03 41.40
CA HIS B 103 -0.63 -22.44 40.18
C HIS B 103 -1.78 -23.42 40.43
N ILE B 104 -3.00 -22.99 40.11
CA ILE B 104 -4.17 -23.86 40.18
C ILE B 104 -4.95 -23.79 38.87
N ASP B 105 -5.14 -24.95 38.23
CA ASP B 105 -5.66 -25.00 36.86
C ASP B 105 -7.15 -24.69 36.74
N GLN B 106 -7.56 -24.25 35.56
CA GLN B 106 -8.93 -23.87 35.30
C GLN B 106 -9.85 -25.10 35.15
N SER B 107 -9.26 -26.29 35.13
CA SER B 107 -10.04 -27.51 34.92
C SER B 107 -10.54 -28.13 36.23
N ASP B 108 -11.85 -28.27 36.34
CA ASP B 108 -12.76 -27.71 35.37
C ASP B 108 -13.60 -26.60 36.01
N TRP B 109 -13.30 -25.36 35.65
CA TRP B 109 -14.08 -24.22 36.08
C TRP B 109 -14.96 -23.78 34.93
N ILE B 110 -16.15 -23.29 35.26
CA ILE B 110 -17.00 -22.65 34.26
C ILE B 110 -16.91 -21.15 34.51
N SER B 111 -16.77 -20.37 33.43
CA SER B 111 -16.50 -18.94 33.56
C SER B 111 -17.58 -18.08 32.93
N PHE B 112 -18.24 -17.27 33.76
CA PHE B 112 -19.19 -16.27 33.30
C PHE B 112 -18.52 -14.90 33.18
N SER B 113 -17.19 -14.88 33.34
CA SER B 113 -16.38 -13.67 33.26
C SER B 113 -16.64 -12.85 32.00
N HIS B 114 -16.75 -11.53 32.18
CA HIS B 114 -16.97 -10.60 31.08
C HIS B 114 -15.67 -10.34 30.33
N MET B 115 -14.56 -10.62 31.02
CA MET B 115 -13.24 -10.52 30.42
C MET B 115 -12.90 -11.79 29.64
N SER B 116 -11.62 -11.93 29.29
CA SER B 116 -11.13 -12.98 28.40
C SER B 116 -11.85 -12.93 27.05
N SER B 117 -12.06 -14.10 26.44
CA SER B 117 -12.64 -14.17 25.08
C SER B 117 -12.70 -15.58 24.49
N ASP B 118 -13.34 -15.68 23.33
CA ASP B 118 -13.50 -16.95 22.62
C ASP B 118 -12.19 -17.41 21.96
N THR B 119 -11.88 -18.68 22.11
CA THR B 119 -10.69 -19.29 21.52
C THR B 119 -11.04 -20.17 20.32
N ASP B 120 -11.86 -21.18 20.60
CA ASP B 120 -12.17 -22.25 19.64
C ASP B 120 -12.71 -21.77 18.29
N HIS B 121 -13.24 -20.55 18.24
CA HIS B 121 -13.85 -20.04 17.01
C HIS B 121 -12.99 -19.11 16.14
N PHE B 122 -11.77 -18.83 16.55
CA PHE B 122 -10.93 -17.89 15.80
C PHE B 122 -10.27 -18.53 14.57
N PRO B 123 -10.33 -17.84 13.42
CA PRO B 123 -9.67 -18.29 12.20
C PRO B 123 -8.16 -18.13 12.31
N ILE B 124 -7.54 -18.94 13.17
CA ILE B 124 -6.11 -18.85 13.45
C ILE B 124 -5.26 -19.15 12.21
N LYS B 125 -5.74 -20.04 11.36
CA LYS B 125 -5.02 -20.43 10.16
C LYS B 125 -4.94 -19.26 9.19
N SER B 126 -6.08 -18.60 8.99
CA SER B 126 -6.15 -17.44 8.11
C SER B 126 -5.39 -16.25 8.71
N TRP B 127 -5.34 -16.20 10.04
CA TRP B 127 -4.56 -15.17 10.71
C TRP B 127 -3.07 -15.36 10.41
N PHE B 128 -2.64 -16.62 10.44
CA PHE B 128 -1.26 -16.95 10.12
C PHE B 128 -0.96 -16.70 8.63
N ARG B 129 -1.96 -16.94 7.78
CA ARG B 129 -1.83 -16.64 6.36
C ARG B 129 -1.59 -15.15 6.17
N CYS B 130 -2.42 -14.35 6.83
CA CYS B 130 -2.27 -12.89 6.79
C CYS B 130 -0.94 -12.45 7.38
N GLU B 131 -0.40 -13.24 8.31
CA GLU B 131 0.89 -12.93 8.92
C GLU B 131 2.05 -13.17 7.96
N GLN B 132 2.07 -14.34 7.33
CA GLN B 132 3.05 -14.68 6.31
C GLN B 132 3.01 -13.63 5.21
N LYS B 133 1.78 -13.32 4.77
CA LYS B 133 1.55 -12.31 3.75
C LYS B 133 2.12 -10.96 4.15
N ALA B 134 1.80 -10.51 5.35
CA ALA B 134 2.26 -9.22 5.85
C ALA B 134 3.78 -9.15 5.91
N ALA B 135 4.41 -10.20 6.42
CA ALA B 135 5.86 -10.27 6.52
C ALA B 135 6.53 -10.24 5.15
N SER B 136 6.13 -11.16 4.28
CA SER B 136 6.73 -11.29 2.95
C SER B 136 6.48 -10.09 2.06
N ARG B 137 5.34 -9.43 2.28
CA ARG B 137 4.89 -8.31 1.44
C ARG B 137 6.02 -7.33 1.19
N SER B 138 6.44 -6.65 2.25
CA SER B 138 7.74 -6.02 2.26
C SER B 138 8.44 -6.42 3.55
N TYR B 139 9.46 -7.26 3.44
CA TYR B 139 10.21 -7.74 4.61
C TYR B 139 11.28 -6.75 5.04
N ARG B 140 11.96 -6.17 4.05
CA ARG B 140 12.96 -5.14 4.32
C ARG B 140 12.30 -3.91 4.93
N THR B 141 10.98 -3.81 4.75
CA THR B 141 10.22 -2.67 5.25
C THR B 141 9.64 -2.96 6.64
N LEU B 142 9.95 -4.13 7.19
CA LEU B 142 9.50 -4.50 8.53
C LEU B 142 10.35 -3.82 9.61
N GLY B 143 11.58 -3.45 9.25
CA GLY B 143 12.43 -2.70 10.15
C GLY B 143 12.50 -1.25 9.71
N ASP B 144 11.82 -0.98 8.61
CA ASP B 144 11.73 0.37 8.06
C ASP B 144 10.88 1.26 8.93
N MET B 145 9.66 0.83 9.22
CA MET B 145 8.73 1.73 9.89
C MET B 145 8.33 1.35 11.32
N SER B 146 8.86 2.10 12.28
CA SER B 146 8.21 2.24 13.57
C SER B 146 7.84 3.71 13.70
N HIS B 147 6.55 4.00 13.52
CA HIS B 147 6.03 5.34 13.72
C HIS B 147 5.32 5.29 15.06
N PRO B 148 5.61 6.27 15.94
CA PRO B 148 5.01 6.28 17.27
C PRO B 148 3.48 6.16 17.25
N GLN B 149 2.82 6.80 16.29
CA GLN B 149 1.37 6.68 16.13
C GLN B 149 0.99 5.34 15.52
N GLY B 150 1.98 4.64 14.98
CA GLY B 150 1.75 3.38 14.28
C GLY B 150 1.96 3.53 12.78
N ILE B 151 2.10 2.38 12.11
CA ILE B 151 2.35 2.36 10.66
C ILE B 151 1.20 2.99 9.88
N TYR B 152 1.53 3.93 8.99
CA TYR B 152 0.52 4.72 8.28
C TYR B 152 -0.51 3.89 7.55
N GLU B 153 -0.08 2.82 6.90
CA GLU B 153 -0.99 1.97 6.14
C GLU B 153 -2.02 1.30 7.05
N VAL B 154 -1.58 0.90 8.24
CA VAL B 154 -2.45 0.28 9.22
C VAL B 154 -3.47 1.28 9.77
N ARG B 155 -3.00 2.48 10.12
CA ARG B 155 -3.88 3.57 10.56
C ARG B 155 -4.89 3.91 9.48
N ALA B 156 -4.47 3.82 8.22
CA ALA B 156 -5.35 4.07 7.08
C ALA B 156 -6.44 3.01 6.97
N ALA B 157 -6.03 1.74 7.07
CA ALA B 157 -6.98 0.63 7.02
C ALA B 157 -8.00 0.72 8.15
N ILE B 158 -7.55 1.03 9.36
CA ILE B 158 -8.45 1.19 10.49
C ILE B 158 -9.39 2.38 10.32
N THR B 159 -8.84 3.49 9.81
CA THR B 159 -9.64 4.69 9.53
C THR B 159 -10.77 4.37 8.58
N ARG B 160 -10.44 3.70 7.48
CA ARG B 160 -11.43 3.27 6.50
C ARG B 160 -12.47 2.33 7.10
N LEU B 161 -12.00 1.31 7.82
CA LEU B 161 -12.89 0.34 8.47
C LEU B 161 -13.89 0.98 9.39
N ILE B 162 -13.42 1.86 10.28
CA ILE B 162 -14.32 2.54 11.20
C ILE B 162 -15.17 3.60 10.48
N SER B 163 -14.71 4.06 9.33
CA SER B 163 -15.53 4.95 8.50
C SER B 163 -16.75 4.17 8.04
N LEU B 164 -16.55 2.92 7.66
CA LEU B 164 -17.67 2.07 7.27
C LEU B 164 -18.55 1.68 8.45
N THR B 165 -17.93 1.11 9.48
CA THR B 165 -18.67 0.50 10.60
C THR B 165 -19.22 1.47 11.64
N ARG B 166 -18.39 2.38 12.12
CA ARG B 166 -18.81 3.29 13.19
C ARG B 166 -19.24 4.68 12.71
N GLY B 167 -19.09 4.94 11.41
CA GLY B 167 -19.34 6.27 10.89
C GLY B 167 -18.35 7.31 11.38
N VAL B 168 -17.24 6.86 11.97
CA VAL B 168 -16.22 7.76 12.48
C VAL B 168 -15.52 8.49 11.33
N LYS B 169 -15.39 9.81 11.47
CA LYS B 169 -14.69 10.61 10.47
C LYS B 169 -13.34 11.07 11.00
N CYS B 170 -12.28 10.82 10.23
CA CYS B 170 -10.93 11.23 10.61
C CYS B 170 -9.90 10.89 9.54
N ARG B 171 -8.75 11.56 9.62
CA ARG B 171 -7.57 11.21 8.85
C ARG B 171 -6.66 10.29 9.67
N PRO B 172 -5.88 9.43 8.98
CA PRO B 172 -4.88 8.58 9.65
C PRO B 172 -3.89 9.36 10.52
N GLU B 173 -3.71 10.65 10.24
CA GLU B 173 -2.84 11.50 11.05
C GLU B 173 -3.33 11.66 12.48
N GLN B 174 -4.65 11.53 12.68
CA GLN B 174 -5.25 11.73 13.99
C GLN B 174 -5.25 10.47 14.84
N MET B 175 -4.95 9.33 14.22
CA MET B 175 -5.05 8.04 14.91
C MET B 175 -3.78 7.66 15.66
N ILE B 176 -3.96 7.09 16.85
CA ILE B 176 -2.83 6.56 17.62
C ILE B 176 -3.09 5.13 18.11
N ILE B 177 -2.29 4.20 17.59
CA ILE B 177 -2.20 2.82 18.06
C ILE B 177 -1.14 2.91 19.17
N GLY B 178 -1.24 2.17 20.27
CA GLY B 178 -2.11 1.02 20.44
C GLY B 178 -1.67 0.17 21.63
N ALA B 179 -1.95 -1.13 21.53
CA ALA B 179 -1.58 -2.11 22.57
C ALA B 179 -2.28 -1.90 23.90
N GLY B 180 -3.61 -1.79 23.83
CA GLY B 180 -4.42 -1.64 25.02
C GLY B 180 -4.90 -0.22 25.25
N THR B 181 -6.09 -0.11 25.82
CA THR B 181 -6.76 1.16 26.05
C THR B 181 -6.14 1.89 27.24
N GLN B 182 -5.42 1.15 28.08
CA GLN B 182 -4.80 1.72 29.27
C GLN B 182 -3.68 2.69 28.93
N VAL B 183 -2.76 2.26 28.07
CA VAL B 183 -1.62 3.09 27.66
C VAL B 183 -2.09 4.34 26.91
N LEU B 184 -3.08 4.15 26.05
CA LEU B 184 -3.65 5.26 25.29
C LEU B 184 -4.37 6.23 26.21
N MET B 185 -5.02 5.72 27.24
CA MET B 185 -5.69 6.57 28.22
C MET B 185 -4.70 7.36 29.07
N GLN B 186 -3.60 6.73 29.44
CA GLN B 186 -2.53 7.43 30.16
C GLN B 186 -1.98 8.57 29.30
N LEU B 187 -1.61 8.23 28.07
CA LEU B 187 -1.17 9.23 27.09
C LEU B 187 -2.18 10.36 26.97
N LEU B 188 -3.47 10.02 26.93
CA LEU B 188 -4.54 11.01 26.76
C LEU B 188 -4.67 11.92 27.97
N THR B 189 -4.50 11.36 29.17
CA THR B 189 -4.49 12.18 30.37
C THR B 189 -3.30 13.13 30.35
N GLU B 190 -2.23 12.70 29.70
CA GLU B 190 -1.05 13.55 29.56
C GLU B 190 -1.22 14.65 28.50
N LEU B 191 -2.02 14.38 27.47
CA LEU B 191 -2.28 15.35 26.42
C LEU B 191 -3.34 16.38 26.82
N LEU B 192 -4.29 15.96 27.64
CA LEU B 192 -5.33 16.84 28.15
C LEU B 192 -4.76 17.76 29.23
N PRO B 193 -5.48 18.84 29.57
CA PRO B 193 -5.04 19.71 30.67
C PRO B 193 -4.75 18.93 31.95
N LYS B 194 -3.68 19.31 32.65
CA LYS B 194 -3.27 18.62 33.87
C LYS B 194 -4.30 18.82 34.98
N GLU B 195 -4.92 19.99 34.99
CA GLU B 195 -5.91 20.33 36.01
C GLU B 195 -7.32 19.93 35.60
N ALA B 196 -7.44 19.29 34.45
CA ALA B 196 -8.75 18.91 33.91
C ALA B 196 -9.56 18.04 34.87
N VAL B 197 -10.85 18.37 35.03
CA VAL B 197 -11.72 17.61 35.92
C VAL B 197 -12.44 16.52 35.14
N TYR B 198 -12.08 15.27 35.41
CA TYR B 198 -12.70 14.13 34.75
C TYR B 198 -14.03 13.78 35.42
N ALA B 199 -14.91 13.14 34.65
CA ALA B 199 -16.16 12.63 35.21
C ALA B 199 -16.47 11.29 34.58
N MET B 200 -16.87 10.32 35.40
CA MET B 200 -17.16 8.98 34.89
C MET B 200 -18.56 8.48 35.27
N GLU B 201 -19.00 7.45 34.56
CA GLU B 201 -20.29 6.83 34.83
C GLU B 201 -20.25 5.98 36.09
N GLU B 202 -21.27 6.16 36.93
CA GLU B 202 -21.44 5.38 38.15
C GLU B 202 -22.74 4.59 38.05
N PRO B 203 -22.63 3.25 37.98
CA PRO B 203 -21.41 2.43 37.93
C PRO B 203 -20.74 2.49 36.56
N GLY B 204 -19.49 2.04 36.51
CA GLY B 204 -18.67 2.19 35.32
C GLY B 204 -17.44 1.30 35.34
N TYR B 205 -16.47 1.61 34.49
CA TYR B 205 -15.30 0.76 34.31
C TYR B 205 -14.26 1.22 35.32
N ARG B 206 -14.02 0.38 36.32
CA ARG B 206 -13.26 0.82 37.49
C ARG B 206 -11.74 0.84 37.30
N ARG B 207 -11.23 0.11 36.33
CA ARG B 207 -9.81 0.19 36.02
C ARG B 207 -9.47 1.59 35.54
N MET B 208 -10.38 2.18 34.77
CA MET B 208 -10.23 3.54 34.27
C MET B 208 -10.27 4.54 35.40
N TYR B 209 -11.19 4.33 36.34
CA TYR B 209 -11.31 5.16 37.52
C TYR B 209 -10.04 5.11 38.35
N GLN B 210 -9.49 3.90 38.51
CA GLN B 210 -8.25 3.71 39.25
C GLN B 210 -7.09 4.40 38.58
N LEU B 211 -7.02 4.27 37.26
CA LEU B 211 -5.96 4.92 36.47
C LEU B 211 -6.04 6.43 36.59
N LEU B 212 -7.26 6.96 36.56
CA LEU B 212 -7.47 8.40 36.69
C LEU B 212 -7.14 8.91 38.09
N LYS B 213 -7.49 8.13 39.12
CA LYS B 213 -7.22 8.52 40.50
C LYS B 213 -5.74 8.39 40.86
N ASN B 214 -5.05 7.48 40.20
CA ASN B 214 -3.61 7.26 40.43
C ASN B 214 -2.76 8.38 39.88
N ALA B 215 -3.31 9.14 38.93
CA ALA B 215 -2.64 10.32 38.39
C ALA B 215 -3.01 11.53 39.23
N GLY B 216 -3.76 11.29 40.31
CA GLY B 216 -4.19 12.35 41.20
C GLY B 216 -5.18 13.28 40.54
N LYS B 217 -5.89 12.78 39.54
CA LYS B 217 -6.89 13.56 38.84
C LYS B 217 -8.17 13.60 39.65
N GLN B 218 -8.87 14.73 39.61
CA GLN B 218 -10.16 14.82 40.27
C GLN B 218 -11.17 14.16 39.34
N VAL B 219 -11.78 13.08 39.81
CA VAL B 219 -12.77 12.36 39.00
C VAL B 219 -14.10 12.36 39.72
N LYS B 220 -15.06 13.08 39.15
CA LYS B 220 -16.40 13.14 39.71
C LYS B 220 -17.27 12.01 39.18
N THR B 221 -18.10 11.45 40.06
CA THR B 221 -18.91 10.30 39.71
C THR B 221 -20.31 10.74 39.32
N ILE B 222 -20.87 10.14 38.27
CA ILE B 222 -22.14 10.59 37.72
C ILE B 222 -23.11 9.44 37.42
N MET B 223 -24.28 9.49 38.06
CA MET B 223 -25.29 8.43 37.96
C MET B 223 -25.91 8.31 36.58
N LEU B 224 -26.47 7.14 36.29
CA LEU B 224 -27.20 6.91 35.05
C LEU B 224 -28.70 6.95 35.30
N ASP B 225 -29.44 7.62 34.41
CA ASP B 225 -30.87 7.42 34.33
C ASP B 225 -31.15 6.37 33.26
N GLU B 226 -32.40 6.21 32.85
CA GLU B 226 -32.77 5.25 31.81
C GLU B 226 -32.07 5.54 30.49
N LYS B 227 -31.65 6.79 30.30
CA LYS B 227 -31.01 7.22 29.07
C LYS B 227 -29.48 7.18 29.15
N GLY B 228 -28.96 6.64 30.25
CA GLY B 228 -27.53 6.63 30.46
C GLY B 228 -27.03 7.84 31.22
N MET B 229 -25.80 8.27 30.92
CA MET B 229 -25.10 9.31 31.69
C MET B 229 -25.96 10.55 31.87
N SER B 230 -26.07 11.00 33.13
CA SER B 230 -27.01 12.06 33.48
C SER B 230 -26.49 13.43 33.09
N ILE B 231 -27.23 14.11 32.21
CA ILE B 231 -26.84 15.44 31.75
C ILE B 231 -27.11 16.49 32.82
N ALA B 232 -28.09 16.21 33.69
CA ALA B 232 -28.40 17.12 34.79
C ALA B 232 -27.31 17.09 35.84
N GLU B 233 -26.81 15.89 36.14
CA GLU B 233 -25.75 15.73 37.15
C GLU B 233 -24.40 16.20 36.60
N ILE B 234 -24.22 16.06 35.29
CA ILE B 234 -23.05 16.61 34.60
C ILE B 234 -23.09 18.13 34.68
N THR B 235 -24.26 18.70 34.37
CA THR B 235 -24.46 20.15 34.47
C THR B 235 -24.18 20.64 35.88
N ARG B 236 -24.67 19.91 36.88
CA ARG B 236 -24.50 20.29 38.28
C ARG B 236 -23.05 20.22 38.75
N GLN B 237 -22.39 19.10 38.51
CA GLN B 237 -21.03 18.89 39.00
C GLN B 237 -19.99 19.60 38.14
N GLN B 238 -20.42 20.08 36.98
CA GLN B 238 -19.60 20.89 36.07
C GLN B 238 -18.15 20.42 35.89
N PRO B 239 -17.97 19.24 35.26
CA PRO B 239 -16.60 18.76 35.04
C PRO B 239 -16.04 19.22 33.69
N ASP B 240 -14.80 18.84 33.40
CA ASP B 240 -14.15 19.23 32.16
C ASP B 240 -14.34 18.18 31.07
N VAL B 241 -13.82 16.98 31.31
CA VAL B 241 -13.97 15.89 30.34
C VAL B 241 -14.87 14.75 30.86
N LEU B 242 -15.69 14.21 29.96
CA LEU B 242 -16.58 13.11 30.28
C LEU B 242 -15.96 11.81 29.80
N VAL B 243 -16.21 10.71 30.51
CA VAL B 243 -15.80 9.40 30.02
C VAL B 243 -17.02 8.50 29.93
N THR B 244 -17.39 8.11 28.71
CA THR B 244 -18.68 7.45 28.52
C THR B 244 -18.63 6.24 27.59
N THR B 245 -19.64 5.37 27.73
CA THR B 245 -19.78 4.19 26.88
C THR B 245 -21.16 4.19 26.24
N PRO B 246 -21.34 5.01 25.19
CA PRO B 246 -22.63 5.29 24.55
C PRO B 246 -23.29 4.09 23.87
N SER B 247 -22.51 3.27 23.19
CA SER B 247 -23.07 2.14 22.45
C SER B 247 -23.66 1.08 23.36
N HIS B 248 -22.84 0.55 24.26
CA HIS B 248 -23.29 -0.38 25.28
C HIS B 248 -22.64 0.10 26.57
N GLN B 249 -23.46 0.58 27.51
CA GLN B 249 -22.90 1.13 28.76
C GLN B 249 -22.36 0.03 29.67
N PHE B 250 -21.13 0.21 30.13
CA PHE B 250 -20.48 -0.76 30.99
C PHE B 250 -20.44 -0.30 32.45
N PRO B 251 -20.88 -1.17 33.38
CA PRO B 251 -21.48 -2.51 33.26
C PRO B 251 -22.95 -2.55 32.81
N SER B 252 -23.70 -1.48 33.04
CA SER B 252 -25.17 -1.54 33.01
C SER B 252 -25.81 -2.11 31.73
N GLY B 253 -25.25 -1.77 30.58
CA GLY B 253 -25.73 -2.34 29.32
C GLY B 253 -26.82 -1.57 28.60
N THR B 254 -27.00 -0.31 28.96
CA THR B 254 -27.99 0.52 28.28
C THR B 254 -27.39 1.33 27.13
N ILE B 255 -28.07 1.33 26.00
CA ILE B 255 -27.67 2.16 24.86
C ILE B 255 -28.12 3.60 25.08
N MET B 256 -27.17 4.54 24.97
CA MET B 256 -27.50 5.95 25.08
C MET B 256 -28.30 6.37 23.85
N PRO B 257 -29.54 6.84 24.05
CA PRO B 257 -30.36 7.30 22.93
C PRO B 257 -29.78 8.57 22.29
N VAL B 258 -30.20 8.86 21.07
CA VAL B 258 -29.66 10.00 20.33
C VAL B 258 -29.94 11.34 21.03
N SER B 259 -31.04 11.43 21.75
CA SER B 259 -31.39 12.66 22.47
C SER B 259 -30.33 13.01 23.51
N ARG B 260 -29.97 12.04 24.33
CA ARG B 260 -28.94 12.24 25.35
C ARG B 260 -27.56 12.48 24.73
N ARG B 261 -27.28 11.78 23.62
CA ARG B 261 -26.04 11.99 22.89
C ARG B 261 -25.92 13.44 22.41
N ILE B 262 -27.01 13.96 21.82
CA ILE B 262 -27.06 15.34 21.38
C ILE B 262 -26.91 16.30 22.56
N GLN B 263 -27.55 15.98 23.68
CA GLN B 263 -27.41 16.76 24.90
C GLN B 263 -25.95 16.88 25.34
N LEU B 264 -25.25 15.74 25.32
CA LEU B 264 -23.82 15.72 25.66
C LEU B 264 -23.00 16.54 24.68
N LEU B 265 -23.23 16.35 23.38
CA LEU B 265 -22.49 17.09 22.35
C LEU B 265 -22.66 18.60 22.49
N ASN B 266 -23.89 19.03 22.72
CA ASN B 266 -24.16 20.45 22.95
C ASN B 266 -23.50 20.94 24.22
N TRP B 267 -23.51 20.12 25.27
CA TRP B 267 -22.78 20.46 26.50
C TRP B 267 -21.31 20.72 26.23
N ALA B 268 -20.70 19.85 25.43
CA ALA B 268 -19.28 19.97 25.10
C ALA B 268 -19.01 21.15 24.18
N ALA B 269 -19.99 21.53 23.38
CA ALA B 269 -19.84 22.65 22.45
C ALA B 269 -20.03 24.01 23.14
N GLU B 270 -20.80 24.02 24.23
CA GLU B 270 -21.13 25.27 24.94
C GLU B 270 -19.90 26.04 25.41
N GLU B 271 -18.96 25.35 26.04
CA GLU B 271 -17.80 26.00 26.63
C GLU B 271 -16.50 25.56 25.96
N PRO B 272 -15.47 26.42 26.01
CA PRO B 272 -14.15 26.02 25.50
C PRO B 272 -13.51 24.99 26.41
N ARG B 273 -12.68 24.12 25.84
CA ARG B 273 -11.97 23.10 26.60
C ARG B 273 -12.88 22.12 27.35
N ARG B 274 -13.88 21.60 26.64
CA ARG B 274 -14.68 20.48 27.15
C ARG B 274 -14.51 19.29 26.21
N TYR B 275 -14.32 18.10 26.79
CA TYR B 275 -14.06 16.92 25.98
C TYR B 275 -14.96 15.74 26.36
N ILE B 276 -15.14 14.84 25.41
CA ILE B 276 -15.86 13.60 25.67
C ILE B 276 -15.06 12.41 25.15
N ILE B 277 -14.64 11.54 26.06
CA ILE B 277 -13.96 10.32 25.69
C ILE B 277 -15.03 9.26 25.47
N GLU B 278 -15.11 8.78 24.23
CA GLU B 278 -16.03 7.71 23.88
C GLU B 278 -15.26 6.40 23.92
N ASP B 279 -15.66 5.50 24.83
CA ASP B 279 -15.00 4.22 24.92
C ASP B 279 -15.84 3.18 24.20
N ASP B 280 -15.36 2.73 23.05
CA ASP B 280 -16.09 1.79 22.21
C ASP B 280 -15.39 0.43 22.27
N TYR B 281 -16.04 -0.53 22.92
CA TYR B 281 -15.45 -1.84 23.17
C TYR B 281 -16.18 -2.98 22.47
N ASP B 282 -17.44 -3.20 22.80
CA ASP B 282 -18.23 -4.30 22.20
C ASP B 282 -19.14 -3.92 21.03
N SER B 283 -19.10 -2.66 20.60
CA SER B 283 -20.14 -2.11 19.71
C SER B 283 -20.37 -2.85 18.38
N GLU B 284 -19.42 -3.68 17.96
CA GLU B 284 -19.60 -4.40 16.69
C GLU B 284 -20.64 -5.51 16.81
N PHE B 285 -21.06 -5.82 18.03
CA PHE B 285 -22.07 -6.85 18.23
C PHE B 285 -23.39 -6.28 18.73
N THR B 286 -24.39 -6.26 17.85
CA THR B 286 -25.76 -5.89 18.18
C THR B 286 -26.66 -6.93 17.53
N TYR B 287 -27.40 -7.68 18.33
CA TYR B 287 -28.11 -8.86 17.84
C TYR B 287 -29.46 -8.62 17.17
N ASP B 288 -30.22 -7.63 17.66
CA ASP B 288 -31.50 -7.28 17.05
C ASP B 288 -31.34 -6.39 15.82
N VAL B 289 -30.43 -5.44 15.91
CA VAL B 289 -30.30 -4.38 14.90
C VAL B 289 -28.90 -4.24 14.34
N ASP B 290 -28.73 -3.29 13.42
CA ASP B 290 -27.40 -2.97 12.89
C ASP B 290 -26.58 -2.25 13.95
N SER B 291 -25.27 -2.26 13.80
CA SER B 291 -24.39 -1.53 14.71
C SER B 291 -24.74 -0.04 14.67
N ILE B 292 -24.89 0.55 15.85
CA ILE B 292 -25.28 1.95 15.98
C ILE B 292 -24.07 2.87 15.79
N PRO B 293 -24.22 3.89 14.92
CA PRO B 293 -23.15 4.87 14.68
C PRO B 293 -22.64 5.48 15.99
N ALA B 294 -21.34 5.76 16.05
CA ALA B 294 -20.73 6.28 17.28
C ALA B 294 -21.15 7.73 17.57
N LEU B 295 -21.00 8.13 18.83
CA LEU B 295 -21.24 9.52 19.24
C LEU B 295 -20.40 10.46 18.39
N GLN B 296 -19.16 10.05 18.15
CA GLN B 296 -18.20 10.82 17.37
C GLN B 296 -18.75 11.22 16.00
N SER B 297 -19.55 10.34 15.40
CA SER B 297 -20.09 10.59 14.06
C SER B 297 -21.12 11.71 14.04
N LEU B 298 -21.70 12.04 15.19
CA LEU B 298 -22.69 13.11 15.26
C LEU B 298 -22.07 14.44 15.71
N ASP B 299 -20.78 14.43 15.98
CA ASP B 299 -20.11 15.62 16.51
C ASP B 299 -19.57 16.53 15.40
N ARG B 300 -20.04 17.78 15.38
CA ARG B 300 -19.50 18.76 14.45
C ARG B 300 -18.42 19.62 15.11
N PHE B 301 -18.23 19.45 16.41
CA PHE B 301 -17.35 20.32 17.18
C PHE B 301 -15.94 19.84 17.55
N GLN B 302 -15.60 18.61 17.18
CA GLN B 302 -14.28 18.03 17.50
C GLN B 302 -13.98 18.00 19.00
N ASN B 303 -15.00 17.76 19.80
CA ASN B 303 -14.82 17.62 21.25
C ASN B 303 -14.74 16.17 21.70
N VAL B 304 -14.90 15.25 20.76
CA VAL B 304 -14.97 13.83 21.11
C VAL B 304 -13.72 13.06 20.67
N ILE B 305 -13.03 12.47 21.65
CA ILE B 305 -11.89 11.61 21.39
C ILE B 305 -12.42 10.18 21.29
N TYR B 306 -12.33 9.58 20.11
CA TYR B 306 -12.92 8.25 19.93
C TYR B 306 -11.92 7.16 20.26
N MET B 307 -12.24 6.35 21.27
CA MET B 307 -11.37 5.22 21.57
C MET B 307 -12.03 3.91 21.15
N GLY B 308 -11.24 3.03 20.54
CA GLY B 308 -11.76 1.78 20.04
C GLY B 308 -10.75 0.66 20.20
N THR B 309 -11.24 -0.57 20.10
CA THR B 309 -10.44 -1.73 20.44
C THR B 309 -10.76 -2.93 19.56
N PHE B 310 -9.75 -3.72 19.26
CA PHE B 310 -9.94 -4.98 18.55
C PHE B 310 -10.01 -6.12 19.55
N SER B 311 -9.97 -5.77 20.83
CA SER B 311 -9.85 -6.74 21.91
C SER B 311 -10.99 -7.74 22.06
N LYS B 312 -12.23 -7.31 21.82
CA LYS B 312 -13.35 -8.22 21.81
C LYS B 312 -13.43 -8.95 20.47
N SER B 313 -12.94 -8.29 19.43
CA SER B 313 -13.08 -8.79 18.07
C SER B 313 -12.32 -10.09 17.81
N LEU B 314 -11.01 -10.09 18.06
CA LEU B 314 -10.21 -11.26 17.74
C LEU B 314 -10.24 -12.32 18.88
N LEU B 315 -9.57 -12.15 20.03
CA LEU B 315 -8.28 -11.50 20.23
C LEU B 315 -7.49 -12.29 21.29
N PRO B 316 -7.28 -13.59 21.06
CA PRO B 316 -6.39 -14.21 22.05
C PRO B 316 -4.91 -13.91 21.75
N GLY B 317 -4.12 -13.39 22.69
CA GLY B 317 -4.55 -12.54 23.79
C GLY B 317 -4.19 -11.12 23.38
N LEU B 318 -4.17 -10.92 22.06
CA LEU B 318 -3.40 -9.90 21.33
C LEU B 318 -3.35 -8.44 21.82
N ARG B 319 -4.51 -7.85 22.09
CA ARG B 319 -4.64 -6.46 22.56
C ARG B 319 -4.12 -5.34 21.64
N ILE B 320 -4.85 -5.06 20.56
CA ILE B 320 -4.62 -3.83 19.78
C ILE B 320 -5.76 -2.83 20.01
N SER B 321 -5.41 -1.57 20.26
CA SER B 321 -6.41 -0.52 20.42
C SER B 321 -5.99 0.73 19.65
N TYR B 322 -6.91 1.68 19.52
CA TYR B 322 -6.62 2.91 18.80
C TYR B 322 -7.44 4.06 19.37
N MET B 323 -6.92 5.27 19.25
CA MET B 323 -7.71 6.45 19.58
C MET B 323 -7.56 7.58 18.55
N VAL B 324 -8.69 8.20 18.25
CA VAL B 324 -8.80 9.28 17.28
C VAL B 324 -8.95 10.57 18.07
N LEU B 325 -8.08 11.53 17.77
CA LEU B 325 -7.98 12.76 18.55
C LEU B 325 -8.42 13.96 17.73
N PRO B 326 -9.03 14.94 18.40
CA PRO B 326 -9.24 16.27 17.82
C PRO B 326 -7.88 16.89 17.54
N PRO B 327 -7.79 17.77 16.53
CA PRO B 327 -6.52 18.33 16.07
C PRO B 327 -5.68 18.99 17.18
N GLU B 328 -6.32 19.71 18.08
CA GLU B 328 -5.62 20.39 19.18
C GLU B 328 -4.78 19.41 19.99
N LEU B 329 -5.40 18.29 20.36
CA LEU B 329 -4.73 17.25 21.13
C LEU B 329 -3.62 16.57 20.33
N LEU B 330 -3.83 16.41 19.03
CA LEU B 330 -2.81 15.84 18.15
C LEU B 330 -1.58 16.74 18.09
N ARG B 331 -1.83 18.04 18.04
CA ARG B 331 -0.75 19.04 18.03
C ARG B 331 -0.03 19.05 19.37
N ALA B 332 -0.79 18.88 20.43
CA ALA B 332 -0.21 18.75 21.76
C ALA B 332 0.61 17.46 21.85
N TYR B 333 0.26 16.48 21.02
CA TYR B 333 0.94 15.20 20.99
C TYR B 333 2.26 15.25 20.22
N LYS B 334 2.26 15.99 19.11
CA LYS B 334 3.45 16.07 18.27
C LYS B 334 4.55 16.94 18.89
N GLN B 335 4.21 17.64 19.97
CA GLN B 335 5.19 18.50 20.66
C GLN B 335 5.87 17.83 21.86
N ARG B 336 5.55 16.56 22.11
CA ARG B 336 6.24 15.77 23.14
C ARG B 336 7.57 15.29 22.56
N GLY B 337 7.49 14.39 21.60
CA GLY B 337 8.64 13.95 20.84
C GLY B 337 9.24 12.61 21.22
N TYR B 338 9.02 12.16 22.44
CA TYR B 338 9.70 10.97 22.96
C TYR B 338 8.93 9.64 22.91
N ASP B 339 7.67 9.66 22.45
CA ASP B 339 6.85 8.46 22.46
C ASP B 339 7.33 7.37 21.50
N LEU B 340 7.10 6.12 21.86
CA LEU B 340 7.42 4.98 21.00
C LEU B 340 6.19 4.08 20.83
N GLN B 341 6.07 3.45 19.66
CA GLN B 341 4.92 2.57 19.38
C GLN B 341 4.99 1.27 20.17
N THR B 342 3.89 0.95 20.86
CA THR B 342 3.83 -0.21 21.76
C THR B 342 3.41 -1.52 21.07
N CYS B 343 2.91 -1.41 19.84
CA CYS B 343 2.48 -2.60 19.10
C CYS B 343 3.56 -3.09 18.16
N SER B 344 3.69 -4.41 18.05
CA SER B 344 4.63 -5.00 17.10
C SER B 344 4.24 -4.62 15.67
N SER B 345 5.23 -4.28 14.84
CA SER B 345 4.95 -3.91 13.46
C SER B 345 4.33 -5.06 12.69
N LEU B 346 4.80 -6.27 12.98
CA LEU B 346 4.25 -7.46 12.34
C LEU B 346 2.79 -7.65 12.74
N THR B 347 2.47 -7.29 13.99
CA THR B 347 1.09 -7.35 14.48
C THR B 347 0.19 -6.35 13.74
N GLN B 348 0.68 -5.11 13.61
CA GLN B 348 -0.03 -4.08 12.86
C GLN B 348 -0.29 -4.51 11.41
N LEU B 349 0.77 -4.90 10.73
CA LEU B 349 0.67 -5.32 9.32
C LEU B 349 -0.24 -6.54 9.16
N THR B 350 -0.15 -7.49 10.09
CA THR B 350 -1.03 -8.65 10.09
C THR B 350 -2.48 -8.19 10.22
N LEU B 351 -2.72 -7.23 11.09
CA LEU B 351 -4.07 -6.66 11.25
C LEU B 351 -4.56 -6.05 9.94
N GLN B 352 -3.69 -5.28 9.29
CA GLN B 352 -4.01 -4.63 8.01
C GLN B 352 -4.39 -5.67 6.96
N GLU B 353 -3.63 -6.76 6.93
CA GLU B 353 -3.94 -7.87 6.02
C GLU B 353 -5.26 -8.55 6.36
N PHE B 354 -5.57 -8.65 7.65
CA PHE B 354 -6.79 -9.29 8.10
C PHE B 354 -8.01 -8.46 7.71
N ILE B 355 -7.86 -7.14 7.81
CA ILE B 355 -8.94 -6.21 7.47
C ILE B 355 -9.15 -6.09 5.96
N GLU B 356 -8.07 -5.85 5.22
CA GLU B 356 -8.16 -5.56 3.80
C GLU B 356 -8.49 -6.78 2.93
N SER B 357 -8.24 -7.97 3.44
CA SER B 357 -8.56 -9.19 2.71
C SER B 357 -10.00 -9.62 2.97
N GLY B 358 -10.70 -8.86 3.82
CA GLY B 358 -12.11 -9.12 4.11
C GLY B 358 -12.33 -10.23 5.11
N GLU B 359 -11.24 -10.80 5.61
CA GLU B 359 -11.32 -11.89 6.59
C GLU B 359 -11.85 -11.41 7.94
N TYR B 360 -11.52 -10.17 8.29
CA TYR B 360 -11.97 -9.59 9.56
C TYR B 360 -13.49 -9.43 9.62
N GLN B 361 -14.08 -8.88 8.57
CA GLN B 361 -15.52 -8.64 8.55
C GLN B 361 -16.32 -9.95 8.47
N LYS B 362 -15.78 -10.94 7.76
CA LYS B 362 -16.32 -12.29 7.77
C LYS B 362 -16.32 -12.84 9.19
N HIS B 363 -15.17 -12.71 9.85
CA HIS B 363 -15.01 -13.12 11.24
C HIS B 363 -16.06 -12.47 12.15
N ILE B 364 -16.22 -11.16 12.01
CA ILE B 364 -17.17 -10.40 12.83
C ILE B 364 -18.60 -10.88 12.59
N LYS B 365 -18.94 -11.13 11.33
CA LYS B 365 -20.26 -11.65 10.98
C LYS B 365 -20.52 -12.99 11.68
N LYS B 366 -19.60 -13.93 11.46
CA LYS B 366 -19.71 -15.27 12.04
C LYS B 366 -19.82 -15.24 13.56
N MET B 367 -18.90 -14.54 14.21
CA MET B 367 -18.91 -14.42 15.66
C MET B 367 -20.16 -13.69 16.17
N LYS B 368 -20.72 -12.82 15.33
CA LYS B 368 -21.94 -12.10 15.68
C LYS B 368 -23.08 -13.10 15.79
N GLN B 369 -23.25 -13.90 14.75
CA GLN B 369 -24.26 -14.96 14.76
C GLN B 369 -24.07 -15.91 15.96
N HIS B 370 -22.83 -16.38 16.12
CA HIS B 370 -22.47 -17.30 17.19
C HIS B 370 -22.80 -16.76 18.59
N TYR B 371 -22.37 -15.54 18.85
CA TYR B 371 -22.64 -14.87 20.13
C TYR B 371 -24.12 -14.64 20.35
N LYS B 372 -24.84 -14.34 19.27
CA LYS B 372 -26.29 -14.19 19.35
C LYS B 372 -26.91 -15.49 19.87
N GLU B 373 -26.55 -16.59 19.21
CA GLU B 373 -27.03 -17.90 19.63
C GLU B 373 -26.67 -18.21 21.08
N LYS B 374 -25.42 -17.94 21.46
CA LYS B 374 -24.96 -18.25 22.81
C LYS B 374 -25.72 -17.46 23.88
N ARG B 375 -25.93 -16.17 23.63
CA ARG B 375 -26.67 -15.35 24.58
C ARG B 375 -28.10 -15.86 24.69
N GLU B 376 -28.67 -16.26 23.56
CA GLU B 376 -30.02 -16.83 23.56
C GLU B 376 -30.11 -18.10 24.42
N ARG B 377 -29.24 -19.07 24.16
CA ARG B 377 -29.22 -20.32 24.92
C ARG B 377 -28.99 -20.06 26.41
N LEU B 378 -28.10 -19.11 26.71
CA LEU B 378 -27.79 -18.73 28.08
C LEU B 378 -29.04 -18.20 28.79
N ILE B 379 -29.68 -17.19 28.20
CA ILE B 379 -30.90 -16.61 28.74
C ILE B 379 -31.98 -17.68 28.91
N THR B 380 -32.08 -18.59 27.96
CA THR B 380 -33.02 -19.71 28.05
C THR B 380 -32.76 -20.57 29.27
N ALA B 381 -31.49 -20.91 29.50
CA ALA B 381 -31.10 -21.70 30.66
C ALA B 381 -31.40 -20.97 31.96
N LEU B 382 -31.15 -19.67 31.98
CA LEU B 382 -31.41 -18.84 33.15
C LEU B 382 -32.89 -18.77 33.49
N GLU B 383 -33.73 -18.62 32.46
CA GLU B 383 -35.17 -18.56 32.65
C GLU B 383 -35.72 -19.91 33.04
N ALA B 384 -35.11 -20.97 32.53
CA ALA B 384 -35.49 -22.32 32.92
C ALA B 384 -35.21 -22.55 34.40
N GLU B 385 -33.98 -22.31 34.82
CA GLU B 385 -33.57 -22.57 36.20
C GLU B 385 -34.22 -21.63 37.22
N PHE B 386 -34.13 -20.33 36.95
CA PHE B 386 -34.59 -19.32 37.90
C PHE B 386 -36.04 -18.89 37.74
N SER B 387 -36.66 -19.26 36.62
CA SER B 387 -37.99 -18.76 36.29
C SER B 387 -38.09 -17.23 36.40
N GLY B 388 -39.09 -16.74 37.12
CA GLY B 388 -39.29 -15.31 37.25
C GLY B 388 -38.58 -14.67 38.43
N GLU B 389 -37.68 -15.41 39.06
CA GLU B 389 -36.93 -14.91 40.21
C GLU B 389 -35.62 -14.23 39.81
N VAL B 390 -35.30 -14.32 38.51
CA VAL B 390 -34.15 -13.58 37.97
C VAL B 390 -34.65 -12.48 37.05
N THR B 391 -33.97 -11.34 37.08
CA THR B 391 -34.27 -10.26 36.16
C THR B 391 -33.04 -9.95 35.33
N VAL B 392 -33.19 -10.02 34.01
CA VAL B 392 -32.09 -9.74 33.09
C VAL B 392 -32.13 -8.28 32.63
N LYS B 393 -31.05 -7.56 32.89
CA LYS B 393 -30.92 -6.15 32.52
C LYS B 393 -29.88 -6.01 31.42
N GLY B 394 -30.06 -4.99 30.58
CA GLY B 394 -29.13 -4.70 29.50
C GLY B 394 -29.66 -5.02 28.12
N ALA B 395 -29.12 -4.30 27.13
CA ALA B 395 -29.57 -4.44 25.74
C ALA B 395 -29.13 -5.76 25.14
N ASN B 396 -29.75 -6.16 24.04
CA ASN B 396 -29.32 -7.37 23.39
C ASN B 396 -28.22 -6.93 22.43
N ALA B 397 -26.98 -7.17 22.87
CA ALA B 397 -25.78 -6.63 22.26
C ALA B 397 -24.62 -6.97 23.18
N GLY B 398 -23.40 -6.84 22.69
CA GLY B 398 -22.23 -7.01 23.54
C GLY B 398 -22.04 -8.41 24.09
N LEU B 399 -20.98 -8.59 24.89
CA LEU B 399 -20.65 -9.90 25.43
C LEU B 399 -21.12 -10.16 26.86
N HIS B 400 -21.88 -9.21 27.42
CA HIS B 400 -22.33 -9.33 28.80
C HIS B 400 -23.73 -8.77 29.02
N PHE B 401 -24.40 -9.24 30.06
CA PHE B 401 -25.61 -8.58 30.54
C PHE B 401 -25.65 -8.63 32.07
N VAL B 402 -26.67 -8.04 32.67
CA VAL B 402 -26.75 -7.99 34.14
C VAL B 402 -27.86 -8.90 34.64
N THR B 403 -27.66 -9.53 35.80
CA THR B 403 -28.69 -10.38 36.38
C THR B 403 -28.92 -10.06 37.85
N GLU B 404 -30.18 -9.73 38.18
CA GLU B 404 -30.56 -9.53 39.58
C GLU B 404 -31.37 -10.73 40.05
N PHE B 405 -31.26 -11.04 41.33
CA PHE B 405 -31.97 -12.20 41.88
C PHE B 405 -32.80 -11.81 43.09
N ASP B 406 -33.89 -12.54 43.33
CA ASP B 406 -34.71 -12.27 44.50
C ASP B 406 -34.20 -13.14 45.63
N THR B 407 -33.56 -12.51 46.62
CA THR B 407 -32.98 -13.18 47.78
C THR B 407 -32.33 -12.13 48.68
N ARG B 408 -32.17 -12.47 49.96
CA ARG B 408 -31.54 -11.55 50.89
C ARG B 408 -30.07 -11.87 51.06
N ARG B 409 -29.64 -12.96 50.44
CA ARG B 409 -28.25 -13.39 50.52
C ARG B 409 -27.36 -12.34 49.86
N THR B 410 -26.34 -11.91 50.58
CA THR B 410 -25.45 -10.85 50.10
C THR B 410 -24.68 -11.32 48.87
N GLU B 411 -24.23 -10.35 48.08
CA GLU B 411 -23.40 -10.64 46.91
C GLU B 411 -22.19 -11.46 47.31
N GLN B 412 -21.59 -11.13 48.45
CA GLN B 412 -20.39 -11.81 48.93
C GLN B 412 -20.62 -13.30 49.14
N ASP B 413 -21.74 -13.65 49.78
CA ASP B 413 -22.10 -15.05 50.01
C ASP B 413 -22.16 -15.80 48.69
N ILE B 414 -22.81 -15.19 47.70
CA ILE B 414 -22.99 -15.80 46.39
C ILE B 414 -21.65 -16.00 45.70
N LEU B 415 -20.80 -14.98 45.78
CA LEU B 415 -19.48 -15.02 45.15
C LEU B 415 -18.61 -16.11 45.75
N SER B 416 -18.60 -16.21 47.07
CA SER B 416 -17.80 -17.22 47.76
C SER B 416 -18.33 -18.64 47.54
N HIS B 417 -19.65 -18.78 47.58
CA HIS B 417 -20.28 -20.09 47.36
C HIS B 417 -20.04 -20.56 45.93
N ALA B 418 -20.09 -19.64 44.98
CA ALA B 418 -19.79 -19.95 43.59
C ALA B 418 -18.31 -20.26 43.41
N ALA B 419 -17.47 -19.61 44.22
CA ALA B 419 -16.05 -19.88 44.21
C ALA B 419 -15.78 -21.31 44.65
N GLY B 420 -16.52 -21.75 45.66
CA GLY B 420 -16.43 -23.13 46.12
C GLY B 420 -16.97 -24.12 45.09
N LEU B 421 -17.79 -23.62 44.17
CA LEU B 421 -18.38 -24.46 43.14
C LEU B 421 -17.54 -24.48 41.87
N GLN B 422 -16.37 -23.86 41.92
CA GLN B 422 -15.51 -23.68 40.75
C GLN B 422 -16.22 -22.90 39.66
N LEU B 423 -17.12 -22.00 40.05
CA LEU B 423 -17.80 -21.12 39.12
C LEU B 423 -17.26 -19.70 39.23
N GLU B 424 -16.89 -19.12 38.09
CA GLU B 424 -16.28 -17.79 38.08
C GLU B 424 -17.28 -16.71 37.66
N ILE B 425 -17.66 -15.87 38.63
CA ILE B 425 -18.56 -14.74 38.38
C ILE B 425 -18.08 -13.51 39.12
N PHE B 426 -18.68 -12.37 38.80
CA PHE B 426 -18.37 -11.13 39.50
C PHE B 426 -19.66 -10.42 39.90
N GLY B 427 -19.65 -9.75 41.04
CA GLY B 427 -20.79 -8.95 41.46
C GLY B 427 -20.68 -7.56 40.87
N MET B 428 -21.79 -6.81 40.89
CA MET B 428 -21.81 -5.48 40.31
C MET B 428 -21.10 -4.46 41.17
N SER B 429 -20.88 -4.81 42.44
CA SER B 429 -20.27 -3.90 43.41
C SER B 429 -18.85 -3.50 43.04
N ARG B 430 -18.18 -4.32 42.23
CA ARG B 430 -16.83 -4.03 41.77
C ARG B 430 -16.81 -2.88 40.78
N PHE B 431 -17.98 -2.56 40.23
CA PHE B 431 -18.10 -1.49 39.25
C PHE B 431 -18.54 -0.17 39.88
N ASN B 432 -18.70 -0.18 41.20
CA ASN B 432 -18.93 1.04 41.95
C ASN B 432 -17.63 1.80 42.17
N LEU B 433 -17.58 3.05 41.68
CA LEU B 433 -16.38 3.87 41.82
C LEU B 433 -16.36 4.45 43.23
N LYS B 434 -17.52 4.90 43.68
CA LYS B 434 -17.71 5.28 45.08
C LYS B 434 -18.76 4.36 45.68
N GLU B 435 -18.49 3.87 46.89
CA GLU B 435 -19.37 2.90 47.54
C GLU B 435 -20.72 3.54 47.87
N ASN B 436 -21.80 2.84 47.56
CA ASN B 436 -23.14 3.34 47.86
C ASN B 436 -24.03 2.34 48.57
N LYS B 437 -24.39 2.64 49.82
CA LYS B 437 -25.53 1.97 50.44
C LYS B 437 -26.40 2.94 51.24
N ARG B 438 -27.62 3.24 50.81
CA ARG B 438 -28.13 3.17 49.42
C ARG B 438 -27.98 1.90 48.56
N GLN B 439 -28.70 0.84 48.89
CA GLN B 439 -29.35 0.66 50.19
C GLN B 439 -29.10 -0.77 50.71
N THR B 440 -29.63 -1.72 49.96
CA THR B 440 -29.65 -3.14 50.29
C THR B 440 -29.69 -3.87 48.97
N GLY B 441 -30.06 -5.14 49.00
CA GLY B 441 -30.28 -5.89 47.78
C GLY B 441 -31.43 -5.29 46.97
N ARG B 442 -31.76 -5.89 45.83
CA ARG B 442 -31.31 -7.22 45.44
C ARG B 442 -29.86 -7.30 44.96
N PRO B 443 -29.21 -8.45 45.21
CA PRO B 443 -27.83 -8.65 44.74
C PRO B 443 -27.81 -8.79 43.22
N ALA B 444 -26.71 -8.37 42.61
CA ALA B 444 -26.61 -8.42 41.16
C ALA B 444 -25.26 -8.95 40.68
N LEU B 445 -25.27 -9.64 39.55
CA LEU B 445 -24.06 -10.17 38.95
C LEU B 445 -23.94 -9.69 37.51
N ILE B 446 -22.71 -9.53 37.03
CA ILE B 446 -22.47 -9.33 35.62
C ILE B 446 -22.16 -10.68 34.98
N ILE B 447 -22.87 -11.00 33.90
CA ILE B 447 -22.70 -12.27 33.23
C ILE B 447 -22.13 -12.06 31.84
N GLY B 448 -20.85 -12.39 31.65
CA GLY B 448 -20.29 -12.50 30.31
C GLY B 448 -20.46 -13.91 29.74
N PHE B 449 -20.81 -14.00 28.47
CA PHE B 449 -20.82 -15.26 27.75
C PHE B 449 -19.64 -15.48 26.80
N ALA B 450 -18.75 -14.49 26.72
CA ALA B 450 -17.66 -14.45 25.74
C ALA B 450 -16.86 -15.75 25.66
N ARG B 451 -16.12 -16.08 26.70
CA ARG B 451 -15.50 -17.39 26.72
C ARG B 451 -16.37 -18.24 27.62
N LEU B 452 -17.23 -19.01 26.99
CA LEU B 452 -18.07 -20.00 27.64
C LEU B 452 -18.40 -21.01 26.57
N LYS B 453 -18.44 -22.29 26.92
CA LYS B 453 -18.88 -23.29 25.96
C LYS B 453 -20.37 -23.52 26.16
N GLU B 454 -21.11 -23.68 25.07
CA GLU B 454 -22.55 -23.91 25.13
C GLU B 454 -22.84 -25.19 25.93
N GLU B 455 -22.00 -26.19 25.72
CA GLU B 455 -22.10 -27.44 26.47
C GLU B 455 -21.90 -27.22 27.96
N ASP B 456 -21.18 -26.15 28.31
CA ASP B 456 -20.95 -25.79 29.70
C ASP B 456 -22.04 -24.90 30.27
N ILE B 457 -22.97 -24.47 29.42
CA ILE B 457 -24.00 -23.53 29.86
C ILE B 457 -24.90 -24.06 30.96
N GLN B 458 -25.55 -25.20 30.71
CA GLN B 458 -26.54 -25.74 31.64
C GLN B 458 -25.95 -25.89 33.04
N GLU B 459 -24.89 -26.70 33.16
CA GLU B 459 -24.21 -26.90 34.43
C GLU B 459 -23.81 -25.57 35.06
N GLY B 460 -23.37 -24.63 34.23
CA GLY B 460 -23.02 -23.30 34.70
C GLY B 460 -24.19 -22.67 35.43
N VAL B 461 -25.33 -22.64 34.74
CA VAL B 461 -26.56 -22.11 35.33
C VAL B 461 -26.99 -22.96 36.52
N GLN B 462 -26.61 -24.24 36.51
CA GLN B 462 -26.91 -25.12 37.64
C GLN B 462 -25.93 -24.88 38.79
N ARG B 463 -24.73 -24.41 38.46
CA ARG B 463 -23.76 -24.04 39.49
C ARG B 463 -24.08 -22.67 40.06
N LEU B 464 -24.69 -21.83 39.22
CA LEU B 464 -25.39 -20.67 39.73
C LEU B 464 -26.64 -21.23 40.39
N PHE B 465 -27.45 -20.36 40.98
CA PHE B 465 -28.71 -20.73 41.64
C PHE B 465 -28.46 -21.43 42.97
N LYS B 466 -27.26 -22.00 43.15
CA LYS B 466 -26.75 -22.28 44.47
C LYS B 466 -25.26 -21.96 44.52
N ALA B 467 -24.87 -20.86 45.15
CA ALA B 467 -25.71 -19.69 45.36
C ALA B 467 -25.99 -19.13 43.95
N VAL B 468 -27.00 -18.29 43.72
CA VAL B 468 -27.61 -17.32 44.65
C VAL B 468 -28.33 -17.80 45.92
N TYR B 469 -28.88 -19.01 45.90
CA TYR B 469 -29.53 -19.54 47.09
C TYR B 469 -28.55 -20.48 47.78
N GLY B 470 -28.43 -20.43 49.10
CA GLY B 470 -27.47 -21.30 49.73
C GLY B 470 -27.91 -22.73 49.52
N HIS B 471 -27.07 -23.47 48.79
CA HIS B 471 -27.27 -24.90 48.52
C HIS B 471 -28.52 -25.25 47.68
N LYS B 472 -29.43 -24.28 47.57
CA LYS B 472 -30.72 -24.33 46.83
C LYS B 472 -31.76 -23.48 47.55
N MET C 1 44.99 -17.22 -5.99
CA MET C 1 43.87 -16.35 -5.64
C MET C 1 43.69 -16.26 -4.12
N ASP C 2 44.13 -15.15 -3.52
CA ASP C 2 43.75 -14.91 -2.13
C ASP C 2 42.84 -13.68 -2.06
N ILE C 3 41.54 -13.92 -2.02
CA ILE C 3 40.55 -12.89 -1.69
C ILE C 3 39.88 -13.02 -0.31
N THR C 4 40.18 -14.10 0.41
CA THR C 4 39.53 -14.45 1.69
C THR C 4 38.00 -14.27 1.77
N ILE C 5 37.26 -15.13 1.08
CA ILE C 5 35.79 -15.05 1.03
C ILE C 5 35.09 -15.46 2.33
N THR C 6 34.18 -14.61 2.80
CA THR C 6 33.43 -14.87 4.03
C THR C 6 31.94 -15.12 3.75
N LEU C 7 31.41 -16.20 4.31
CA LEU C 7 30.05 -16.67 4.00
C LEU C 7 29.02 -16.31 5.08
N ASP C 8 27.80 -16.00 4.64
CA ASP C 8 26.67 -15.79 5.54
C ASP C 8 25.82 -17.05 5.55
N ARG C 9 25.83 -17.78 6.66
CA ARG C 9 25.22 -19.11 6.73
C ARG C 9 23.78 -19.15 7.27
N SER C 10 23.21 -17.98 7.55
CA SER C 10 21.81 -17.91 7.99
C SER C 10 20.87 -18.35 6.86
N GLU C 11 19.66 -18.78 7.22
CA GLU C 11 18.71 -19.24 6.21
C GLU C 11 17.91 -18.08 5.60
N GLN C 12 18.15 -16.88 6.10
CA GLN C 12 17.57 -15.67 5.51
C GLN C 12 18.52 -15.13 4.44
N ALA C 13 19.73 -15.67 4.42
CA ALA C 13 20.76 -15.22 3.49
C ALA C 13 20.50 -15.68 2.07
N ASP C 14 21.16 -15.04 1.11
CA ASP C 14 21.19 -15.52 -0.27
C ASP C 14 21.88 -16.87 -0.29
N TYR C 15 21.62 -17.66 -1.33
CA TYR C 15 22.23 -18.99 -1.44
C TYR C 15 23.74 -18.87 -1.48
N ILE C 16 24.43 -19.93 -1.05
CA ILE C 16 25.89 -19.91 -0.96
C ILE C 16 26.56 -19.66 -2.31
N TYR C 17 26.13 -20.36 -3.35
CA TYR C 17 26.71 -20.16 -4.68
C TYR C 17 26.53 -18.71 -5.14
N GLN C 18 25.40 -18.12 -4.77
CA GLN C 18 25.12 -16.72 -5.09
C GLN C 18 26.08 -15.77 -4.38
N GLN C 19 26.33 -16.01 -3.09
CA GLN C 19 27.30 -15.22 -2.34
C GLN C 19 28.71 -15.36 -2.95
N ILE C 20 29.07 -16.59 -3.32
CA ILE C 20 30.38 -16.84 -3.93
C ILE C 20 30.55 -16.08 -5.23
N TYR C 21 29.59 -16.20 -6.15
CA TYR C 21 29.72 -15.51 -7.44
C TYR C 21 29.52 -13.99 -7.35
N GLN C 22 28.80 -13.53 -6.34
CA GLN C 22 28.69 -12.09 -6.07
C GLN C 22 30.04 -11.54 -5.63
N LYS C 23 30.65 -12.22 -4.67
CA LYS C 23 31.97 -11.83 -4.19
C LYS C 23 32.99 -11.84 -5.34
N LEU C 24 32.96 -12.89 -6.14
CA LEU C 24 33.89 -13.03 -7.26
C LEU C 24 33.66 -11.96 -8.32
N LYS C 25 32.41 -11.63 -8.60
CA LYS C 25 32.09 -10.54 -9.51
C LYS C 25 32.65 -9.22 -9.00
N LYS C 26 32.42 -8.94 -7.72
CA LYS C 26 32.89 -7.70 -7.10
C LYS C 26 34.41 -7.60 -7.17
N GLU C 27 35.09 -8.72 -6.91
CA GLU C 27 36.55 -8.74 -6.85
C GLU C 27 37.22 -8.79 -8.23
N ILE C 28 36.48 -9.22 -9.25
CA ILE C 28 36.96 -9.14 -10.62
C ILE C 28 36.77 -7.72 -11.16
N LEU C 29 35.62 -7.13 -10.83
CA LEU C 29 35.27 -5.78 -11.25
C LEU C 29 36.17 -4.72 -10.64
N SER C 30 36.70 -4.98 -9.44
CA SER C 30 37.52 -4.02 -8.71
C SER C 30 39.01 -4.22 -8.99
N ARG C 31 39.31 -5.12 -9.92
CA ARG C 31 40.68 -5.39 -10.37
C ARG C 31 41.54 -6.16 -9.35
N ASN C 32 40.98 -6.41 -8.17
CA ASN C 32 41.68 -7.19 -7.14
C ASN C 32 42.06 -8.60 -7.62
N LEU C 33 41.21 -9.18 -8.47
CA LEU C 33 41.57 -10.37 -9.21
C LEU C 33 42.02 -9.96 -10.62
N LEU C 34 43.30 -10.17 -10.92
CA LEU C 34 43.86 -9.73 -12.20
C LEU C 34 43.29 -10.50 -13.39
N PRO C 35 43.17 -9.82 -14.54
CA PRO C 35 42.76 -10.46 -15.80
C PRO C 35 43.64 -11.66 -16.13
N HIS C 36 43.03 -12.74 -16.62
CA HIS C 36 43.76 -13.93 -17.06
C HIS C 36 44.45 -14.71 -15.94
N SER C 37 44.40 -14.19 -14.71
CA SER C 37 44.86 -14.92 -13.55
C SER C 37 43.96 -16.13 -13.37
N LYS C 38 44.45 -17.18 -12.72
CA LYS C 38 43.64 -18.38 -12.56
C LYS C 38 42.78 -18.31 -11.31
N VAL C 39 41.95 -19.34 -11.13
CA VAL C 39 41.02 -19.42 -10.02
C VAL C 39 41.04 -20.88 -9.60
N PRO C 40 40.90 -21.15 -8.29
CA PRO C 40 41.05 -22.53 -7.79
C PRO C 40 40.09 -23.52 -8.44
N SER C 41 40.45 -24.80 -8.39
CA SER C 41 39.55 -25.83 -8.88
C SER C 41 38.33 -25.86 -7.98
N LYS C 42 37.22 -26.40 -8.47
CA LYS C 42 35.99 -26.45 -7.70
C LYS C 42 36.19 -27.10 -6.33
N ARG C 43 36.91 -28.21 -6.32
CA ARG C 43 37.16 -28.96 -5.08
C ARG C 43 38.01 -28.17 -4.09
N GLU C 44 39.04 -27.51 -4.61
CA GLU C 44 39.94 -26.70 -3.77
C GLU C 44 39.21 -25.56 -3.07
N LEU C 45 38.49 -24.75 -3.85
CA LEU C 45 37.73 -23.63 -3.29
C LEU C 45 36.61 -24.12 -2.39
N ALA C 46 36.03 -25.27 -2.74
CA ALA C 46 35.00 -25.89 -1.91
C ALA C 46 35.54 -26.20 -0.52
N GLU C 47 36.69 -26.86 -0.46
CA GLU C 47 37.32 -27.18 0.81
C GLU C 47 37.75 -25.92 1.57
N ASN C 48 38.31 -24.95 0.87
CA ASN C 48 38.73 -23.71 1.51
C ASN C 48 37.55 -22.97 2.16
N LEU C 49 36.40 -23.01 1.51
CA LEU C 49 35.21 -22.32 2.01
C LEU C 49 34.37 -23.20 2.93
N LYS C 50 34.75 -24.46 3.05
CA LYS C 50 33.98 -25.45 3.81
C LYS C 50 32.53 -25.49 3.36
N VAL C 51 32.32 -25.97 2.14
CA VAL C 51 31.00 -25.97 1.53
C VAL C 51 30.93 -27.07 0.47
N SER C 52 29.72 -27.45 0.06
CA SER C 52 29.55 -28.43 -1.01
C SER C 52 30.23 -27.96 -2.28
N VAL C 53 30.82 -28.90 -3.02
CA VAL C 53 31.50 -28.58 -4.27
C VAL C 53 30.48 -28.17 -5.33
N ASN C 54 29.24 -28.60 -5.16
CA ASN C 54 28.16 -28.24 -6.08
C ASN C 54 27.84 -26.75 -6.07
N SER C 55 27.99 -26.13 -4.90
CA SER C 55 27.78 -24.69 -4.76
C SER C 55 28.84 -23.93 -5.55
N VAL C 56 30.10 -24.31 -5.35
CA VAL C 56 31.21 -23.73 -6.10
C VAL C 56 31.02 -23.94 -7.61
N ASN C 57 30.52 -25.11 -7.99
CA ASN C 57 30.22 -25.40 -9.39
C ASN C 57 29.16 -24.45 -9.93
N SER C 58 28.08 -24.24 -9.19
CA SER C 58 27.02 -23.34 -9.61
C SER C 58 27.52 -21.90 -9.75
N ALA C 59 28.31 -21.46 -8.78
CA ALA C 59 28.89 -20.11 -8.85
C ALA C 59 29.75 -19.96 -10.10
N TYR C 60 30.64 -20.93 -10.32
CA TYR C 60 31.50 -20.94 -11.50
C TYR C 60 30.67 -20.91 -12.79
N GLN C 61 29.60 -21.69 -12.82
CA GLN C 61 28.74 -21.73 -13.99
C GLN C 61 28.11 -20.37 -14.26
N GLN C 62 27.70 -19.70 -13.18
CA GLN C 62 27.15 -18.35 -13.29
C GLN C 62 28.18 -17.41 -13.91
N LEU C 63 29.37 -17.38 -13.33
CA LEU C 63 30.44 -16.51 -13.79
C LEU C 63 30.84 -16.77 -15.24
N LEU C 64 30.87 -18.04 -15.62
CA LEU C 64 31.17 -18.41 -17.01
C LEU C 64 30.07 -17.91 -17.94
N ALA C 65 28.82 -18.18 -17.56
CA ALA C 65 27.67 -17.79 -18.37
C ALA C 65 27.57 -16.29 -18.59
N GLU C 66 28.01 -15.50 -17.60
CA GLU C 66 27.99 -14.04 -17.78
C GLU C 66 29.29 -13.50 -18.38
N GLY C 67 30.34 -14.31 -18.42
CA GLY C 67 31.60 -13.90 -19.03
C GLY C 67 32.60 -13.25 -18.08
N TYR C 68 32.42 -13.44 -16.78
CA TYR C 68 33.42 -13.02 -15.81
C TYR C 68 34.57 -14.01 -15.79
N LEU C 69 34.23 -15.28 -16.03
CA LEU C 69 35.24 -16.32 -16.13
C LEU C 69 35.21 -16.93 -17.53
N TYR C 70 36.36 -17.44 -17.98
CA TYR C 70 36.39 -18.30 -19.15
C TYR C 70 37.09 -19.60 -18.82
N ALA C 71 36.88 -20.62 -19.65
CA ALA C 71 37.47 -21.93 -19.39
C ALA C 71 38.36 -22.37 -20.54
N ILE C 72 39.47 -23.01 -20.21
CA ILE C 72 40.34 -23.62 -21.20
C ILE C 72 40.31 -25.11 -20.95
N GLU C 73 40.54 -25.92 -21.99
CA GLU C 73 40.44 -27.39 -21.89
C GLU C 73 41.23 -27.90 -20.68
N ARG C 74 42.36 -27.25 -20.39
CA ARG C 74 43.02 -27.38 -19.10
C ARG C 74 43.78 -26.09 -18.73
N LYS C 75 43.76 -25.67 -17.46
CA LYS C 75 42.77 -26.01 -16.43
C LYS C 75 42.82 -24.94 -15.32
N GLY C 76 41.73 -24.78 -14.58
CA GLY C 76 40.38 -24.95 -15.09
C GLY C 76 39.84 -23.69 -15.73
N PHE C 77 39.94 -22.59 -14.99
CA PHE C 77 39.21 -21.36 -15.30
C PHE C 77 40.03 -20.12 -15.04
N PHE C 78 39.84 -19.10 -15.88
CA PHE C 78 40.59 -17.85 -15.76
C PHE C 78 39.67 -16.65 -15.69
N VAL C 79 40.19 -15.55 -15.17
CA VAL C 79 39.44 -14.29 -15.06
C VAL C 79 39.49 -13.57 -16.40
N GLU C 80 38.32 -13.30 -16.98
CA GLU C 80 38.27 -12.63 -18.27
C GLU C 80 38.76 -11.19 -18.17
N GLU C 81 39.37 -10.70 -19.25
CA GLU C 81 39.83 -9.32 -19.29
C GLU C 81 38.67 -8.40 -19.62
N LEU C 82 38.37 -7.48 -18.70
CA LEU C 82 37.29 -6.52 -18.89
C LEU C 82 37.87 -5.11 -18.86
N ASP C 83 37.42 -4.26 -19.79
CA ASP C 83 37.81 -2.87 -19.80
C ASP C 83 37.39 -2.22 -18.49
N MET C 84 38.22 -1.31 -17.98
CA MET C 84 37.84 -0.54 -16.80
C MET C 84 36.73 0.44 -17.20
N PHE C 85 35.95 0.88 -16.22
CA PHE C 85 34.90 1.86 -16.50
C PHE C 85 35.50 3.24 -16.72
N SER C 86 34.66 4.23 -17.01
CA SER C 86 35.10 5.60 -17.20
C SER C 86 35.46 6.25 -15.85
N ALA C 87 36.44 7.17 -15.77
CA ALA C 87 36.90 8.12 -16.83
C ALA C 87 35.92 9.21 -17.27
N GLU C 88 35.90 10.31 -16.50
CA GLU C 88 34.84 11.35 -16.41
C GLU C 88 33.85 11.15 -15.26
N GLU C 89 34.06 10.09 -14.49
CA GLU C 89 33.39 9.85 -13.22
C GLU C 89 31.86 9.81 -13.30
N HIS C 90 31.17 10.32 -12.29
CA HIS C 90 29.75 9.98 -12.15
C HIS C 90 28.83 11.18 -11.93
N PRO C 91 27.64 11.14 -12.56
CA PRO C 91 26.53 12.01 -12.18
C PRO C 91 25.97 11.53 -10.85
N PRO C 92 25.30 12.42 -10.10
CA PRO C 92 24.73 12.01 -8.80
C PRO C 92 23.55 11.07 -9.02
N PHE C 93 22.89 10.67 -7.94
CA PHE C 93 21.66 9.89 -8.09
C PHE C 93 20.47 10.82 -7.98
N ALA C 94 20.18 11.29 -6.76
CA ALA C 94 19.35 12.46 -6.53
C ALA C 94 17.99 12.34 -7.30
N LEU C 95 17.34 13.37 -7.89
CA LEU C 95 17.42 14.81 -7.64
C LEU C 95 16.06 15.42 -7.37
N PRO C 96 15.98 16.32 -6.37
CA PRO C 96 14.73 17.00 -6.02
C PRO C 96 14.13 17.75 -7.22
N ASP C 97 12.81 17.95 -7.18
CA ASP C 97 11.99 18.52 -8.25
C ASP C 97 11.74 17.53 -9.39
N ASP C 98 12.60 16.53 -9.53
CA ASP C 98 12.25 15.28 -10.21
C ASP C 98 11.59 14.33 -9.21
N LEU C 99 12.01 14.45 -7.96
CA LEU C 99 11.45 13.68 -6.85
C LEU C 99 10.21 14.40 -6.38
N LYS C 100 9.84 15.46 -7.11
CA LYS C 100 8.72 16.31 -6.73
C LYS C 100 7.40 15.57 -6.71
N GLU C 101 7.45 14.31 -7.12
CA GLU C 101 6.33 13.43 -6.89
C GLU C 101 6.29 13.27 -5.39
N ILE C 102 5.18 13.67 -4.79
CA ILE C 102 5.06 13.68 -3.34
C ILE C 102 3.77 12.96 -2.97
N HIS C 103 3.90 11.87 -2.21
CA HIS C 103 2.75 11.07 -1.84
C HIS C 103 2.01 11.79 -0.72
N ILE C 104 0.75 12.13 -0.98
CA ILE C 104 -0.05 12.86 0.00
C ILE C 104 -1.43 12.20 0.09
N ASP C 105 -2.10 12.42 1.23
CA ASP C 105 -3.43 11.89 1.49
C ASP C 105 -4.37 12.14 0.33
N GLN C 106 -4.58 13.42 0.00
CA GLN C 106 -5.51 13.86 -1.04
C GLN C 106 -6.96 13.65 -0.58
N SER C 107 -7.11 13.10 0.62
CA SER C 107 -8.43 12.89 1.21
C SER C 107 -9.18 14.22 1.26
N ASP C 108 -10.36 14.21 0.66
CA ASP C 108 -11.18 15.41 0.52
C ASP C 108 -10.45 16.67 0.03
N TRP C 109 -9.69 16.49 -1.03
CA TRP C 109 -9.52 17.52 -2.03
C TRP C 109 -10.88 17.48 -2.71
N ILE C 110 -11.28 18.55 -3.39
CA ILE C 110 -12.51 18.50 -4.17
C ILE C 110 -12.19 18.72 -5.64
N SER C 111 -12.74 17.87 -6.50
CA SER C 111 -12.39 17.91 -7.92
C SER C 111 -13.53 18.36 -8.81
N PHE C 112 -13.30 19.46 -9.52
CA PHE C 112 -14.19 19.91 -10.58
C PHE C 112 -13.70 19.44 -11.95
N SER C 113 -12.67 18.59 -11.94
CA SER C 113 -12.06 18.06 -13.17
C SER C 113 -13.08 17.39 -14.10
N HIS C 114 -12.88 17.61 -15.40
CA HIS C 114 -13.73 17.03 -16.43
C HIS C 114 -13.25 15.64 -16.84
N MET C 115 -12.01 15.30 -16.46
CA MET C 115 -11.44 14.01 -16.83
C MET C 115 -12.00 12.87 -15.98
N SER C 116 -12.47 11.84 -16.66
CA SER C 116 -13.21 10.72 -16.07
C SER C 116 -12.42 9.92 -15.05
N SER C 117 -13.09 9.27 -14.08
CA SER C 117 -14.55 9.29 -13.93
C SER C 117 -14.98 9.25 -12.48
N ASP C 118 -16.28 9.04 -12.27
CA ASP C 118 -16.82 8.84 -10.93
C ASP C 118 -16.09 7.67 -10.29
N THR C 119 -15.52 7.89 -9.10
CA THR C 119 -14.81 6.83 -8.40
C THR C 119 -15.69 5.62 -8.10
N ASP C 120 -16.59 5.79 -7.14
CA ASP C 120 -17.31 4.66 -6.54
C ASP C 120 -18.36 4.04 -7.46
N HIS C 121 -18.61 4.66 -8.60
CA HIS C 121 -19.68 4.24 -9.49
C HIS C 121 -19.40 2.96 -10.28
N PHE C 122 -18.14 2.52 -10.30
CA PHE C 122 -17.74 1.36 -11.11
C PHE C 122 -18.55 0.13 -10.72
N PRO C 123 -19.33 -0.40 -11.68
CA PRO C 123 -20.29 -1.49 -11.44
C PRO C 123 -19.58 -2.81 -11.22
N ILE C 124 -18.79 -2.88 -10.15
CA ILE C 124 -17.79 -3.93 -9.96
C ILE C 124 -18.32 -5.36 -9.86
N LYS C 125 -19.49 -5.53 -9.24
CA LYS C 125 -20.05 -6.87 -9.05
C LYS C 125 -20.56 -7.48 -10.36
N SER C 126 -21.38 -6.70 -11.06
CA SER C 126 -21.88 -7.09 -12.37
C SER C 126 -20.71 -7.34 -13.31
N TRP C 127 -19.73 -6.44 -13.26
CA TRP C 127 -18.52 -6.53 -14.07
C TRP C 127 -17.76 -7.82 -13.80
N PHE C 128 -17.65 -8.20 -12.53
CA PHE C 128 -16.95 -9.43 -12.16
C PHE C 128 -17.73 -10.68 -12.54
N ARG C 129 -19.06 -10.62 -12.48
CA ARG C 129 -19.87 -11.74 -12.94
C ARG C 129 -19.68 -11.95 -14.44
N CYS C 130 -19.71 -10.85 -15.19
CA CYS C 130 -19.45 -10.89 -16.62
C CYS C 130 -18.04 -11.39 -16.93
N GLU C 131 -17.08 -11.03 -16.09
CA GLU C 131 -15.70 -11.50 -16.30
C GLU C 131 -15.58 -12.99 -16.03
N GLN C 132 -16.28 -13.46 -15.00
CA GLN C 132 -16.29 -14.88 -14.67
C GLN C 132 -16.95 -15.71 -15.76
N LYS C 133 -18.06 -15.23 -16.31
CA LYS C 133 -18.72 -15.95 -17.39
C LYS C 133 -17.87 -15.92 -18.67
N ALA C 134 -17.31 -14.75 -18.96
CA ALA C 134 -16.42 -14.58 -20.11
C ALA C 134 -15.25 -15.55 -20.04
N ALA C 135 -14.67 -15.69 -18.85
CA ALA C 135 -13.58 -16.63 -18.64
C ALA C 135 -14.09 -18.06 -18.75
N SER C 136 -15.28 -18.31 -18.23
CA SER C 136 -15.89 -19.63 -18.25
C SER C 136 -16.00 -20.15 -19.68
N ARG C 137 -16.41 -19.27 -20.59
CA ARG C 137 -16.47 -19.62 -22.00
C ARG C 137 -15.09 -19.63 -22.64
N SER C 138 -14.50 -18.45 -22.74
CA SER C 138 -13.33 -18.20 -23.58
C SER C 138 -11.92 -18.29 -22.95
N TYR C 139 -11.79 -18.72 -21.70
CA TYR C 139 -10.44 -18.88 -21.12
C TYR C 139 -9.55 -19.79 -21.97
N ARG C 140 -10.18 -20.71 -22.68
CA ARG C 140 -9.50 -21.71 -23.49
C ARG C 140 -9.25 -21.21 -24.91
N THR C 141 -9.50 -19.92 -25.13
CA THR C 141 -9.77 -19.37 -26.46
C THR C 141 -8.78 -19.71 -27.56
N LEU C 142 -9.31 -20.29 -28.65
CA LEU C 142 -8.67 -20.31 -29.96
C LEU C 142 -7.16 -20.61 -29.91
N GLY C 143 -6.38 -19.70 -30.49
CA GLY C 143 -4.93 -19.70 -30.39
C GLY C 143 -4.50 -18.66 -29.38
N ASP C 144 -5.37 -18.36 -28.41
CA ASP C 144 -5.32 -17.16 -27.56
C ASP C 144 -5.37 -15.86 -28.35
N MET C 145 -6.56 -15.53 -28.85
CA MET C 145 -6.71 -14.58 -29.94
C MET C 145 -6.04 -13.25 -29.65
N SER C 146 -5.03 -12.98 -30.46
CA SER C 146 -4.19 -11.81 -30.34
C SER C 146 -4.56 -10.73 -31.33
N HIS C 147 -5.64 -10.93 -32.07
CA HIS C 147 -5.91 -10.18 -33.30
C HIS C 147 -5.72 -8.68 -33.12
N PRO C 148 -4.90 -8.09 -34.00
CA PRO C 148 -4.43 -6.70 -33.94
C PRO C 148 -5.57 -5.68 -33.80
N GLN C 149 -6.68 -5.90 -34.49
CA GLN C 149 -7.84 -5.01 -34.38
C GLN C 149 -8.67 -5.32 -33.15
N GLY C 150 -8.33 -6.43 -32.48
CA GLY C 150 -9.10 -6.89 -31.34
C GLY C 150 -9.90 -8.11 -31.71
N ILE C 151 -10.37 -8.84 -30.69
CA ILE C 151 -11.16 -10.05 -30.90
C ILE C 151 -12.45 -9.74 -31.68
N TYR C 152 -12.68 -10.49 -32.76
CA TYR C 152 -13.76 -10.21 -33.70
C TYR C 152 -15.14 -10.16 -33.05
N GLU C 153 -15.38 -11.03 -32.08
CA GLU C 153 -16.68 -11.09 -31.43
C GLU C 153 -16.93 -9.83 -30.59
N VAL C 154 -15.87 -9.33 -29.97
CA VAL C 154 -15.94 -8.10 -29.18
C VAL C 154 -16.23 -6.91 -30.09
N ARG C 155 -15.53 -6.86 -31.22
CA ARG C 155 -15.74 -5.83 -32.22
C ARG C 155 -17.16 -5.89 -32.78
N ALA C 156 -17.69 -7.11 -32.93
CA ALA C 156 -19.05 -7.31 -33.40
C ALA C 156 -20.04 -6.77 -32.38
N ALA C 157 -19.77 -7.04 -31.10
CA ALA C 157 -20.60 -6.53 -30.01
C ALA C 157 -20.64 -5.01 -30.01
N ILE C 158 -19.46 -4.39 -30.04
CA ILE C 158 -19.37 -2.93 -30.10
C ILE C 158 -20.06 -2.37 -31.36
N THR C 159 -19.95 -3.08 -32.47
CA THR C 159 -20.60 -2.69 -33.72
C THR C 159 -22.12 -2.65 -33.58
N ARG C 160 -22.70 -3.74 -33.09
CA ARG C 160 -24.13 -3.78 -32.79
C ARG C 160 -24.52 -2.62 -31.88
N LEU C 161 -23.76 -2.47 -30.78
CA LEU C 161 -24.04 -1.43 -29.79
C LEU C 161 -24.11 -0.05 -30.41
N ILE C 162 -23.07 0.35 -31.13
CA ILE C 162 -23.02 1.68 -31.73
C ILE C 162 -23.98 1.84 -32.91
N SER C 163 -24.41 0.72 -33.48
CA SER C 163 -25.48 0.77 -34.47
C SER C 163 -26.75 1.25 -33.79
N LEU C 164 -27.06 0.65 -32.64
CA LEU C 164 -28.26 1.02 -31.90
C LEU C 164 -28.18 2.42 -31.28
N THR C 165 -27.08 2.71 -30.61
CA THR C 165 -26.92 3.98 -29.88
C THR C 165 -26.50 5.18 -30.74
N ARG C 166 -25.53 5.00 -31.62
CA ARG C 166 -25.01 6.13 -32.40
C ARG C 166 -25.53 6.24 -33.83
N GLY C 167 -26.27 5.24 -34.29
CA GLY C 167 -26.63 5.17 -35.70
C GLY C 167 -25.45 4.87 -36.61
N VAL C 168 -24.32 4.48 -36.03
CA VAL C 168 -23.13 4.14 -36.80
C VAL C 168 -23.27 2.74 -37.39
N LYS C 169 -23.21 2.63 -38.72
CA LYS C 169 -23.33 1.33 -39.37
C LYS C 169 -22.04 0.94 -40.08
N CYS C 170 -21.38 -0.10 -39.56
CA CYS C 170 -20.12 -0.59 -40.10
C CYS C 170 -20.05 -2.10 -39.95
N ARG C 171 -19.12 -2.72 -40.66
CA ARG C 171 -18.78 -4.11 -40.39
C ARG C 171 -17.66 -4.17 -39.37
N PRO C 172 -17.65 -5.22 -38.52
CA PRO C 172 -16.63 -5.39 -37.48
C PRO C 172 -15.21 -5.35 -38.04
N GLU C 173 -15.04 -5.66 -39.32
CA GLU C 173 -13.75 -5.60 -39.99
C GLU C 173 -13.16 -4.20 -40.02
N GLN C 174 -14.01 -3.18 -39.90
CA GLN C 174 -13.56 -1.80 -39.99
C GLN C 174 -13.18 -1.22 -38.63
N MET C 175 -13.47 -1.95 -37.57
CA MET C 175 -13.24 -1.45 -36.22
C MET C 175 -11.84 -1.79 -35.71
N ILE C 176 -11.22 -0.85 -35.01
CA ILE C 176 -9.94 -1.10 -34.35
C ILE C 176 -9.95 -0.67 -32.89
N ILE C 177 -9.79 -1.65 -32.00
CA ILE C 177 -9.56 -1.45 -30.58
C ILE C 177 -8.04 -1.27 -30.46
N GLY C 178 -7.53 -0.39 -29.60
CA GLY C 178 -8.26 0.26 -28.52
C GLY C 178 -7.27 0.82 -27.50
N ALA C 179 -7.71 0.88 -26.24
CA ALA C 179 -6.88 1.36 -25.13
C ALA C 179 -6.47 2.82 -25.22
N GLY C 180 -7.45 3.68 -25.45
CA GLY C 180 -7.24 5.11 -25.50
C GLY C 180 -7.35 5.70 -26.88
N THR C 181 -7.64 7.01 -26.93
CA THR C 181 -7.82 7.70 -28.20
C THR C 181 -6.49 8.07 -28.84
N GLN C 182 -5.49 8.40 -28.03
CA GLN C 182 -4.20 8.86 -28.55
C GLN C 182 -3.43 7.81 -29.33
N VAL C 183 -3.53 6.55 -28.91
CA VAL C 183 -2.89 5.45 -29.64
C VAL C 183 -3.56 5.20 -31.00
N LEU C 184 -4.88 5.19 -31.00
CA LEU C 184 -5.65 5.02 -32.23
C LEU C 184 -5.44 6.18 -33.19
N MET C 185 -5.33 7.38 -32.64
CA MET C 185 -5.05 8.58 -33.44
C MET C 185 -3.64 8.53 -34.00
N GLN C 186 -2.71 8.05 -33.18
CA GLN C 186 -1.32 7.87 -33.61
C GLN C 186 -1.27 6.90 -34.79
N LEU C 187 -2.07 5.85 -34.74
CA LEU C 187 -2.16 4.91 -35.85
C LEU C 187 -2.80 5.56 -37.07
N LEU C 188 -3.84 6.35 -36.83
CA LEU C 188 -4.62 6.98 -37.91
C LEU C 188 -3.79 7.99 -38.69
N THR C 189 -2.93 8.73 -37.98
CA THR C 189 -2.03 9.67 -38.62
C THR C 189 -1.10 8.96 -39.58
N GLU C 190 -0.73 7.73 -39.23
CA GLU C 190 0.14 6.92 -40.07
C GLU C 190 -0.64 6.25 -41.21
N LEU C 191 -1.96 6.11 -41.02
CA LEU C 191 -2.82 5.59 -42.09
C LEU C 191 -3.20 6.65 -43.13
N LEU C 192 -3.44 7.87 -42.67
CA LEU C 192 -3.75 9.00 -43.55
C LEU C 192 -2.51 9.41 -44.34
N PRO C 193 -2.69 10.17 -45.43
CA PRO C 193 -1.53 10.70 -46.17
C PRO C 193 -0.56 11.42 -45.24
N LYS C 194 0.74 11.21 -45.45
CA LYS C 194 1.77 11.74 -44.58
C LYS C 194 1.77 13.27 -44.54
N GLU C 195 1.59 13.89 -45.70
CA GLU C 195 1.62 15.34 -45.81
C GLU C 195 0.24 15.98 -45.71
N ALA C 196 -0.77 15.16 -45.40
CA ALA C 196 -2.13 15.65 -45.19
C ALA C 196 -2.16 16.76 -44.14
N VAL C 197 -2.89 17.84 -44.43
CA VAL C 197 -3.03 18.94 -43.49
C VAL C 197 -4.26 18.72 -42.61
N TYR C 198 -4.09 18.91 -41.31
CA TYR C 198 -5.15 18.68 -40.34
C TYR C 198 -5.73 20.02 -39.89
N ALA C 199 -7.01 20.02 -39.51
CA ALA C 199 -7.62 21.21 -38.92
C ALA C 199 -8.36 20.83 -37.64
N MET C 200 -8.13 21.58 -36.58
CA MET C 200 -8.85 21.31 -35.33
C MET C 200 -9.71 22.49 -34.90
N GLU C 201 -10.74 22.19 -34.13
CA GLU C 201 -11.61 23.23 -33.57
C GLU C 201 -10.84 24.12 -32.60
N GLU C 202 -11.06 25.43 -32.71
CA GLU C 202 -10.45 26.40 -31.81
C GLU C 202 -11.54 27.12 -31.03
N PRO C 203 -11.57 26.94 -29.69
CA PRO C 203 -10.71 26.07 -28.89
C PRO C 203 -11.09 24.60 -29.05
N GLY C 204 -10.18 23.70 -28.65
CA GLY C 204 -10.40 22.28 -28.85
C GLY C 204 -9.51 21.43 -27.96
N TYR C 205 -9.45 20.14 -28.26
CA TYR C 205 -8.69 19.20 -27.45
C TYR C 205 -7.20 19.50 -27.62
N ARG C 206 -6.53 19.78 -26.50
CA ARG C 206 -5.13 20.18 -26.54
C ARG C 206 -4.22 18.97 -26.75
N ARG C 207 -4.59 17.87 -26.12
CA ARG C 207 -3.86 16.61 -26.22
C ARG C 207 -3.70 16.15 -27.67
N MET C 208 -4.81 16.15 -28.41
CA MET C 208 -4.79 15.72 -29.80
C MET C 208 -3.99 16.70 -30.66
N TYR C 209 -4.01 17.97 -30.28
CA TYR C 209 -3.22 18.99 -30.97
C TYR C 209 -1.73 18.70 -30.81
N GLN C 210 -1.32 18.39 -29.58
CA GLN C 210 0.05 18.02 -29.30
C GLN C 210 0.43 16.73 -30.04
N LEU C 211 -0.52 15.81 -30.14
CA LEU C 211 -0.28 14.55 -30.85
C LEU C 211 0.00 14.82 -32.33
N LEU C 212 -0.80 15.71 -32.92
CA LEU C 212 -0.64 16.05 -34.34
C LEU C 212 0.65 16.83 -34.61
N LYS C 213 0.96 17.78 -33.72
CA LYS C 213 2.18 18.58 -33.87
C LYS C 213 3.45 17.76 -33.67
N ASN C 214 3.42 16.85 -32.70
CA ASN C 214 4.56 15.98 -32.44
C ASN C 214 4.81 14.97 -33.56
N ALA C 215 3.79 14.73 -34.37
CA ALA C 215 3.89 13.79 -35.49
C ALA C 215 4.39 14.49 -36.75
N GLY C 216 4.73 15.77 -36.62
CA GLY C 216 5.27 16.53 -37.73
C GLY C 216 4.23 17.10 -38.65
N LYS C 217 2.96 16.90 -38.32
CA LYS C 217 1.85 17.34 -39.17
C LYS C 217 1.58 18.83 -39.01
N GLN C 218 1.15 19.47 -40.10
CA GLN C 218 0.72 20.86 -40.05
C GLN C 218 -0.71 20.91 -39.54
N VAL C 219 -0.96 21.71 -38.50
CA VAL C 219 -2.30 21.81 -37.92
C VAL C 219 -2.87 23.21 -38.01
N LYS C 220 -3.89 23.38 -38.84
CA LYS C 220 -4.63 24.62 -38.96
C LYS C 220 -5.71 24.71 -37.89
N THR C 221 -5.96 25.93 -37.41
CA THR C 221 -6.90 26.14 -36.33
C THR C 221 -8.18 26.84 -36.82
N ILE C 222 -9.33 26.23 -36.54
CA ILE C 222 -10.59 26.68 -37.10
C ILE C 222 -11.51 27.24 -36.02
N MET C 223 -11.72 28.55 -36.03
CA MET C 223 -12.57 29.21 -35.04
C MET C 223 -14.01 28.69 -35.08
N LEU C 224 -14.69 28.76 -33.94
CA LEU C 224 -16.08 28.32 -33.82
C LEU C 224 -17.04 29.49 -33.96
N ASP C 225 -18.12 29.30 -34.71
CA ASP C 225 -19.28 30.19 -34.59
C ASP C 225 -20.35 29.53 -33.73
N GLU C 226 -21.54 30.13 -33.66
CA GLU C 226 -22.62 29.61 -32.82
C GLU C 226 -23.07 28.20 -33.23
N LYS C 227 -22.75 27.81 -34.45
CA LYS C 227 -23.06 26.46 -34.94
C LYS C 227 -21.90 25.48 -34.77
N GLY C 228 -20.84 25.90 -34.10
CA GLY C 228 -19.67 25.05 -33.96
C GLY C 228 -18.60 25.35 -35.00
N MET C 229 -17.82 24.33 -35.37
CA MET C 229 -16.68 24.48 -36.27
C MET C 229 -17.11 25.21 -37.54
N SER C 230 -16.40 26.29 -37.88
CA SER C 230 -16.83 27.19 -38.95
C SER C 230 -16.56 26.63 -40.33
N ILE C 231 -17.60 26.50 -41.14
CA ILE C 231 -17.45 26.00 -42.51
C ILE C 231 -16.73 27.03 -43.38
N ALA C 232 -16.94 28.31 -43.09
CA ALA C 232 -16.31 29.38 -43.87
C ALA C 232 -14.79 29.32 -43.77
N GLU C 233 -14.28 29.23 -42.55
CA GLU C 233 -12.84 29.16 -42.32
C GLU C 233 -12.22 27.87 -42.88
N ILE C 234 -13.01 26.80 -42.86
CA ILE C 234 -12.58 25.52 -43.42
C ILE C 234 -12.44 25.61 -44.95
N THR C 235 -13.43 26.21 -45.61
CA THR C 235 -13.35 26.43 -47.04
C THR C 235 -12.23 27.40 -47.41
N ARG C 236 -11.93 28.34 -46.49
CA ARG C 236 -10.84 29.29 -46.75
C ARG C 236 -9.44 28.71 -46.61
N GLN C 237 -9.18 28.02 -45.50
CA GLN C 237 -7.84 27.52 -45.19
C GLN C 237 -7.49 26.21 -45.88
N GLN C 238 -8.51 25.48 -46.32
CA GLN C 238 -8.34 24.24 -47.08
C GLN C 238 -7.44 23.16 -46.44
N PRO C 239 -7.87 22.58 -45.31
CA PRO C 239 -7.19 21.40 -44.75
C PRO C 239 -7.66 20.12 -45.46
N ASP C 240 -6.85 19.07 -45.39
CA ASP C 240 -7.25 17.78 -45.96
C ASP C 240 -8.17 16.98 -45.02
N VAL C 241 -7.91 17.08 -43.72
CA VAL C 241 -8.66 16.32 -42.72
C VAL C 241 -9.12 17.19 -41.56
N LEU C 242 -10.42 17.11 -41.25
CA LEU C 242 -10.99 17.84 -40.11
C LEU C 242 -11.03 16.94 -38.88
N VAL C 243 -10.81 17.53 -37.70
CA VAL C 243 -11.04 16.83 -36.44
C VAL C 243 -12.12 17.60 -35.69
N THR C 244 -13.19 16.90 -35.30
CA THR C 244 -14.33 17.63 -34.73
C THR C 244 -15.03 16.89 -33.60
N THR C 245 -15.78 17.63 -32.79
CA THR C 245 -16.59 17.05 -31.72
C THR C 245 -18.05 17.52 -31.84
N PRO C 246 -18.77 16.98 -32.84
CA PRO C 246 -20.10 17.48 -33.21
C PRO C 246 -21.20 17.24 -32.16
N SER C 247 -21.10 16.17 -31.38
CA SER C 247 -22.11 15.88 -30.37
C SER C 247 -22.07 16.87 -29.21
N HIS C 248 -20.90 16.99 -28.59
CA HIS C 248 -20.67 17.99 -27.56
C HIS C 248 -19.31 18.60 -27.85
N GLN C 249 -19.27 19.89 -28.18
CA GLN C 249 -18.01 20.50 -28.58
C GLN C 249 -17.11 20.67 -27.36
N PHE C 250 -15.92 20.12 -27.44
CA PHE C 250 -14.95 20.26 -26.35
C PHE C 250 -13.95 21.34 -26.70
N PRO C 251 -13.71 22.28 -25.78
CA PRO C 251 -14.35 22.54 -24.48
C PRO C 251 -15.73 23.22 -24.50
N SER C 252 -16.06 23.98 -25.55
CA SER C 252 -17.15 24.96 -25.49
C SER C 252 -18.52 24.42 -25.06
N GLY C 253 -18.86 23.20 -25.51
CA GLY C 253 -20.13 22.59 -25.13
C GLY C 253 -21.23 22.78 -26.15
N THR C 254 -20.89 23.33 -27.31
CA THR C 254 -21.87 23.57 -28.36
C THR C 254 -22.28 22.26 -29.04
N ILE C 255 -23.58 22.04 -29.19
CA ILE C 255 -24.04 20.94 -30.04
C ILE C 255 -24.05 21.43 -31.49
N MET C 256 -23.49 20.62 -32.37
CA MET C 256 -23.42 20.96 -33.79
C MET C 256 -24.72 20.57 -34.51
N PRO C 257 -25.46 21.58 -35.01
CA PRO C 257 -26.75 21.33 -35.67
C PRO C 257 -26.59 20.58 -36.99
N VAL C 258 -27.68 19.98 -37.48
CA VAL C 258 -27.63 19.10 -38.65
C VAL C 258 -27.26 19.85 -39.94
N SER C 259 -27.58 21.15 -39.99
CA SER C 259 -27.24 21.96 -41.16
C SER C 259 -25.73 22.03 -41.35
N ARG C 260 -25.02 22.38 -40.28
CA ARG C 260 -23.56 22.48 -40.32
C ARG C 260 -22.92 21.12 -40.58
N ARG C 261 -23.53 20.06 -40.05
CA ARG C 261 -23.06 18.69 -40.27
C ARG C 261 -23.12 18.34 -41.75
N ILE C 262 -24.27 18.60 -42.36
CA ILE C 262 -24.45 18.37 -43.79
C ILE C 262 -23.46 19.23 -44.60
N GLN C 263 -23.21 20.44 -44.13
CA GLN C 263 -22.20 21.30 -44.76
C GLN C 263 -20.82 20.65 -44.77
N LEU C 264 -20.38 20.18 -43.60
CA LEU C 264 -19.09 19.51 -43.49
C LEU C 264 -19.03 18.26 -44.38
N LEU C 265 -20.09 17.46 -44.34
CA LEU C 265 -20.18 16.25 -45.17
C LEU C 265 -20.01 16.57 -46.65
N ASN C 266 -20.76 17.57 -47.13
CA ASN C 266 -20.62 18.04 -48.50
C ASN C 266 -19.20 18.47 -48.81
N TRP C 267 -18.62 19.28 -47.92
CA TRP C 267 -17.24 19.74 -48.09
C TRP C 267 -16.29 18.57 -48.30
N ALA C 268 -16.40 17.55 -47.45
CA ALA C 268 -15.55 16.37 -47.55
C ALA C 268 -15.87 15.56 -48.80
N ALA C 269 -17.08 15.73 -49.33
CA ALA C 269 -17.49 15.03 -50.55
C ALA C 269 -16.97 15.69 -51.83
N GLU C 270 -16.76 17.00 -51.78
CA GLU C 270 -16.34 17.78 -52.95
C GLU C 270 -15.07 17.25 -53.62
N GLU C 271 -14.00 17.09 -52.84
CA GLU C 271 -12.71 16.68 -53.37
C GLU C 271 -12.32 15.31 -52.80
N PRO C 272 -11.49 14.55 -53.54
CA PRO C 272 -11.02 13.26 -53.02
C PRO C 272 -10.02 13.43 -51.88
N ARG C 273 -9.82 12.37 -51.09
CA ARG C 273 -8.85 12.38 -50.00
C ARG C 273 -9.10 13.46 -48.95
N ARG C 274 -10.36 13.85 -48.80
CA ARG C 274 -10.78 14.69 -47.68
C ARG C 274 -11.41 13.81 -46.62
N TYR C 275 -11.06 14.04 -45.35
CA TYR C 275 -11.54 13.20 -44.27
C TYR C 275 -12.10 14.01 -43.10
N ILE C 276 -12.99 13.38 -42.34
CA ILE C 276 -13.50 13.97 -41.11
C ILE C 276 -13.41 12.93 -39.98
N ILE C 277 -12.64 13.27 -38.96
CA ILE C 277 -12.53 12.45 -37.76
C ILE C 277 -13.52 12.97 -36.73
N GLU C 278 -14.50 12.14 -36.40
CA GLU C 278 -15.49 12.49 -35.39
C GLU C 278 -15.06 11.93 -34.04
N ASP C 279 -14.70 12.82 -33.12
CA ASP C 279 -14.27 12.42 -31.80
C ASP C 279 -15.50 12.42 -30.90
N ASP C 280 -15.93 11.22 -30.50
CA ASP C 280 -17.15 11.05 -29.74
C ASP C 280 -16.80 10.58 -28.33
N TYR C 281 -16.98 11.44 -27.35
CA TYR C 281 -16.54 11.16 -25.98
C TYR C 281 -17.66 11.02 -24.94
N ASP C 282 -18.44 12.10 -24.74
CA ASP C 282 -19.51 12.11 -23.73
C ASP C 282 -20.93 11.80 -24.24
N SER C 283 -21.05 11.39 -25.51
CA SER C 283 -22.36 11.27 -26.18
C SER C 283 -23.48 10.52 -25.45
N GLU C 284 -23.13 9.51 -24.67
CA GLU C 284 -24.15 8.74 -23.95
C GLU C 284 -24.98 9.63 -23.04
N PHE C 285 -24.42 10.75 -22.62
CA PHE C 285 -25.12 11.59 -21.66
C PHE C 285 -25.64 12.88 -22.26
N THR C 286 -26.95 12.91 -22.42
CA THR C 286 -27.71 14.10 -22.77
C THR C 286 -28.86 14.07 -21.78
N TYR C 287 -29.25 15.24 -21.27
CA TYR C 287 -30.09 15.27 -20.08
C TYR C 287 -31.56 15.58 -20.36
N ASP C 288 -31.85 16.74 -20.93
CA ASP C 288 -33.22 17.07 -21.33
C ASP C 288 -33.58 16.59 -22.74
N VAL C 289 -32.68 15.86 -23.38
CA VAL C 289 -32.89 15.38 -24.75
C VAL C 289 -32.23 14.00 -24.99
N ASP C 290 -32.72 13.27 -25.98
CA ASP C 290 -32.15 11.96 -26.30
C ASP C 290 -30.78 12.07 -26.96
N SER C 291 -29.98 10.99 -26.90
CA SER C 291 -28.66 10.99 -27.51
C SER C 291 -28.74 11.27 -29.01
N ILE C 292 -27.95 12.23 -29.47
CA ILE C 292 -27.99 12.65 -30.86
C ILE C 292 -27.11 11.74 -31.73
N PRO C 293 -27.67 11.23 -32.84
CA PRO C 293 -26.96 10.33 -33.76
C PRO C 293 -25.59 10.88 -34.18
N ALA C 294 -24.61 9.99 -34.35
CA ALA C 294 -23.27 10.40 -34.75
C ALA C 294 -23.27 11.05 -36.12
N LEU C 295 -22.30 11.92 -36.35
CA LEU C 295 -22.12 12.60 -37.64
C LEU C 295 -21.96 11.57 -38.76
N GLN C 296 -21.21 10.52 -38.50
CA GLN C 296 -20.94 9.48 -39.49
C GLN C 296 -22.19 8.72 -39.90
N SER C 297 -23.26 8.84 -39.12
CA SER C 297 -24.52 8.19 -39.46
C SER C 297 -25.19 8.88 -40.64
N LEU C 298 -24.83 10.15 -40.87
CA LEU C 298 -25.39 10.88 -42.02
C LEU C 298 -24.48 10.91 -43.25
N ASP C 299 -23.30 10.30 -43.14
CA ASP C 299 -22.34 10.31 -44.24
C ASP C 299 -22.61 9.22 -45.27
N ARG C 300 -22.85 9.62 -46.51
CA ARG C 300 -23.03 8.66 -47.59
C ARG C 300 -21.72 8.37 -48.34
N PHE C 301 -20.70 9.19 -48.11
CA PHE C 301 -19.47 9.11 -48.90
C PHE C 301 -18.25 8.40 -48.26
N GLN C 302 -18.42 7.86 -47.06
CA GLN C 302 -17.34 7.14 -46.35
C GLN C 302 -16.12 8.02 -46.11
N ASN C 303 -16.33 9.31 -45.84
CA ASN C 303 -15.23 10.21 -45.55
C ASN C 303 -14.99 10.39 -44.06
N VAL C 304 -15.84 9.79 -43.25
CA VAL C 304 -15.79 10.00 -41.80
C VAL C 304 -15.22 8.82 -41.03
N ILE C 305 -14.17 9.08 -40.27
CA ILE C 305 -13.60 8.09 -39.37
C ILE C 305 -14.22 8.28 -38.00
N TYR C 306 -14.87 7.25 -37.47
CA TYR C 306 -15.60 7.45 -36.21
C TYR C 306 -14.82 7.00 -34.99
N MET C 307 -14.48 7.94 -34.10
CA MET C 307 -13.69 7.59 -32.93
C MET C 307 -14.57 7.50 -31.69
N GLY C 308 -14.84 6.27 -31.26
CA GLY C 308 -15.64 6.04 -30.06
C GLY C 308 -14.84 5.69 -28.83
N THR C 309 -15.47 5.86 -27.66
CA THR C 309 -14.83 5.53 -26.40
C THR C 309 -15.81 5.02 -25.35
N PHE C 310 -15.34 4.08 -24.55
CA PHE C 310 -16.05 3.66 -23.35
C PHE C 310 -15.47 4.39 -22.15
N SER C 311 -14.55 5.32 -22.42
CA SER C 311 -13.73 5.91 -21.37
C SER C 311 -14.32 7.10 -20.60
N LYS C 312 -15.57 7.48 -20.86
CA LYS C 312 -16.34 8.17 -19.82
C LYS C 312 -17.45 7.36 -19.13
N SER C 313 -17.73 6.16 -19.63
CA SER C 313 -18.99 5.47 -19.33
C SER C 313 -18.91 4.40 -18.23
N LEU C 314 -17.70 4.13 -17.76
CA LEU C 314 -17.39 3.00 -16.89
C LEU C 314 -16.50 3.36 -15.70
N LEU C 315 -15.41 4.03 -16.03
CA LEU C 315 -14.03 3.63 -15.72
C LEU C 315 -13.11 4.45 -14.81
N PRO C 316 -13.10 4.15 -13.51
CA PRO C 316 -11.73 4.50 -13.15
C PRO C 316 -10.78 3.45 -13.73
N GLY C 317 -11.21 2.19 -13.75
CA GLY C 317 -10.36 1.08 -14.11
C GLY C 317 -10.54 0.41 -15.47
N LEU C 318 -11.14 1.08 -16.44
CA LEU C 318 -11.22 0.49 -17.79
C LEU C 318 -10.92 1.44 -18.95
N ARG C 319 -9.83 1.23 -19.68
CA ARG C 319 -9.63 2.08 -20.85
C ARG C 319 -9.69 1.32 -22.18
N ILE C 320 -10.78 1.54 -22.89
CA ILE C 320 -10.99 0.94 -24.21
C ILE C 320 -11.61 1.97 -25.13
N SER C 321 -10.99 2.17 -26.29
CA SER C 321 -11.57 3.01 -27.31
C SER C 321 -11.69 2.18 -28.59
N TYR C 322 -12.25 2.77 -29.63
CA TYR C 322 -12.34 2.09 -30.90
C TYR C 322 -12.47 3.12 -32.00
N MET C 323 -12.12 2.73 -33.23
CA MET C 323 -12.38 3.62 -34.35
C MET C 323 -12.87 2.85 -35.57
N VAL C 324 -13.79 3.48 -36.29
CA VAL C 324 -14.35 2.93 -37.50
C VAL C 324 -13.68 3.59 -38.70
N LEU C 325 -12.94 2.77 -39.44
CA LEU C 325 -12.23 3.18 -40.65
C LEU C 325 -13.11 2.95 -41.89
N PRO C 326 -13.08 3.91 -42.82
CA PRO C 326 -13.58 3.66 -44.18
C PRO C 326 -12.62 2.72 -44.91
N PRO C 327 -13.13 1.94 -45.87
CA PRO C 327 -12.40 0.85 -46.55
C PRO C 327 -10.99 1.17 -47.07
N GLU C 328 -10.72 2.40 -47.50
CA GLU C 328 -9.39 2.71 -48.02
C GLU C 328 -8.34 2.66 -46.91
N LEU C 329 -8.72 3.17 -45.74
CA LEU C 329 -7.82 3.21 -44.59
C LEU C 329 -7.70 1.83 -43.94
N LEU C 330 -8.79 1.05 -43.97
CA LEU C 330 -8.74 -0.34 -43.56
C LEU C 330 -7.77 -1.11 -44.46
N ARG C 331 -7.84 -0.83 -45.76
CA ARG C 331 -6.96 -1.49 -46.72
C ARG C 331 -5.50 -1.08 -46.51
N ALA C 332 -5.30 0.20 -46.19
CA ALA C 332 -3.96 0.70 -45.89
C ALA C 332 -3.42 0.06 -44.60
N TYR C 333 -4.33 -0.28 -43.69
CA TYR C 333 -3.97 -0.88 -42.41
C TYR C 333 -3.64 -2.36 -42.54
N LYS C 334 -4.42 -3.07 -43.36
CA LYS C 334 -4.25 -4.51 -43.55
C LYS C 334 -2.87 -4.85 -44.10
N GLN C 335 -2.26 -3.89 -44.79
CA GLN C 335 -0.97 -4.10 -45.45
C GLN C 335 0.24 -3.68 -44.59
N ARG C 336 -0.03 -3.26 -43.36
CA ARG C 336 1.04 -3.01 -42.40
C ARG C 336 1.51 -4.34 -41.81
N GLY C 337 0.68 -4.95 -40.97
CA GLY C 337 0.93 -6.30 -40.48
C GLY C 337 1.70 -6.40 -39.18
N TYR C 338 2.36 -5.32 -38.79
CA TYR C 338 3.23 -5.35 -37.61
C TYR C 338 2.61 -4.84 -36.31
N ASP C 339 1.37 -4.38 -36.36
CA ASP C 339 0.72 -3.82 -35.16
C ASP C 339 0.28 -4.87 -34.15
N LEU C 340 0.18 -4.44 -32.90
CA LEU C 340 -0.26 -5.31 -31.81
C LEU C 340 -1.46 -4.70 -31.09
N GLN C 341 -2.33 -5.55 -30.56
CA GLN C 341 -3.50 -5.08 -29.82
C GLN C 341 -3.11 -4.60 -28.42
N THR C 342 -3.57 -3.42 -28.05
CA THR C 342 -3.21 -2.80 -26.78
C THR C 342 -4.18 -3.08 -25.63
N CYS C 343 -5.30 -3.74 -25.94
CA CYS C 343 -6.27 -4.08 -24.92
C CYS C 343 -6.20 -5.56 -24.55
N SER C 344 -6.40 -5.86 -23.27
CA SER C 344 -6.35 -7.24 -22.78
C SER C 344 -7.50 -8.06 -23.36
N SER C 345 -7.21 -9.28 -23.81
CA SER C 345 -8.24 -10.17 -24.34
C SER C 345 -9.34 -10.43 -23.32
N LEU C 346 -8.95 -10.61 -22.07
CA LEU C 346 -9.90 -10.86 -20.99
C LEU C 346 -10.78 -9.63 -20.75
N THR C 347 -10.17 -8.45 -20.79
CA THR C 347 -10.91 -7.19 -20.67
C THR C 347 -11.89 -7.05 -21.81
N GLN C 348 -11.47 -7.44 -23.01
CA GLN C 348 -12.32 -7.39 -24.21
C GLN C 348 -13.53 -8.31 -24.08
N LEU C 349 -13.29 -9.56 -23.67
CA LEU C 349 -14.37 -10.52 -23.50
C LEU C 349 -15.32 -10.10 -22.38
N THR C 350 -14.77 -9.52 -21.33
CA THR C 350 -15.56 -9.01 -20.22
C THR C 350 -16.45 -7.86 -20.71
N LEU C 351 -15.90 -6.98 -21.53
CA LEU C 351 -16.68 -5.89 -22.10
C LEU C 351 -17.78 -6.43 -23.00
N GLN C 352 -17.46 -7.46 -23.78
CA GLN C 352 -18.41 -8.08 -24.68
C GLN C 352 -19.60 -8.67 -23.92
N GLU C 353 -19.30 -9.37 -22.81
CA GLU C 353 -20.36 -9.92 -21.97
C GLU C 353 -21.15 -8.82 -21.28
N PHE C 354 -20.45 -7.78 -20.82
CA PHE C 354 -21.07 -6.65 -20.12
C PHE C 354 -22.05 -5.93 -21.04
N ILE C 355 -21.73 -5.91 -22.34
CA ILE C 355 -22.62 -5.33 -23.34
C ILE C 355 -23.78 -6.27 -23.67
N GLU C 356 -23.46 -7.46 -24.19
CA GLU C 356 -24.45 -8.43 -24.60
C GLU C 356 -25.44 -8.86 -23.52
N SER C 357 -25.08 -8.69 -22.25
CA SER C 357 -25.96 -9.07 -21.14
C SER C 357 -26.96 -7.96 -20.79
N GLY C 358 -26.70 -6.75 -21.28
CA GLY C 358 -27.59 -5.63 -21.03
C GLY C 358 -27.19 -4.81 -19.81
N GLU C 359 -26.13 -5.24 -19.13
CA GLU C 359 -25.67 -4.55 -17.93
C GLU C 359 -25.07 -3.18 -18.26
N TYR C 360 -24.43 -3.07 -19.42
CA TYR C 360 -23.82 -1.82 -19.85
C TYR C 360 -24.86 -0.73 -20.03
N GLN C 361 -25.92 -1.01 -20.79
CA GLN C 361 -26.97 -0.04 -21.05
C GLN C 361 -27.67 0.40 -19.77
N LYS C 362 -27.95 -0.56 -18.91
CA LYS C 362 -28.57 -0.28 -17.60
C LYS C 362 -27.69 0.68 -16.81
N HIS C 363 -26.40 0.35 -16.75
CA HIS C 363 -25.42 1.19 -16.07
C HIS C 363 -25.40 2.60 -16.64
N ILE C 364 -25.44 2.71 -17.96
CA ILE C 364 -25.46 4.01 -18.63
C ILE C 364 -26.70 4.81 -18.24
N LYS C 365 -27.85 4.14 -18.15
CA LYS C 365 -29.07 4.84 -17.75
C LYS C 365 -28.95 5.37 -16.32
N LYS C 366 -28.58 4.50 -15.39
CA LYS C 366 -28.41 4.91 -13.99
C LYS C 366 -27.44 6.07 -13.85
N MET C 367 -26.28 5.94 -14.49
CA MET C 367 -25.27 6.99 -14.47
C MET C 367 -25.77 8.28 -15.09
N LYS C 368 -26.59 8.17 -16.13
CA LYS C 368 -27.16 9.35 -16.77
C LYS C 368 -28.04 10.11 -15.80
N GLN C 369 -28.92 9.39 -15.10
CA GLN C 369 -29.76 10.04 -14.10
C GLN C 369 -28.91 10.70 -13.01
N HIS C 370 -27.96 9.94 -12.48
CA HIS C 370 -27.05 10.45 -11.43
C HIS C 370 -26.35 11.74 -11.85
N TYR C 371 -25.75 11.73 -13.04
CA TYR C 371 -25.06 12.87 -13.58
C TYR C 371 -25.98 14.07 -13.80
N LYS C 372 -27.19 13.80 -14.29
CA LYS C 372 -28.18 14.84 -14.51
C LYS C 372 -28.49 15.56 -13.20
N GLU C 373 -28.83 14.79 -12.17
CA GLU C 373 -29.12 15.35 -10.86
C GLU C 373 -27.93 16.14 -10.30
N LYS C 374 -26.74 15.57 -10.43
CA LYS C 374 -25.53 16.24 -9.94
C LYS C 374 -25.27 17.57 -10.63
N ARG C 375 -25.49 17.61 -11.94
CA ARG C 375 -25.29 18.84 -12.70
C ARG C 375 -26.30 19.90 -12.29
N GLU C 376 -27.57 19.49 -12.16
CA GLU C 376 -28.61 20.40 -11.69
C GLU C 376 -28.23 21.02 -10.35
N ARG C 377 -27.89 20.16 -9.39
CA ARG C 377 -27.58 20.62 -8.03
C ARG C 377 -26.35 21.53 -8.02
N LEU C 378 -25.31 21.13 -8.75
CA LEU C 378 -24.09 21.92 -8.85
C LEU C 378 -24.36 23.31 -9.42
N ILE C 379 -25.14 23.37 -10.49
CA ILE C 379 -25.49 24.64 -11.10
C ILE C 379 -26.29 25.52 -10.14
N THR C 380 -27.25 24.92 -9.43
CA THR C 380 -28.02 25.65 -8.43
C THR C 380 -27.09 26.22 -7.35
N ALA C 381 -26.09 25.46 -6.94
CA ALA C 381 -25.12 25.92 -5.95
C ALA C 381 -24.28 27.09 -6.48
N LEU C 382 -23.80 26.93 -7.71
CA LEU C 382 -23.06 27.98 -8.41
C LEU C 382 -23.83 29.29 -8.41
N GLU C 383 -25.10 29.22 -8.80
CA GLU C 383 -25.96 30.40 -8.86
C GLU C 383 -26.31 30.94 -7.48
N ALA C 384 -26.33 30.06 -6.48
CA ALA C 384 -26.59 30.50 -5.12
C ALA C 384 -25.43 31.35 -4.61
N GLU C 385 -24.21 30.86 -4.82
CA GLU C 385 -23.02 31.55 -4.32
C GLU C 385 -22.58 32.75 -5.15
N PHE C 386 -22.48 32.60 -6.46
CA PHE C 386 -22.08 33.73 -7.31
C PHE C 386 -23.25 34.63 -7.70
N SER C 387 -24.47 34.09 -7.68
CA SER C 387 -25.64 34.75 -8.26
C SER C 387 -25.24 35.19 -9.65
N GLY C 388 -25.69 36.36 -10.08
CA GLY C 388 -24.77 37.36 -10.55
C GLY C 388 -23.64 36.97 -11.48
N GLU C 389 -22.45 37.22 -10.92
CA GLU C 389 -21.16 37.25 -11.57
C GLU C 389 -20.74 35.99 -12.32
N VAL C 390 -21.46 34.88 -12.17
CA VAL C 390 -21.17 33.70 -12.98
C VAL C 390 -22.06 33.63 -14.22
N THR C 391 -21.44 33.30 -15.35
CA THR C 391 -22.20 32.99 -16.57
C THR C 391 -21.90 31.54 -16.96
N VAL C 392 -22.95 30.72 -17.01
CA VAL C 392 -22.81 29.30 -17.33
C VAL C 392 -23.06 29.04 -18.82
N LYS C 393 -22.04 28.49 -19.49
CA LYS C 393 -22.12 28.21 -20.92
C LYS C 393 -22.00 26.71 -21.21
N GLY C 394 -22.49 26.31 -22.37
CA GLY C 394 -22.47 24.91 -22.78
C GLY C 394 -23.86 24.31 -22.71
N ALA C 395 -24.09 23.28 -23.51
CA ALA C 395 -25.40 22.64 -23.56
C ALA C 395 -25.62 21.85 -22.28
N ASN C 396 -26.79 21.23 -22.14
CA ASN C 396 -27.03 20.40 -20.98
C ASN C 396 -26.83 18.97 -21.44
N ALA C 397 -25.65 18.44 -21.11
CA ALA C 397 -25.15 17.18 -21.66
C ALA C 397 -23.72 16.95 -21.21
N GLY C 398 -23.24 15.72 -21.35
CA GLY C 398 -21.86 15.41 -21.03
C GLY C 398 -21.49 15.59 -19.57
N LEU C 399 -20.20 15.49 -19.28
CA LEU C 399 -19.70 15.58 -17.91
C LEU C 399 -19.15 16.94 -17.51
N HIS C 400 -19.25 17.93 -18.39
CA HIS C 400 -18.69 19.25 -18.11
C HIS C 400 -19.49 20.40 -18.71
N PHE C 401 -19.24 21.61 -18.18
CA PHE C 401 -19.71 22.84 -18.82
C PHE C 401 -18.69 23.95 -18.56
N VAL C 402 -19.01 25.17 -18.98
CA VAL C 402 -18.06 26.29 -18.83
C VAL C 402 -18.65 27.36 -17.90
N THR C 403 -17.81 27.97 -17.09
CA THR C 403 -18.24 29.09 -16.26
C THR C 403 -17.32 30.29 -16.44
N GLU C 404 -17.86 31.47 -16.71
CA GLU C 404 -17.02 32.66 -16.74
C GLU C 404 -17.39 33.64 -15.62
N PHE C 405 -16.37 34.24 -15.04
CA PHE C 405 -16.56 35.18 -13.94
C PHE C 405 -16.00 36.53 -14.34
N ASP C 406 -16.55 37.60 -13.76
CA ASP C 406 -15.99 38.93 -13.97
C ASP C 406 -15.14 39.30 -12.76
N THR C 407 -13.83 39.32 -12.95
CA THR C 407 -12.89 39.62 -11.88
C THR C 407 -11.65 40.27 -12.48
N ARG C 408 -11.03 41.18 -11.71
CA ARG C 408 -9.77 41.78 -12.13
C ARG C 408 -8.66 40.75 -12.11
N ARG C 409 -8.90 39.64 -11.40
CA ARG C 409 -7.92 38.57 -11.30
C ARG C 409 -7.81 37.79 -12.60
N THR C 410 -6.62 37.24 -12.84
CA THR C 410 -6.36 36.45 -14.02
C THR C 410 -6.79 35.00 -13.80
N GLU C 411 -6.61 34.17 -14.81
CA GLU C 411 -6.92 32.74 -14.70
C GLU C 411 -5.90 32.06 -13.79
N GLN C 412 -4.64 32.41 -13.95
CA GLN C 412 -3.54 31.81 -13.20
C GLN C 412 -3.70 32.01 -11.70
N ASP C 413 -4.07 33.24 -11.31
CA ASP C 413 -4.30 33.56 -9.91
C ASP C 413 -5.40 32.68 -9.30
N ILE C 414 -6.49 32.53 -10.03
CA ILE C 414 -7.62 31.72 -9.57
C ILE C 414 -7.22 30.25 -9.44
N LEU C 415 -6.48 29.74 -10.42
CA LEU C 415 -6.00 28.35 -10.39
C LEU C 415 -5.05 28.11 -9.22
N SER C 416 -4.14 29.05 -8.98
CA SER C 416 -3.18 28.94 -7.89
C SER C 416 -3.88 28.99 -6.54
N HIS C 417 -4.81 29.93 -6.39
CA HIS C 417 -5.56 30.08 -5.15
C HIS C 417 -6.40 28.84 -4.87
N ALA C 418 -7.02 28.29 -5.91
CA ALA C 418 -7.81 27.06 -5.79
C ALA C 418 -6.92 25.88 -5.45
N ALA C 419 -5.68 25.91 -5.94
CA ALA C 419 -4.70 24.88 -5.62
C ALA C 419 -4.31 24.99 -4.15
N GLY C 420 -4.32 26.21 -3.62
CA GLY C 420 -4.03 26.42 -2.21
C GLY C 420 -5.17 25.97 -1.33
N LEU C 421 -6.38 25.95 -1.90
CA LEU C 421 -7.58 25.57 -1.16
C LEU C 421 -7.93 24.09 -1.31
N GLN C 422 -7.07 23.35 -2.00
CA GLN C 422 -7.33 21.94 -2.33
C GLN C 422 -8.59 21.79 -3.17
N LEU C 423 -8.75 22.69 -4.13
CA LEU C 423 -9.80 22.59 -5.13
C LEU C 423 -9.11 22.35 -6.47
N GLU C 424 -9.52 21.31 -7.19
CA GLU C 424 -8.88 20.99 -8.46
C GLU C 424 -9.75 21.49 -9.61
N ILE C 425 -9.27 22.52 -10.31
CA ILE C 425 -9.98 23.10 -11.43
C ILE C 425 -9.03 23.42 -12.58
N PHE C 426 -9.59 23.52 -13.79
CA PHE C 426 -8.79 23.84 -14.96
C PHE C 426 -9.34 25.06 -15.68
N GLY C 427 -8.44 25.91 -16.16
CA GLY C 427 -8.84 27.07 -16.93
C GLY C 427 -9.11 26.71 -18.38
N MET C 428 -9.66 27.65 -19.15
CA MET C 428 -9.97 27.41 -20.55
C MET C 428 -8.79 27.79 -21.45
N SER C 429 -7.74 28.34 -20.84
CA SER C 429 -6.56 28.77 -21.59
C SER C 429 -5.77 27.58 -22.13
N ARG C 430 -5.86 26.45 -21.46
CA ARG C 430 -5.16 25.24 -21.90
C ARG C 430 -5.83 24.64 -23.13
N PHE C 431 -7.03 25.12 -23.44
CA PHE C 431 -7.76 24.67 -24.62
C PHE C 431 -7.56 25.62 -25.79
N ASN C 432 -6.86 26.73 -25.55
CA ASN C 432 -6.36 27.55 -26.64
C ASN C 432 -5.26 26.76 -27.33
N LEU C 433 -5.31 26.69 -28.66
CA LEU C 433 -4.40 25.82 -29.40
C LEU C 433 -3.19 26.57 -29.96
N LYS C 434 -3.43 27.47 -30.92
CA LYS C 434 -2.35 28.23 -31.52
C LYS C 434 -2.30 29.65 -30.96
N GLU C 435 -1.15 30.01 -30.40
CA GLU C 435 -0.98 31.32 -29.77
C GLU C 435 -0.72 32.42 -30.81
N ASN C 436 -1.41 33.57 -30.75
CA ASN C 436 -2.44 33.95 -29.76
C ASN C 436 -2.02 34.00 -28.28
N LYS C 437 -1.22 35.01 -27.94
CA LYS C 437 -0.83 35.23 -26.55
C LYS C 437 -1.47 36.50 -25.98
N ARG C 438 -2.45 36.29 -25.11
CA ARG C 438 -3.24 37.33 -24.44
C ARG C 438 -4.28 36.48 -23.73
N GLN C 439 -5.07 37.02 -22.81
CA GLN C 439 -6.15 36.18 -22.33
C GLN C 439 -7.43 36.62 -23.03
N THR C 440 -8.18 37.56 -22.45
CA THR C 440 -8.80 38.66 -23.19
C THR C 440 -8.90 39.96 -22.35
N GLY C 441 -9.73 39.98 -21.30
CA GLY C 441 -10.80 39.02 -21.09
C GLY C 441 -11.28 38.72 -19.68
N ARG C 442 -12.39 37.98 -19.60
CA ARG C 442 -12.88 37.43 -18.35
C ARG C 442 -12.30 36.04 -18.16
N PRO C 443 -11.95 35.70 -16.91
CA PRO C 443 -11.48 34.32 -16.65
C PRO C 443 -12.60 33.31 -16.91
N ALA C 444 -12.28 32.26 -17.64
CA ALA C 444 -13.23 31.18 -17.89
C ALA C 444 -12.65 29.87 -17.39
N LEU C 445 -13.48 29.06 -16.74
CA LEU C 445 -13.06 27.77 -16.23
C LEU C 445 -13.91 26.64 -16.80
N ILE C 446 -13.31 25.47 -16.95
CA ILE C 446 -14.06 24.28 -17.28
C ILE C 446 -14.47 23.55 -16.00
N ILE C 447 -15.75 23.24 -15.87
CA ILE C 447 -16.26 22.59 -14.67
C ILE C 447 -16.78 21.19 -15.01
N GLY C 448 -16.04 20.16 -14.60
CA GLY C 448 -16.54 18.81 -14.67
C GLY C 448 -17.26 18.39 -13.40
N PHE C 449 -18.32 17.60 -13.54
CA PHE C 449 -18.97 16.95 -12.41
C PHE C 449 -18.69 15.46 -12.24
N ALA C 450 -17.85 14.92 -13.12
CA ALA C 450 -17.58 13.47 -13.14
C ALA C 450 -17.04 12.92 -11.81
N ARG C 451 -15.96 13.52 -11.32
CA ARG C 451 -15.30 13.02 -10.11
C ARG C 451 -15.83 13.69 -8.85
N LEU C 452 -16.84 14.55 -9.02
CA LEU C 452 -17.39 15.32 -7.92
C LEU C 452 -18.39 14.52 -7.10
N LYS C 453 -18.19 14.49 -5.78
CA LYS C 453 -19.15 13.84 -4.89
C LYS C 453 -20.24 14.85 -4.55
N GLU C 454 -21.48 14.36 -4.44
CA GLU C 454 -22.63 15.18 -4.08
C GLU C 454 -22.37 15.99 -2.80
N GLU C 455 -21.96 15.29 -1.74
CA GLU C 455 -21.69 15.90 -0.43
C GLU C 455 -20.67 17.03 -0.49
N ASP C 456 -19.80 16.99 -1.50
CA ASP C 456 -18.76 18.02 -1.64
C ASP C 456 -19.27 19.31 -2.29
N ILE C 457 -20.35 19.19 -3.08
CA ILE C 457 -20.75 20.25 -4.01
C ILE C 457 -20.75 21.61 -3.34
N GLN C 458 -21.50 21.72 -2.24
CA GLN C 458 -21.57 22.94 -1.46
C GLN C 458 -20.18 23.52 -1.25
N GLU C 459 -19.37 22.82 -0.47
CA GLU C 459 -18.03 23.32 -0.13
C GLU C 459 -17.23 23.59 -1.39
N GLY C 460 -17.40 22.73 -2.39
CA GLY C 460 -16.64 22.87 -3.63
C GLY C 460 -16.89 24.27 -4.15
N VAL C 461 -18.17 24.59 -4.32
CA VAL C 461 -18.55 25.90 -4.84
C VAL C 461 -17.94 26.99 -3.97
N GLN C 462 -18.07 26.82 -2.65
CA GLN C 462 -17.53 27.81 -1.71
C GLN C 462 -16.05 28.02 -1.95
N ARG C 463 -15.30 26.93 -2.09
CA ARG C 463 -13.87 27.05 -2.34
C ARG C 463 -13.66 27.80 -3.64
N LEU C 464 -14.43 27.42 -4.65
CA LEU C 464 -14.38 28.08 -5.95
C LEU C 464 -14.56 29.58 -5.76
N PHE C 465 -15.52 29.95 -4.91
CA PHE C 465 -15.83 31.35 -4.71
C PHE C 465 -14.64 32.10 -4.13
N LYS C 466 -13.90 31.44 -3.25
CA LYS C 466 -12.76 32.08 -2.62
C LYS C 466 -11.58 32.15 -3.59
N ALA C 467 -11.56 31.23 -4.55
CA ALA C 467 -10.48 31.16 -5.53
C ALA C 467 -10.64 32.25 -6.60
N VAL C 468 -11.86 32.39 -7.11
CA VAL C 468 -12.17 33.41 -8.11
C VAL C 468 -11.90 34.81 -7.58
N TYR C 469 -12.30 35.08 -6.34
CA TYR C 469 -12.18 36.41 -5.76
C TYR C 469 -10.95 36.62 -4.88
N GLY C 470 -10.12 35.60 -4.75
CA GLY C 470 -8.88 35.71 -4.01
C GLY C 470 -9.04 36.05 -2.54
N HIS C 471 -10.10 35.54 -1.93
CA HIS C 471 -10.33 35.78 -0.51
C HIS C 471 -9.19 35.23 0.34
N LYS C 472 -8.62 36.07 1.18
CA LYS C 472 -7.60 35.64 2.14
C LYS C 472 -8.28 34.88 3.27
N LYS C 473 -7.52 34.06 4.00
CA LYS C 473 -8.11 33.32 5.11
C LYS C 473 -7.68 33.91 6.45
N ILE C 474 -8.59 33.83 7.43
CA ILE C 474 -8.33 34.32 8.79
C ILE C 474 -7.05 33.74 9.37
N PRO C 475 -6.14 34.61 9.83
CA PRO C 475 -4.88 34.20 10.46
C PRO C 475 -5.13 33.41 11.74
N MET D 1 -48.28 20.84 -43.77
CA MET D 1 -47.93 19.79 -42.81
C MET D 1 -49.00 18.69 -42.83
N ASP D 2 -49.23 18.09 -43.99
CA ASP D 2 -50.15 16.97 -44.07
C ASP D 2 -49.40 15.65 -44.28
N ILE D 3 -49.36 14.85 -43.22
CA ILE D 3 -48.71 13.54 -43.22
C ILE D 3 -49.44 12.62 -42.24
N THR D 4 -49.34 11.32 -42.46
CA THR D 4 -49.95 10.32 -41.58
C THR D 4 -49.43 10.36 -40.12
N ILE D 5 -48.17 9.97 -39.92
CA ILE D 5 -47.61 9.74 -38.59
C ILE D 5 -48.43 8.72 -37.78
N THR D 6 -48.35 7.44 -38.17
CA THR D 6 -49.01 6.37 -37.44
C THR D 6 -48.15 5.91 -36.25
N LEU D 7 -48.80 5.68 -35.11
CA LEU D 7 -48.07 5.40 -33.87
C LEU D 7 -48.37 4.02 -33.27
N ASP D 8 -47.39 3.48 -32.54
CA ASP D 8 -47.59 2.29 -31.73
C ASP D 8 -47.69 2.74 -30.27
N ARG D 9 -48.88 2.64 -29.70
CA ARG D 9 -49.13 3.15 -28.35
C ARG D 9 -48.76 2.14 -27.27
N SER D 10 -48.37 0.94 -27.69
CA SER D 10 -47.85 -0.07 -26.77
C SER D 10 -46.38 0.23 -26.47
N GLU D 11 -45.76 1.03 -27.32
CA GLU D 11 -44.37 1.47 -27.16
C GLU D 11 -43.41 0.31 -26.88
N GLN D 12 -43.61 -0.81 -27.56
CA GLN D 12 -42.80 -2.00 -27.34
C GLN D 12 -41.37 -1.79 -27.82
N ALA D 13 -41.23 -0.94 -28.84
CA ALA D 13 -39.93 -0.67 -29.45
C ALA D 13 -39.44 0.73 -29.12
N ASP D 14 -40.18 1.74 -29.59
CA ASP D 14 -39.85 3.14 -29.32
C ASP D 14 -40.95 3.81 -28.50
N TYR D 15 -40.57 4.80 -27.69
CA TYR D 15 -41.55 5.64 -27.00
C TYR D 15 -42.25 6.54 -28.02
N ILE D 16 -43.45 7.01 -27.67
CA ILE D 16 -44.26 7.83 -28.56
C ILE D 16 -43.50 9.02 -29.16
N TYR D 17 -42.86 9.79 -28.29
CA TYR D 17 -42.13 10.99 -28.71
C TYR D 17 -40.99 10.67 -29.67
N GLN D 18 -40.36 9.52 -29.47
CA GLN D 18 -39.28 9.06 -30.35
C GLN D 18 -39.83 8.72 -31.73
N GLN D 19 -40.98 8.05 -31.76
CA GLN D 19 -41.66 7.75 -33.02
C GLN D 19 -41.97 9.04 -33.76
N ILE D 20 -42.51 10.02 -33.02
CA ILE D 20 -42.85 11.31 -33.59
C ILE D 20 -41.63 12.03 -34.19
N TYR D 21 -40.58 12.24 -33.40
CA TYR D 21 -39.40 12.95 -33.92
C TYR D 21 -38.67 12.17 -35.02
N GLN D 22 -38.79 10.84 -35.01
CA GLN D 22 -38.23 10.03 -36.09
C GLN D 22 -38.97 10.29 -37.40
N LYS D 23 -40.30 10.19 -37.35
CA LYS D 23 -41.14 10.47 -38.52
C LYS D 23 -40.86 11.87 -39.05
N LEU D 24 -40.79 12.83 -38.14
CA LEU D 24 -40.57 14.23 -38.51
C LEU D 24 -39.18 14.48 -39.11
N LYS D 25 -38.16 13.85 -38.54
CA LYS D 25 -36.81 13.89 -39.11
C LYS D 25 -36.82 13.35 -40.52
N LYS D 26 -37.44 12.20 -40.70
CA LYS D 26 -37.48 11.54 -42.01
C LYS D 26 -38.23 12.38 -43.04
N GLU D 27 -39.28 13.07 -42.62
CA GLU D 27 -40.05 13.92 -43.54
C GLU D 27 -39.37 15.24 -43.86
N ILE D 28 -38.59 15.76 -42.91
CA ILE D 28 -37.81 16.98 -43.13
C ILE D 28 -36.64 16.70 -44.06
N LEU D 29 -35.94 15.59 -43.83
CA LEU D 29 -34.81 15.18 -44.66
C LEU D 29 -35.22 14.91 -46.10
N SER D 30 -36.36 14.23 -46.27
CA SER D 30 -36.85 13.85 -47.59
C SER D 30 -37.38 15.04 -48.38
N ARG D 31 -37.39 16.22 -47.75
CA ARG D 31 -37.83 17.47 -48.34
C ARG D 31 -39.36 17.55 -48.49
N ASN D 32 -40.04 16.46 -48.14
CA ASN D 32 -41.50 16.38 -48.18
C ASN D 32 -42.16 17.41 -47.26
N LEU D 33 -41.44 17.81 -46.21
CA LEU D 33 -41.80 19.00 -45.44
C LEU D 33 -40.83 20.10 -45.84
N LEU D 34 -41.33 21.10 -46.58
CA LEU D 34 -40.49 22.15 -47.15
C LEU D 34 -39.81 23.01 -46.08
N PRO D 35 -38.63 23.57 -46.41
CA PRO D 35 -37.92 24.49 -45.50
C PRO D 35 -38.79 25.69 -45.12
N HIS D 36 -38.67 26.13 -43.87
CA HIS D 36 -39.37 27.32 -43.36
C HIS D 36 -40.89 27.15 -43.22
N SER D 37 -41.41 26.01 -43.64
CA SER D 37 -42.82 25.69 -43.42
C SER D 37 -43.07 25.50 -41.93
N LYS D 38 -44.22 25.96 -41.45
CA LYS D 38 -44.56 25.79 -40.04
C LYS D 38 -45.08 24.38 -39.76
N VAL D 39 -44.91 23.94 -38.52
CA VAL D 39 -45.45 22.68 -38.05
C VAL D 39 -46.50 23.05 -37.01
N PRO D 40 -47.47 22.15 -36.74
CA PRO D 40 -48.48 22.50 -35.74
C PRO D 40 -47.83 22.81 -34.40
N SER D 41 -48.54 23.54 -33.53
CA SER D 41 -48.02 23.82 -32.21
C SER D 41 -48.08 22.53 -31.40
N LYS D 42 -47.61 22.58 -30.16
CA LYS D 42 -47.58 21.39 -29.32
C LYS D 42 -48.96 20.81 -29.08
N ARG D 43 -49.87 21.64 -28.55
CA ARG D 43 -51.25 21.23 -28.29
C ARG D 43 -51.94 20.77 -29.57
N GLU D 44 -51.70 21.50 -30.66
CA GLU D 44 -52.24 21.19 -31.97
C GLU D 44 -51.94 19.76 -32.38
N LEU D 45 -50.66 19.47 -32.57
CA LEU D 45 -50.21 18.14 -32.98
C LEU D 45 -50.61 17.07 -31.97
N ALA D 46 -50.60 17.42 -30.69
CA ALA D 46 -50.97 16.47 -29.65
C ALA D 46 -52.43 16.04 -29.77
N GLU D 47 -53.30 17.00 -30.13
CA GLU D 47 -54.70 16.72 -30.36
C GLU D 47 -54.91 15.95 -31.65
N ASN D 48 -54.10 16.27 -32.66
CA ASN D 48 -54.14 15.57 -33.94
C ASN D 48 -53.82 14.07 -33.78
N LEU D 49 -52.73 13.79 -33.08
CA LEU D 49 -52.28 12.42 -32.90
C LEU D 49 -52.94 11.75 -31.69
N LYS D 50 -53.72 12.52 -30.96
CA LYS D 50 -54.35 12.06 -29.72
C LYS D 50 -53.32 11.53 -28.73
N VAL D 51 -52.20 12.26 -28.60
CA VAL D 51 -51.17 11.92 -27.64
C VAL D 51 -51.04 13.05 -26.62
N SER D 52 -50.17 12.85 -25.64
CA SER D 52 -49.92 13.88 -24.63
C SER D 52 -49.13 15.05 -25.22
N VAL D 53 -49.33 16.23 -24.65
CA VAL D 53 -48.54 17.39 -25.03
C VAL D 53 -47.08 17.19 -24.60
N ASN D 54 -46.88 16.43 -23.54
CA ASN D 54 -45.52 16.10 -23.08
C ASN D 54 -44.71 15.39 -24.16
N SER D 55 -45.32 14.40 -24.80
CA SER D 55 -44.68 13.64 -25.87
C SER D 55 -44.25 14.55 -27.03
N VAL D 56 -45.22 15.33 -27.54
CA VAL D 56 -44.96 16.26 -28.62
C VAL D 56 -43.86 17.26 -28.25
N ASN D 57 -43.88 17.73 -27.01
CA ASN D 57 -42.85 18.64 -26.51
C ASN D 57 -41.48 17.99 -26.53
N SER D 58 -41.40 16.74 -26.11
CA SER D 58 -40.14 16.01 -26.15
C SER D 58 -39.63 15.83 -27.58
N ALA D 59 -40.52 15.49 -28.50
CA ALA D 59 -40.15 15.32 -29.90
C ALA D 59 -39.64 16.63 -30.51
N TYR D 60 -40.42 17.69 -30.31
CA TYR D 60 -40.06 19.03 -30.76
C TYR D 60 -38.73 19.49 -30.18
N GLN D 61 -38.49 19.18 -28.91
CA GLN D 61 -37.26 19.58 -28.27
C GLN D 61 -36.08 18.80 -28.85
N GLN D 62 -36.31 17.55 -29.19
CA GLN D 62 -35.30 16.74 -29.86
C GLN D 62 -34.92 17.36 -31.20
N LEU D 63 -35.95 17.68 -31.99
CA LEU D 63 -35.76 18.29 -33.31
C LEU D 63 -35.10 19.66 -33.23
N LEU D 64 -35.41 20.41 -32.15
CA LEU D 64 -34.86 21.74 -31.96
C LEU D 64 -33.40 21.68 -31.53
N ALA D 65 -33.07 20.68 -30.72
CA ALA D 65 -31.71 20.50 -30.26
C ALA D 65 -30.81 20.03 -31.40
N GLU D 66 -31.30 19.08 -32.19
CA GLU D 66 -30.53 18.58 -33.32
C GLU D 66 -30.61 19.53 -34.51
N GLY D 67 -31.56 20.46 -34.46
CA GLY D 67 -31.66 21.53 -35.45
C GLY D 67 -32.47 21.23 -36.70
N TYR D 68 -33.42 20.30 -36.59
CA TYR D 68 -34.34 20.06 -37.69
C TYR D 68 -35.42 21.13 -37.71
N LEU D 69 -35.60 21.79 -36.57
CA LEU D 69 -36.53 22.90 -36.46
C LEU D 69 -35.83 24.12 -35.87
N TYR D 70 -36.37 25.29 -36.13
CA TYR D 70 -35.99 26.49 -35.42
C TYR D 70 -37.24 27.18 -34.89
N ALA D 71 -37.09 27.92 -33.79
CA ALA D 71 -38.22 28.58 -33.17
C ALA D 71 -38.02 30.09 -33.07
N ILE D 72 -39.12 30.82 -33.16
CA ILE D 72 -39.11 32.27 -32.99
C ILE D 72 -39.97 32.57 -31.77
N GLU D 73 -39.82 33.76 -31.19
CA GLU D 73 -40.55 34.08 -29.97
C GLU D 73 -42.02 34.43 -30.21
N ARG D 74 -42.33 34.84 -31.43
CA ARG D 74 -43.70 35.04 -31.90
C ARG D 74 -44.32 33.65 -32.11
N LYS D 75 -43.47 32.67 -31.84
CA LYS D 75 -43.70 31.23 -31.94
C LYS D 75 -44.10 30.66 -33.29
N GLY D 76 -44.84 29.56 -33.24
CA GLY D 76 -44.80 28.60 -34.32
C GLY D 76 -43.46 27.88 -34.23
N PHE D 77 -43.35 26.70 -34.82
CA PHE D 77 -42.03 26.08 -34.99
C PHE D 77 -41.85 25.83 -36.48
N PHE D 78 -40.66 26.07 -36.99
CA PHE D 78 -40.46 26.01 -38.43
C PHE D 78 -39.40 25.02 -38.86
N VAL D 79 -39.62 24.36 -40.00
CA VAL D 79 -38.65 23.43 -40.56
C VAL D 79 -37.39 24.19 -40.96
N GLU D 80 -36.23 23.75 -40.47
CA GLU D 80 -34.97 24.43 -40.75
C GLU D 80 -34.55 24.17 -42.20
N GLU D 81 -33.86 25.14 -42.81
CA GLU D 81 -33.36 24.95 -44.16
C GLU D 81 -32.07 24.13 -44.11
N LEU D 82 -32.11 22.97 -44.76
CA LEU D 82 -30.95 22.10 -44.82
C LEU D 82 -30.52 22.01 -46.28
N ASP D 83 -29.22 22.06 -46.53
CA ASP D 83 -28.72 21.96 -47.89
C ASP D 83 -29.03 20.58 -48.45
N MET D 84 -29.12 20.50 -49.78
CA MET D 84 -29.33 19.22 -50.45
C MET D 84 -28.11 18.35 -50.16
N PHE D 85 -28.28 17.03 -50.24
CA PHE D 85 -27.26 16.15 -49.70
C PHE D 85 -26.09 15.80 -50.64
N SER D 86 -26.31 14.95 -51.64
CA SER D 86 -25.17 14.27 -52.23
C SER D 86 -24.24 15.13 -53.16
N ALA D 87 -24.63 15.51 -54.38
CA ALA D 87 -25.71 14.95 -55.19
C ALA D 87 -25.08 13.88 -56.08
N GLU D 88 -23.79 13.62 -55.84
CA GLU D 88 -22.98 12.75 -56.70
C GLU D 88 -23.06 11.26 -56.39
N GLU D 89 -22.20 10.48 -57.06
CA GLU D 89 -22.20 9.02 -56.98
C GLU D 89 -21.82 8.51 -55.59
N HIS D 90 -22.62 7.58 -55.07
CA HIS D 90 -22.35 6.96 -53.77
C HIS D 90 -21.51 5.68 -53.88
N PRO D 91 -20.65 5.44 -52.89
CA PRO D 91 -19.90 4.18 -52.71
C PRO D 91 -20.74 3.03 -52.15
N PRO D 92 -20.24 1.79 -52.26
CA PRO D 92 -20.78 0.59 -51.57
C PRO D 92 -20.64 0.71 -50.04
N PHE D 93 -21.10 -0.19 -49.16
CA PHE D 93 -21.77 -1.51 -49.37
C PHE D 93 -20.86 -2.75 -49.55
N ALA D 94 -19.54 -2.58 -49.54
CA ALA D 94 -18.62 -3.70 -49.78
C ALA D 94 -17.97 -4.24 -48.47
N LEU D 95 -17.21 -5.35 -48.41
CA LEU D 95 -16.88 -6.38 -49.45
C LEU D 95 -15.70 -6.01 -50.37
N PRO D 96 -15.16 -6.98 -51.15
CA PRO D 96 -15.00 -8.44 -51.07
C PRO D 96 -13.84 -8.99 -50.23
N ASP D 97 -12.67 -8.37 -50.35
CA ASP D 97 -11.43 -8.95 -49.81
C ASP D 97 -11.02 -8.35 -48.47
N ASP D 98 -11.77 -7.36 -48.01
CA ASP D 98 -11.59 -6.83 -46.66
C ASP D 98 -12.46 -7.65 -45.75
N LEU D 99 -13.07 -8.68 -46.34
CA LEU D 99 -13.83 -9.71 -45.65
C LEU D 99 -12.82 -10.77 -45.24
N LYS D 100 -11.54 -10.41 -45.38
CA LYS D 100 -10.40 -11.26 -45.07
C LYS D 100 -10.45 -11.71 -43.61
N GLU D 101 -11.40 -11.17 -42.86
CA GLU D 101 -11.69 -11.72 -41.56
C GLU D 101 -12.70 -12.81 -41.85
N ILE D 102 -12.21 -14.05 -41.76
CA ILE D 102 -13.02 -15.24 -41.88
C ILE D 102 -12.28 -16.26 -41.04
N HIS D 103 -13.02 -17.12 -40.35
CA HIS D 103 -12.45 -17.78 -39.19
C HIS D 103 -11.79 -19.11 -39.53
N ILE D 104 -10.47 -19.13 -39.41
CA ILE D 104 -9.66 -20.31 -39.77
C ILE D 104 -9.02 -20.91 -38.52
N ASP D 105 -9.47 -22.10 -38.15
CA ASP D 105 -9.03 -22.73 -36.91
C ASP D 105 -7.72 -23.50 -37.04
N GLN D 106 -6.78 -23.13 -36.18
CA GLN D 106 -5.47 -23.78 -36.06
C GLN D 106 -5.54 -24.90 -35.03
N SER D 107 -6.76 -25.25 -34.63
CA SER D 107 -7.03 -26.17 -33.51
C SER D 107 -6.11 -27.40 -33.45
N ASP D 108 -6.17 -28.24 -34.47
CA ASP D 108 -5.40 -29.49 -34.47
C ASP D 108 -3.94 -29.28 -34.93
N TRP D 109 -3.57 -28.04 -35.21
CA TRP D 109 -2.20 -27.72 -35.60
C TRP D 109 -1.21 -27.84 -34.44
N ILE D 110 0.05 -28.03 -34.78
CA ILE D 110 1.14 -28.00 -33.81
C ILE D 110 1.94 -26.73 -34.04
N SER D 111 2.20 -25.97 -32.98
CA SER D 111 2.81 -24.64 -33.13
C SER D 111 4.23 -24.52 -32.57
N PHE D 112 5.16 -24.13 -33.44
CA PHE D 112 6.52 -23.79 -33.02
C PHE D 112 6.70 -22.28 -32.85
N SER D 113 5.61 -21.53 -32.97
CA SER D 113 5.63 -20.08 -32.82
C SER D 113 6.33 -19.58 -31.55
N HIS D 114 7.16 -18.57 -31.71
CA HIS D 114 7.87 -17.94 -30.60
C HIS D 114 7.00 -16.88 -29.96
N MET D 115 5.83 -16.65 -30.56
CA MET D 115 4.87 -15.67 -30.06
C MET D 115 3.77 -16.36 -29.25
N SER D 116 2.79 -15.58 -28.80
CA SER D 116 1.73 -16.03 -27.91
C SER D 116 2.26 -16.67 -26.62
N SER D 117 1.59 -17.72 -26.14
CA SER D 117 1.88 -18.25 -24.80
C SER D 117 1.08 -19.46 -24.37
N ASP D 118 1.47 -20.01 -23.22
CA ASP D 118 0.73 -21.07 -22.55
C ASP D 118 -0.43 -20.48 -21.75
N THR D 119 -1.66 -20.87 -22.08
CA THR D 119 -2.83 -20.46 -21.31
C THR D 119 -3.23 -21.54 -20.30
N ASP D 120 -2.54 -22.66 -20.36
CA ASP D 120 -2.96 -23.85 -19.61
C ASP D 120 -2.55 -23.83 -18.15
N HIS D 121 -1.30 -23.44 -17.89
CA HIS D 121 -0.74 -23.55 -16.55
C HIS D 121 -0.88 -22.27 -15.74
N PHE D 122 -1.49 -21.24 -16.32
CA PHE D 122 -1.64 -20.00 -15.58
C PHE D 122 -2.70 -20.10 -14.49
N PRO D 123 -2.37 -19.60 -13.30
CA PRO D 123 -3.27 -19.52 -12.15
C PRO D 123 -4.31 -18.42 -12.33
N ILE D 124 -5.35 -18.69 -13.10
CA ILE D 124 -6.40 -17.71 -13.37
C ILE D 124 -7.23 -17.37 -12.12
N LYS D 125 -7.49 -18.38 -11.30
CA LYS D 125 -8.26 -18.19 -10.07
C LYS D 125 -7.50 -17.32 -9.07
N SER D 126 -6.20 -17.52 -8.99
CA SER D 126 -5.34 -16.68 -8.15
C SER D 126 -5.36 -15.24 -8.65
N TRP D 127 -5.31 -15.07 -9.97
CA TRP D 127 -5.39 -13.76 -10.59
C TRP D 127 -6.69 -13.06 -10.22
N PHE D 128 -7.79 -13.80 -10.27
CA PHE D 128 -9.09 -13.26 -9.90
C PHE D 128 -9.15 -12.88 -8.41
N ARG D 129 -8.54 -13.71 -7.56
CA ARG D 129 -8.46 -13.40 -6.13
C ARG D 129 -7.71 -12.09 -5.89
N CYS D 130 -6.53 -11.97 -6.50
CA CYS D 130 -5.75 -10.75 -6.42
C CYS D 130 -6.54 -9.56 -6.94
N GLU D 131 -7.37 -9.78 -7.95
CA GLU D 131 -8.21 -8.73 -8.51
C GLU D 131 -9.27 -8.26 -7.52
N GLN D 132 -9.93 -9.20 -6.84
CA GLN D 132 -10.93 -8.86 -5.82
C GLN D 132 -10.31 -8.12 -4.64
N LYS D 133 -9.16 -8.61 -4.18
CA LYS D 133 -8.45 -7.93 -3.10
C LYS D 133 -8.04 -6.51 -3.52
N ALA D 134 -7.54 -6.38 -4.74
CA ALA D 134 -7.12 -5.09 -5.27
C ALA D 134 -8.27 -4.10 -5.37
N ALA D 135 -9.41 -4.57 -5.86
CA ALA D 135 -10.60 -3.74 -5.96
C ALA D 135 -11.12 -3.35 -4.57
N SER D 136 -11.06 -4.29 -3.64
CA SER D 136 -11.59 -4.06 -2.29
C SER D 136 -10.67 -3.19 -1.43
N ARG D 137 -9.39 -3.07 -1.80
CA ARG D 137 -8.48 -2.22 -1.05
C ARG D 137 -8.70 -0.74 -1.36
N SER D 138 -8.32 -0.32 -2.56
CA SER D 138 -8.61 1.04 -2.98
C SER D 138 -9.77 1.02 -3.95
N TYR D 139 -10.94 1.44 -3.46
CA TYR D 139 -12.14 1.53 -4.26
C TYR D 139 -12.77 2.89 -4.07
N ARG D 140 -13.12 3.20 -2.82
CA ARG D 140 -13.63 4.51 -2.44
C ARG D 140 -12.76 5.61 -3.04
N THR D 141 -11.44 5.40 -3.03
CA THR D 141 -10.56 6.35 -3.68
C THR D 141 -10.03 5.78 -4.98
N LEU D 142 -10.59 6.23 -6.09
CA LEU D 142 -10.04 5.99 -7.42
C LEU D 142 -9.32 7.21 -8.00
N GLY D 143 -9.22 8.27 -7.19
CA GLY D 143 -8.77 9.58 -7.65
C GLY D 143 -7.38 9.77 -8.25
N ASP D 144 -6.33 9.40 -7.53
CA ASP D 144 -4.97 9.62 -8.03
C ASP D 144 -4.49 8.43 -8.85
N MET D 145 -5.40 7.48 -9.04
CA MET D 145 -5.15 6.29 -9.82
C MET D 145 -5.10 6.59 -11.31
N SER D 146 -5.34 7.85 -11.64
CA SER D 146 -5.31 8.33 -13.02
C SER D 146 -3.91 8.78 -13.45
N HIS D 147 -2.91 8.58 -12.59
CA HIS D 147 -1.55 9.04 -12.87
C HIS D 147 -0.99 8.52 -14.19
N PRO D 148 -0.48 9.43 -15.03
CA PRO D 148 0.00 9.15 -16.39
C PRO D 148 1.14 8.13 -16.45
N GLN D 149 2.06 8.18 -15.50
CA GLN D 149 3.15 7.21 -15.45
C GLN D 149 2.65 5.88 -14.91
N GLY D 150 1.39 5.87 -14.46
CA GLY D 150 0.82 4.71 -13.81
C GLY D 150 0.70 4.96 -12.32
N ILE D 151 -0.04 4.11 -11.63
CA ILE D 151 -0.22 4.25 -10.19
C ILE D 151 1.11 4.13 -9.45
N TYR D 152 1.36 5.05 -8.52
CA TYR D 152 2.64 5.13 -7.81
C TYR D 152 2.99 3.83 -7.10
N GLU D 153 2.04 3.28 -6.34
CA GLU D 153 2.25 2.06 -5.57
C GLU D 153 2.61 0.87 -6.47
N VAL D 154 1.96 0.79 -7.62
CA VAL D 154 2.23 -0.25 -8.61
C VAL D 154 3.67 -0.13 -9.13
N ARG D 155 4.06 1.09 -9.46
CA ARG D 155 5.42 1.38 -9.91
C ARG D 155 6.46 1.07 -8.83
N ALA D 156 6.08 1.23 -7.57
CA ALA D 156 6.98 0.95 -6.45
C ALA D 156 7.15 -0.55 -6.28
N ALA D 157 6.06 -1.29 -6.41
CA ALA D 157 6.11 -2.75 -6.35
C ALA D 157 6.98 -3.30 -7.47
N ILE D 158 6.75 -2.82 -8.69
CA ILE D 158 7.57 -3.21 -9.83
C ILE D 158 9.04 -2.81 -9.65
N THR D 159 9.26 -1.64 -9.05
CA THR D 159 10.62 -1.16 -8.77
C THR D 159 11.37 -2.11 -7.84
N ARG D 160 10.73 -2.47 -6.72
CA ARG D 160 11.32 -3.44 -5.80
C ARG D 160 11.59 -4.76 -6.52
N LEU D 161 10.57 -5.25 -7.23
CA LEU D 161 10.65 -6.50 -7.97
C LEU D 161 11.87 -6.57 -8.89
N ILE D 162 12.01 -5.58 -9.76
CA ILE D 162 13.14 -5.56 -10.70
C ILE D 162 14.45 -5.24 -10.01
N SER D 163 14.37 -4.59 -8.84
CA SER D 163 15.57 -4.37 -8.04
C SER D 163 16.14 -5.72 -7.61
N LEU D 164 15.26 -6.63 -7.21
CA LEU D 164 15.71 -7.97 -6.80
C LEU D 164 16.04 -8.90 -7.98
N THR D 165 15.14 -8.98 -8.96
CA THR D 165 15.29 -9.94 -10.04
C THR D 165 16.30 -9.53 -11.11
N ARG D 166 16.23 -8.28 -11.56
CA ARG D 166 17.13 -7.81 -12.62
C ARG D 166 18.33 -7.03 -12.11
N GLY D 167 18.38 -6.76 -10.80
CA GLY D 167 19.41 -5.90 -10.24
C GLY D 167 19.26 -4.45 -10.68
N VAL D 168 18.13 -4.11 -11.28
CA VAL D 168 17.86 -2.75 -11.75
C VAL D 168 17.72 -1.79 -10.58
N LYS D 169 18.40 -0.66 -10.65
CA LYS D 169 18.27 0.37 -9.61
C LYS D 169 17.54 1.61 -10.12
N CYS D 170 16.38 1.90 -9.53
CA CYS D 170 15.59 3.05 -9.94
C CYS D 170 14.66 3.57 -8.85
N ARG D 171 14.27 4.84 -8.98
CA ARG D 171 13.18 5.39 -8.20
C ARG D 171 11.89 5.22 -9.00
N PRO D 172 10.77 4.94 -8.31
CA PRO D 172 9.48 4.76 -8.97
C PRO D 172 9.07 5.97 -9.82
N GLU D 173 9.64 7.14 -9.54
CA GLU D 173 9.38 8.33 -10.34
C GLU D 173 9.93 8.20 -11.76
N GLN D 174 10.86 7.27 -11.96
CA GLN D 174 11.50 7.09 -13.27
C GLN D 174 10.76 6.09 -14.15
N MET D 175 9.79 5.39 -13.58
CA MET D 175 9.12 4.30 -14.29
C MET D 175 7.87 4.74 -15.06
N ILE D 176 7.71 4.21 -16.27
CA ILE D 176 6.49 4.45 -17.03
C ILE D 176 5.83 3.17 -17.54
N ILE D 177 4.64 2.90 -17.01
CA ILE D 177 3.74 1.86 -17.50
C ILE D 177 2.91 2.61 -18.57
N GLY D 178 2.53 1.98 -19.68
CA GLY D 178 2.52 0.54 -19.88
C GLY D 178 1.69 0.17 -21.09
N ALA D 179 1.09 -1.02 -21.05
CA ALA D 179 0.22 -1.53 -22.12
C ALA D 179 0.95 -1.80 -23.42
N GLY D 180 2.08 -2.50 -23.31
CA GLY D 180 2.85 -2.89 -24.46
C GLY D 180 4.10 -2.07 -24.65
N THR D 181 5.12 -2.68 -25.25
CA THR D 181 6.40 -2.03 -25.47
C THR D 181 6.29 -1.01 -26.59
N GLN D 182 5.34 -1.24 -27.49
CA GLN D 182 5.07 -0.37 -28.63
C GLN D 182 4.81 1.08 -28.21
N VAL D 183 3.89 1.24 -27.27
CA VAL D 183 3.48 2.56 -26.78
C VAL D 183 4.63 3.30 -26.12
N LEU D 184 5.36 2.58 -25.26
CA LEU D 184 6.49 3.14 -24.54
C LEU D 184 7.62 3.51 -25.49
N MET D 185 7.78 2.75 -26.57
CA MET D 185 8.79 3.04 -27.58
C MET D 185 8.41 4.28 -28.37
N GLN D 186 7.12 4.43 -28.67
CA GLN D 186 6.64 5.63 -29.32
C GLN D 186 6.96 6.86 -28.46
N LEU D 187 6.47 6.82 -27.22
CA LEU D 187 6.74 7.88 -26.25
C LEU D 187 8.22 8.20 -26.16
N LEU D 188 9.03 7.14 -26.10
CA LEU D 188 10.47 7.28 -25.93
C LEU D 188 11.12 7.95 -27.13
N THR D 189 10.69 7.59 -28.33
CA THR D 189 11.18 8.25 -29.54
C THR D 189 10.83 9.72 -29.49
N GLU D 190 9.71 10.04 -28.87
CA GLU D 190 9.35 11.45 -28.69
C GLU D 190 10.16 12.16 -27.61
N LEU D 191 10.60 11.42 -26.60
CA LEU D 191 11.40 11.99 -25.51
C LEU D 191 12.87 12.16 -25.92
N LEU D 192 13.37 11.19 -26.69
CA LEU D 192 14.73 11.23 -27.21
C LEU D 192 14.89 12.37 -28.23
N PRO D 193 16.13 12.83 -28.46
CA PRO D 193 16.38 13.87 -29.46
C PRO D 193 15.77 13.52 -30.83
N LYS D 194 15.10 14.47 -31.45
CA LYS D 194 14.36 14.24 -32.69
C LYS D 194 15.27 13.78 -33.84
N GLU D 195 16.49 14.32 -33.86
CA GLU D 195 17.43 14.03 -34.94
C GLU D 195 18.34 12.84 -34.65
N ALA D 196 18.10 12.16 -33.53
CA ALA D 196 18.89 11.01 -33.13
C ALA D 196 18.89 9.89 -34.15
N VAL D 197 20.07 9.28 -34.36
CA VAL D 197 20.20 8.12 -35.23
C VAL D 197 20.16 6.84 -34.40
N TYR D 198 19.12 6.05 -34.59
CA TYR D 198 18.96 4.79 -33.88
C TYR D 198 19.81 3.70 -34.51
N ALA D 199 20.14 2.67 -33.73
CA ALA D 199 20.89 1.52 -34.24
C ALA D 199 20.28 0.25 -33.68
N MET D 200 19.98 -0.71 -34.55
CA MET D 200 19.41 -1.97 -34.08
C MET D 200 20.28 -3.16 -34.42
N GLU D 201 20.09 -4.26 -33.70
CA GLU D 201 20.83 -5.48 -33.97
C GLU D 201 20.30 -6.15 -35.23
N GLU D 202 21.22 -6.58 -36.09
CA GLU D 202 20.87 -7.29 -37.32
C GLU D 202 21.44 -8.71 -37.27
N PRO D 203 20.56 -9.72 -37.24
CA PRO D 203 19.09 -9.64 -37.24
C PRO D 203 18.54 -9.17 -35.90
N GLY D 204 17.27 -8.77 -35.89
CA GLY D 204 16.67 -8.19 -34.70
C GLY D 204 15.16 -8.15 -34.75
N TYR D 205 14.56 -7.39 -33.83
CA TYR D 205 13.11 -7.35 -33.72
C TYR D 205 12.57 -6.45 -34.82
N ARG D 206 11.76 -7.03 -35.69
CA ARG D 206 11.32 -6.34 -36.91
C ARG D 206 10.27 -5.27 -36.64
N ARG D 207 9.41 -5.52 -35.66
CA ARG D 207 8.35 -4.58 -35.31
C ARG D 207 8.92 -3.26 -34.79
N MET D 208 9.98 -3.37 -33.99
CA MET D 208 10.66 -2.20 -33.42
C MET D 208 11.27 -1.37 -34.55
N TYR D 209 11.90 -2.07 -35.49
CA TYR D 209 12.51 -1.45 -36.66
C TYR D 209 11.48 -0.70 -37.49
N GLN D 210 10.38 -1.38 -37.81
CA GLN D 210 9.29 -0.77 -38.56
C GLN D 210 8.70 0.44 -37.84
N LEU D 211 8.54 0.32 -36.52
CA LEU D 211 8.02 1.40 -35.69
C LEU D 211 8.94 2.62 -35.79
N LEU D 212 10.24 2.38 -35.64
CA LEU D 212 11.23 3.44 -35.75
C LEU D 212 11.19 4.13 -37.11
N LYS D 213 11.15 3.32 -38.19
CA LYS D 213 11.09 3.86 -39.54
C LYS D 213 9.83 4.68 -39.76
N ASN D 214 8.70 4.22 -39.22
CA ASN D 214 7.43 4.92 -39.36
C ASN D 214 7.41 6.28 -38.67
N ALA D 215 8.26 6.45 -37.67
CA ALA D 215 8.40 7.73 -36.98
C ALA D 215 9.35 8.64 -37.76
N GLY D 216 9.91 8.12 -38.85
CA GLY D 216 10.77 8.91 -39.71
C GLY D 216 12.19 9.01 -39.20
N LYS D 217 12.55 8.16 -38.25
CA LYS D 217 13.90 8.15 -37.69
C LYS D 217 14.85 7.32 -38.56
N GLN D 218 16.11 7.74 -38.64
CA GLN D 218 17.11 6.95 -39.35
C GLN D 218 17.57 5.80 -38.48
N VAL D 219 17.49 4.58 -39.01
CA VAL D 219 17.89 3.40 -38.26
C VAL D 219 19.02 2.64 -38.94
N LYS D 220 20.20 2.70 -38.33
CA LYS D 220 21.34 1.91 -38.80
C LYS D 220 21.33 0.47 -38.29
N THR D 221 21.94 -0.42 -39.07
CA THR D 221 21.92 -1.84 -38.77
C THR D 221 23.31 -2.33 -38.32
N ILE D 222 23.34 -3.00 -37.17
CA ILE D 222 24.60 -3.42 -36.56
C ILE D 222 24.69 -4.94 -36.45
N MET D 223 25.65 -5.54 -37.14
CA MET D 223 25.83 -7.00 -37.14
C MET D 223 26.22 -7.56 -35.77
N LEU D 224 25.93 -8.83 -35.55
CA LEU D 224 26.29 -9.50 -34.30
C LEU D 224 27.52 -10.38 -34.51
N ASP D 225 28.52 -10.25 -33.63
CA ASP D 225 29.57 -11.24 -33.54
C ASP D 225 29.24 -12.27 -32.47
N GLU D 226 30.19 -13.12 -32.13
CA GLU D 226 29.99 -14.15 -31.10
C GLU D 226 29.56 -13.57 -29.75
N LYS D 227 29.91 -12.30 -29.53
CA LYS D 227 29.57 -11.60 -28.29
C LYS D 227 28.29 -10.79 -28.38
N GLY D 228 27.55 -10.94 -29.49
CA GLY D 228 26.37 -10.13 -29.71
C GLY D 228 26.68 -8.86 -30.46
N MET D 229 25.94 -7.80 -30.15
CA MET D 229 26.05 -6.53 -30.88
C MET D 229 27.49 -6.06 -30.97
N SER D 230 27.94 -5.77 -32.19
CA SER D 230 29.34 -5.47 -32.43
C SER D 230 29.67 -4.03 -32.06
N ILE D 231 30.58 -3.87 -31.11
CA ILE D 231 31.02 -2.54 -30.68
C ILE D 231 31.84 -1.89 -31.79
N ALA D 232 32.44 -2.72 -32.64
CA ALA D 232 33.22 -2.25 -33.78
C ALA D 232 32.36 -1.51 -34.80
N GLU D 233 31.28 -2.15 -35.23
CA GLU D 233 30.36 -1.53 -36.19
C GLU D 233 29.65 -0.31 -35.62
N ILE D 234 29.37 -0.37 -34.32
CA ILE D 234 28.78 0.76 -33.60
C ILE D 234 29.72 1.96 -33.60
N THR D 235 31.00 1.71 -33.34
CA THR D 235 32.00 2.77 -33.36
C THR D 235 32.20 3.30 -34.78
N ARG D 236 32.10 2.42 -35.76
CA ARG D 236 32.29 2.80 -37.16
C ARG D 236 31.15 3.68 -37.67
N GLN D 237 29.92 3.34 -37.30
CA GLN D 237 28.75 4.03 -37.84
C GLN D 237 28.22 5.21 -37.02
N GLN D 238 28.72 5.37 -35.80
CA GLN D 238 28.31 6.48 -34.91
C GLN D 238 26.80 6.72 -34.77
N PRO D 239 26.06 5.78 -34.15
CA PRO D 239 24.64 6.05 -33.84
C PRO D 239 24.48 6.91 -32.58
N ASP D 240 23.34 7.57 -32.45
CA ASP D 240 23.02 8.29 -31.22
C ASP D 240 22.45 7.40 -30.11
N VAL D 241 21.58 6.47 -30.50
CA VAL D 241 20.94 5.58 -29.53
C VAL D 241 20.94 4.11 -29.95
N LEU D 242 21.33 3.24 -29.03
CA LEU D 242 21.41 1.80 -29.29
C LEU D 242 20.12 1.11 -28.87
N VAL D 243 19.73 0.09 -29.63
CA VAL D 243 18.60 -0.77 -29.26
C VAL D 243 19.14 -2.18 -29.14
N THR D 244 19.18 -2.71 -27.91
CA THR D 244 19.86 -3.97 -27.69
C THR D 244 19.05 -4.97 -26.88
N THR D 245 19.34 -6.26 -27.06
CA THR D 245 18.74 -7.31 -26.24
C THR D 245 19.85 -8.20 -25.68
N PRO D 246 20.59 -7.66 -24.68
CA PRO D 246 21.81 -8.28 -24.16
C PRO D 246 21.60 -9.57 -23.35
N SER D 247 20.42 -9.74 -22.76
CA SER D 247 20.15 -10.93 -21.96
C SER D 247 19.94 -12.19 -22.81
N HIS D 248 19.02 -12.11 -23.77
CA HIS D 248 18.82 -13.15 -24.77
C HIS D 248 18.61 -12.44 -26.09
N GLN D 249 19.52 -12.64 -27.04
CA GLN D 249 19.44 -11.88 -28.29
C GLN D 249 18.30 -12.38 -29.16
N PHE D 250 17.44 -11.47 -29.59
CA PHE D 250 16.34 -11.82 -30.45
C PHE D 250 16.66 -11.41 -31.88
N PRO D 251 16.54 -12.33 -32.84
CA PRO D 251 16.24 -13.76 -32.77
C PRO D 251 17.36 -14.70 -32.28
N SER D 252 18.64 -14.31 -32.41
CA SER D 252 19.75 -15.27 -32.37
C SER D 252 19.91 -16.09 -31.09
N GLY D 253 19.57 -15.52 -29.94
CA GLY D 253 19.66 -16.24 -28.67
C GLY D 253 21.00 -16.14 -27.99
N THR D 254 21.77 -15.10 -28.34
CA THR D 254 23.09 -14.89 -27.76
C THR D 254 23.04 -14.02 -26.50
N ILE D 255 23.67 -14.48 -25.43
CA ILE D 255 23.83 -13.68 -24.23
C ILE D 255 25.05 -12.77 -24.39
N MET D 256 24.84 -11.46 -24.29
CA MET D 256 25.94 -10.51 -24.33
C MET D 256 26.76 -10.66 -23.05
N PRO D 257 28.03 -11.06 -23.19
CA PRO D 257 28.88 -11.26 -22.02
C PRO D 257 29.33 -9.92 -21.41
N VAL D 258 29.69 -9.93 -20.14
CA VAL D 258 30.01 -8.70 -19.39
C VAL D 258 31.03 -7.78 -20.09
N SER D 259 32.00 -8.37 -20.80
CA SER D 259 33.00 -7.57 -21.51
C SER D 259 32.36 -6.64 -22.54
N ARG D 260 31.46 -7.20 -23.35
CA ARG D 260 30.76 -6.42 -24.36
C ARG D 260 29.80 -5.39 -23.74
N ARG D 261 29.14 -5.78 -22.66
CA ARG D 261 28.23 -4.87 -21.95
C ARG D 261 29.01 -3.64 -21.49
N ILE D 262 30.17 -3.89 -20.88
CA ILE D 262 31.05 -2.82 -20.43
C ILE D 262 31.53 -1.96 -21.60
N GLN D 263 31.86 -2.60 -22.73
CA GLN D 263 32.25 -1.86 -23.92
C GLN D 263 31.15 -0.89 -24.36
N LEU D 264 29.91 -1.38 -24.40
CA LEU D 264 28.77 -0.55 -24.80
C LEU D 264 28.52 0.60 -23.83
N LEU D 265 28.64 0.33 -22.53
CA LEU D 265 28.44 1.35 -21.51
C LEU D 265 29.51 2.45 -21.58
N ASN D 266 30.77 2.03 -21.74
CA ASN D 266 31.85 2.99 -21.95
C ASN D 266 31.61 3.84 -23.20
N TRP D 267 31.21 3.17 -24.28
CA TRP D 267 30.86 3.85 -25.52
C TRP D 267 29.82 4.93 -25.27
N ALA D 268 28.78 4.57 -24.52
CA ALA D 268 27.71 5.51 -24.21
C ALA D 268 28.20 6.68 -23.35
N ALA D 269 29.12 6.40 -22.44
CA ALA D 269 29.64 7.44 -21.54
C ALA D 269 30.66 8.36 -22.20
N GLU D 270 31.18 7.94 -23.36
CA GLU D 270 32.16 8.74 -24.11
C GLU D 270 31.67 10.17 -24.38
N GLU D 271 30.48 10.28 -24.95
CA GLU D 271 29.93 11.57 -25.40
C GLU D 271 28.57 11.84 -24.77
N PRO D 272 28.20 13.13 -24.65
CA PRO D 272 26.90 13.48 -24.06
C PRO D 272 25.74 13.11 -24.97
N ARG D 273 24.53 13.09 -24.40
CA ARG D 273 23.29 12.70 -25.11
C ARG D 273 23.49 11.47 -25.99
N ARG D 274 23.85 10.36 -25.35
CA ARG D 274 24.07 9.10 -26.04
C ARG D 274 23.40 8.02 -25.20
N TYR D 275 22.47 7.28 -25.81
CA TYR D 275 21.59 6.41 -25.02
C TYR D 275 21.64 4.94 -25.42
N ILE D 276 21.29 4.07 -24.47
CA ILE D 276 21.10 2.65 -24.75
C ILE D 276 19.74 2.20 -24.23
N ILE D 277 18.94 1.66 -25.13
CA ILE D 277 17.66 1.07 -24.78
C ILE D 277 17.82 -0.45 -24.69
N GLU D 278 17.70 -0.97 -23.47
CA GLU D 278 17.78 -2.41 -23.24
C GLU D 278 16.39 -2.99 -23.27
N ASP D 279 16.14 -3.91 -24.20
CA ASP D 279 14.83 -4.53 -24.31
C ASP D 279 14.91 -5.88 -23.61
N ASP D 280 14.29 -5.95 -22.44
CA ASP D 280 14.31 -7.15 -21.63
C ASP D 280 12.93 -7.81 -21.78
N TYR D 281 12.90 -8.93 -22.50
CA TYR D 281 11.64 -9.55 -22.89
C TYR D 281 11.43 -10.93 -22.24
N ASP D 282 12.31 -11.87 -22.52
CA ASP D 282 12.24 -13.22 -21.96
C ASP D 282 13.15 -13.47 -20.75
N SER D 283 13.85 -12.45 -20.29
CA SER D 283 15.01 -12.62 -19.40
C SER D 283 14.81 -13.32 -18.04
N GLU D 284 13.57 -13.50 -17.61
CA GLU D 284 13.37 -14.18 -16.32
C GLU D 284 13.46 -15.71 -16.44
N PHE D 285 13.56 -16.21 -17.67
CA PHE D 285 13.73 -17.64 -17.86
C PHE D 285 15.14 -17.98 -18.35
N THR D 286 15.95 -18.54 -17.46
CA THR D 286 17.29 -19.04 -17.77
C THR D 286 17.44 -20.37 -17.05
N TYR D 287 17.72 -21.43 -17.82
CA TYR D 287 17.61 -22.78 -17.31
C TYR D 287 18.81 -23.36 -16.53
N ASP D 288 20.02 -23.08 -17.01
CA ASP D 288 21.24 -23.56 -16.34
C ASP D 288 21.63 -22.70 -15.14
N VAL D 289 21.41 -21.39 -15.25
CA VAL D 289 21.93 -20.42 -14.29
C VAL D 289 20.85 -19.43 -13.85
N ASP D 290 21.18 -18.64 -12.83
CA ASP D 290 20.27 -17.59 -12.36
C ASP D 290 20.10 -16.53 -13.44
N SER D 291 19.04 -15.74 -13.34
CA SER D 291 18.83 -14.62 -14.26
C SER D 291 20.06 -13.72 -14.27
N ILE D 292 20.51 -13.35 -15.45
CA ILE D 292 21.67 -12.49 -15.60
C ILE D 292 21.24 -11.04 -15.42
N PRO D 293 21.88 -10.32 -14.48
CA PRO D 293 21.55 -8.92 -14.17
C PRO D 293 21.48 -8.06 -15.42
N ALA D 294 20.57 -7.10 -15.44
CA ALA D 294 20.38 -6.26 -16.62
C ALA D 294 21.60 -5.40 -16.91
N LEU D 295 21.75 -4.96 -18.15
CA LEU D 295 22.79 -4.02 -18.54
C LEU D 295 22.73 -2.78 -17.66
N GLN D 296 21.51 -2.32 -17.42
CA GLN D 296 21.26 -1.12 -16.62
C GLN D 296 21.93 -1.19 -15.24
N SER D 297 21.98 -2.39 -14.66
CA SER D 297 22.59 -2.57 -13.34
C SER D 297 24.07 -2.20 -13.30
N LEU D 298 24.75 -2.30 -14.45
CA LEU D 298 26.18 -1.99 -14.52
C LEU D 298 26.45 -0.55 -14.95
N ASP D 299 25.40 0.19 -15.28
CA ASP D 299 25.57 1.54 -15.82
C ASP D 299 25.69 2.58 -14.71
N ARG D 300 26.84 3.24 -14.65
CA ARG D 300 27.07 4.30 -13.67
C ARG D 300 26.72 5.67 -14.23
N PHE D 301 26.56 5.75 -15.54
CA PHE D 301 26.44 7.03 -16.24
C PHE D 301 25.02 7.46 -16.65
N GLN D 302 24.02 6.64 -16.31
CA GLN D 302 22.61 6.95 -16.54
C GLN D 302 22.26 7.14 -18.02
N ASN D 303 22.90 6.36 -18.89
CA ASN D 303 22.60 6.40 -20.32
C ASN D 303 21.66 5.28 -20.77
N VAL D 304 21.30 4.40 -19.84
CA VAL D 304 20.50 3.22 -20.19
C VAL D 304 19.02 3.37 -19.84
N ILE D 305 18.17 3.11 -20.81
CA ILE D 305 16.71 3.10 -20.61
C ILE D 305 16.24 1.66 -20.54
N TYR D 306 15.68 1.25 -19.41
CA TYR D 306 15.36 -0.18 -19.25
C TYR D 306 13.92 -0.50 -19.63
N MET D 307 13.72 -1.41 -20.58
CA MET D 307 12.35 -1.76 -20.98
C MET D 307 11.96 -3.18 -20.58
N GLY D 308 11.09 -3.29 -19.58
CA GLY D 308 10.58 -4.58 -19.15
C GLY D 308 9.16 -4.86 -19.60
N THR D 309 8.77 -6.13 -19.52
CA THR D 309 7.42 -6.56 -19.89
C THR D 309 6.97 -7.80 -19.12
N PHE D 310 5.66 -7.91 -18.90
CA PHE D 310 5.09 -9.11 -18.28
C PHE D 310 4.46 -10.08 -19.29
N SER D 311 4.56 -9.74 -20.57
CA SER D 311 3.84 -10.46 -21.62
C SER D 311 4.08 -11.97 -21.67
N LYS D 312 5.34 -12.38 -21.77
CA LYS D 312 5.68 -13.79 -21.91
C LYS D 312 5.54 -14.58 -20.60
N SER D 313 5.28 -13.87 -19.51
CA SER D 313 5.13 -14.50 -18.20
C SER D 313 3.67 -14.77 -17.89
N LEU D 314 2.89 -13.70 -17.80
CA LEU D 314 1.52 -13.70 -17.31
C LEU D 314 0.46 -14.13 -18.34
N LEU D 315 -0.80 -13.81 -18.04
CA LEU D 315 -1.95 -14.22 -18.85
C LEU D 315 -1.77 -13.91 -20.33
N PRO D 316 -2.39 -14.72 -21.20
CA PRO D 316 -2.20 -14.63 -22.66
C PRO D 316 -2.37 -13.22 -23.23
N GLY D 317 -3.42 -12.51 -22.83
CA GLY D 317 -3.67 -11.20 -23.41
C GLY D 317 -3.43 -10.01 -22.50
N LEU D 318 -2.86 -10.25 -21.32
CA LEU D 318 -2.72 -9.21 -20.30
C LEU D 318 -2.01 -7.95 -20.78
N ARG D 319 -0.80 -8.13 -21.28
CA ARG D 319 -0.03 -7.05 -21.91
C ARG D 319 0.24 -5.80 -21.08
N ILE D 320 1.15 -5.92 -20.12
CA ILE D 320 1.64 -4.77 -19.37
C ILE D 320 3.15 -4.67 -19.48
N SER D 321 3.64 -3.50 -19.87
CA SER D 321 5.08 -3.27 -19.92
C SER D 321 5.45 -2.06 -19.08
N TYR D 322 6.75 -1.78 -18.99
CA TYR D 322 7.22 -0.63 -18.24
C TYR D 322 8.59 -0.21 -18.77
N MET D 323 8.95 1.05 -18.54
CA MET D 323 10.30 1.49 -18.86
C MET D 323 10.88 2.46 -17.82
N VAL D 324 12.13 2.21 -17.45
CA VAL D 324 12.85 3.01 -16.49
C VAL D 324 13.71 4.04 -17.20
N LEU D 325 13.44 5.30 -16.86
CA LEU D 325 14.00 6.48 -17.52
C LEU D 325 15.14 7.15 -16.73
N PRO D 326 16.25 7.44 -17.42
CA PRO D 326 17.28 8.33 -16.87
C PRO D 326 16.67 9.70 -16.58
N PRO D 327 17.14 10.39 -15.54
CA PRO D 327 16.56 11.65 -15.05
C PRO D 327 16.40 12.74 -16.11
N GLU D 328 17.28 12.79 -17.11
CA GLU D 328 17.16 13.79 -18.16
C GLU D 328 15.89 13.56 -18.97
N LEU D 329 15.62 12.29 -19.29
CA LEU D 329 14.46 11.91 -20.07
C LEU D 329 13.17 12.01 -19.27
N LEU D 330 13.27 11.86 -17.95
CA LEU D 330 12.12 12.07 -17.07
C LEU D 330 11.79 13.55 -17.01
N ARG D 331 12.84 14.36 -16.88
CA ARG D 331 12.71 15.81 -16.88
C ARG D 331 12.09 16.27 -18.19
N ALA D 332 12.47 15.60 -19.28
CA ALA D 332 11.88 15.86 -20.59
C ALA D 332 10.41 15.42 -20.61
N TYR D 333 10.12 14.31 -19.94
CA TYR D 333 8.77 13.75 -19.91
C TYR D 333 7.77 14.64 -19.19
N LYS D 334 8.16 15.15 -18.02
CA LYS D 334 7.25 15.95 -17.20
C LYS D 334 7.00 17.35 -17.75
N GLN D 335 7.72 17.72 -18.81
CA GLN D 335 7.54 19.01 -19.46
C GLN D 335 6.40 18.97 -20.48
N ARG D 336 5.83 17.78 -20.68
CA ARG D 336 4.77 17.59 -21.66
C ARG D 336 3.40 17.92 -21.10
N GLY D 337 2.91 17.08 -20.17
CA GLY D 337 1.67 17.36 -19.46
C GLY D 337 0.43 16.75 -20.06
N TYR D 338 0.51 16.36 -21.32
CA TYR D 338 -0.67 15.86 -22.05
C TYR D 338 -0.79 14.33 -22.15
N ASP D 339 0.16 13.60 -21.57
CA ASP D 339 0.14 12.14 -21.68
C ASP D 339 -0.89 11.45 -20.78
N LEU D 340 -1.54 10.42 -21.32
CA LEU D 340 -2.50 9.62 -20.55
C LEU D 340 -1.99 8.19 -20.36
N GLN D 341 -2.35 7.58 -19.24
CA GLN D 341 -1.99 6.19 -18.95
C GLN D 341 -2.81 5.24 -19.80
N THR D 342 -2.15 4.28 -20.45
CA THR D 342 -2.84 3.33 -21.32
C THR D 342 -3.20 2.01 -20.63
N CYS D 343 -2.76 1.84 -19.39
CA CYS D 343 -3.11 0.64 -18.63
C CYS D 343 -4.22 0.91 -17.64
N SER D 344 -5.22 0.04 -17.63
CA SER D 344 -6.36 0.17 -16.73
C SER D 344 -5.93 0.06 -15.26
N SER D 345 -6.42 0.98 -14.44
CA SER D 345 -6.07 1.03 -13.02
C SER D 345 -6.28 -0.29 -12.30
N LEU D 346 -7.39 -0.95 -12.59
CA LEU D 346 -7.73 -2.22 -11.97
C LEU D 346 -6.69 -3.30 -12.30
N THR D 347 -6.19 -3.26 -13.53
CA THR D 347 -5.16 -4.19 -13.97
C THR D 347 -3.81 -3.90 -13.30
N GLN D 348 -3.51 -2.61 -13.11
CA GLN D 348 -2.31 -2.20 -12.39
C GLN D 348 -2.34 -2.72 -10.96
N LEU D 349 -3.47 -2.48 -10.27
CA LEU D 349 -3.62 -2.90 -8.89
C LEU D 349 -3.63 -4.41 -8.74
N THR D 350 -4.26 -5.09 -9.70
CA THR D 350 -4.27 -6.55 -9.71
C THR D 350 -2.86 -7.09 -9.89
N LEU D 351 -2.08 -6.46 -10.78
CA LEU D 351 -0.68 -6.83 -10.95
C LEU D 351 0.10 -6.62 -9.65
N GLN D 352 -0.11 -5.48 -9.02
CA GLN D 352 0.58 -5.15 -7.77
C GLN D 352 0.28 -6.18 -6.70
N GLU D 353 -0.98 -6.59 -6.61
CA GLU D 353 -1.38 -7.62 -5.66
C GLU D 353 -0.78 -8.98 -6.00
N PHE D 354 -0.73 -9.29 -7.29
CA PHE D 354 -0.16 -10.55 -7.77
C PHE D 354 1.32 -10.64 -7.38
N ILE D 355 2.04 -9.55 -7.55
CA ILE D 355 3.46 -9.50 -7.19
C ILE D 355 3.65 -9.53 -5.68
N GLU D 356 2.91 -8.69 -4.97
CA GLU D 356 3.08 -8.51 -3.53
C GLU D 356 2.59 -9.70 -2.69
N SER D 357 1.66 -10.47 -3.24
CA SER D 357 1.18 -11.66 -2.53
C SER D 357 2.16 -12.82 -2.73
N GLY D 358 3.11 -12.65 -3.63
CA GLY D 358 4.13 -13.65 -3.87
C GLY D 358 3.72 -14.66 -4.93
N GLU D 359 2.51 -14.49 -5.47
CA GLU D 359 1.98 -15.39 -6.48
C GLU D 359 2.74 -15.31 -7.81
N TYR D 360 3.28 -14.13 -8.10
CA TYR D 360 4.05 -13.92 -9.33
C TYR D 360 5.31 -14.76 -9.34
N GLN D 361 6.06 -14.73 -8.24
CA GLN D 361 7.27 -15.54 -8.10
C GLN D 361 6.97 -17.02 -8.24
N LYS D 362 5.90 -17.45 -7.58
CA LYS D 362 5.44 -18.84 -7.63
C LYS D 362 5.18 -19.26 -9.07
N HIS D 363 4.41 -18.43 -9.77
CA HIS D 363 4.11 -18.65 -11.19
C HIS D 363 5.37 -18.75 -12.03
N ILE D 364 6.30 -17.81 -11.85
CA ILE D 364 7.54 -17.79 -12.61
C ILE D 364 8.38 -19.06 -12.36
N LYS D 365 8.45 -19.50 -11.11
CA LYS D 365 9.13 -20.75 -10.78
C LYS D 365 8.52 -21.91 -11.56
N LYS D 366 7.21 -22.08 -11.40
CA LYS D 366 6.48 -23.14 -12.09
C LYS D 366 6.74 -23.15 -13.60
N MET D 367 6.52 -22.01 -14.24
CA MET D 367 6.74 -21.90 -15.69
C MET D 367 8.19 -22.12 -16.09
N LYS D 368 9.13 -21.75 -15.21
CA LYS D 368 10.54 -21.92 -15.52
C LYS D 368 10.88 -23.39 -15.59
N GLN D 369 10.45 -24.15 -14.59
CA GLN D 369 10.64 -25.60 -14.60
C GLN D 369 9.96 -26.24 -15.82
N HIS D 370 8.70 -25.87 -16.03
CA HIS D 370 7.89 -26.37 -17.15
C HIS D 370 8.55 -26.17 -18.52
N TYR D 371 8.92 -24.92 -18.80
CA TYR D 371 9.59 -24.54 -20.03
C TYR D 371 10.94 -25.22 -20.19
N LYS D 372 11.69 -25.31 -19.10
CA LYS D 372 12.99 -25.98 -19.12
C LYS D 372 12.84 -27.43 -19.58
N GLU D 373 11.96 -28.16 -18.91
CA GLU D 373 11.69 -29.55 -19.27
C GLU D 373 11.22 -29.66 -20.72
N LYS D 374 10.33 -28.76 -21.13
CA LYS D 374 9.81 -28.77 -22.50
C LYS D 374 10.91 -28.58 -23.54
N ARG D 375 11.80 -27.62 -23.29
CA ARG D 375 12.91 -27.33 -24.19
C ARG D 375 13.85 -28.52 -24.28
N GLU D 376 14.14 -29.15 -23.14
CA GLU D 376 14.98 -30.34 -23.15
C GLU D 376 14.38 -31.45 -24.00
N ARG D 377 13.09 -31.70 -23.82
CA ARG D 377 12.38 -32.68 -24.65
C ARG D 377 12.48 -32.32 -26.14
N LEU D 378 12.24 -31.05 -26.45
CA LEU D 378 12.30 -30.57 -27.83
C LEU D 378 13.66 -30.82 -28.46
N ILE D 379 14.72 -30.42 -27.76
CA ILE D 379 16.09 -30.60 -28.22
C ILE D 379 16.40 -32.08 -28.47
N THR D 380 16.04 -32.93 -27.51
CA THR D 380 16.29 -34.37 -27.67
C THR D 380 15.53 -34.97 -28.85
N ALA D 381 14.28 -34.57 -29.02
CA ALA D 381 13.48 -35.04 -30.16
C ALA D 381 14.11 -34.61 -31.48
N LEU D 382 14.56 -33.36 -31.53
CA LEU D 382 15.20 -32.82 -32.73
C LEU D 382 16.50 -33.55 -33.07
N GLU D 383 17.38 -33.73 -32.09
CA GLU D 383 18.64 -34.43 -32.36
C GLU D 383 18.39 -35.88 -32.76
N ALA D 384 17.38 -36.49 -32.17
CA ALA D 384 16.99 -37.85 -32.55
C ALA D 384 16.50 -37.92 -34.00
N GLU D 385 15.66 -36.97 -34.40
CA GLU D 385 15.04 -36.99 -35.73
C GLU D 385 15.98 -36.56 -36.86
N PHE D 386 16.69 -35.45 -36.67
CA PHE D 386 17.55 -34.91 -37.70
C PHE D 386 19.00 -35.40 -37.63
N SER D 387 19.37 -36.05 -36.52
CA SER D 387 20.75 -36.47 -36.30
C SER D 387 21.74 -35.30 -36.46
N GLY D 388 22.66 -35.42 -37.41
CA GLY D 388 23.73 -34.45 -37.55
C GLY D 388 23.47 -33.24 -38.43
N GLU D 389 22.42 -33.28 -39.24
CA GLU D 389 22.14 -32.18 -40.17
C GLU D 389 21.43 -30.97 -39.52
N VAL D 390 21.02 -31.10 -38.27
CA VAL D 390 20.42 -29.96 -37.58
C VAL D 390 21.46 -29.30 -36.66
N THR D 391 21.46 -27.97 -36.64
CA THR D 391 22.32 -27.22 -35.74
C THR D 391 21.46 -26.35 -34.84
N VAL D 392 21.53 -26.58 -33.54
CA VAL D 392 20.75 -25.82 -32.57
C VAL D 392 21.59 -24.67 -32.00
N LYS D 393 21.13 -23.44 -32.22
CA LYS D 393 21.84 -22.26 -31.78
C LYS D 393 21.01 -21.43 -30.81
N GLY D 394 21.71 -20.65 -29.99
CA GLY D 394 21.09 -19.85 -28.94
C GLY D 394 21.37 -20.40 -27.55
N ALA D 395 21.35 -19.52 -26.56
CA ALA D 395 21.65 -19.90 -25.19
C ALA D 395 20.49 -20.71 -24.61
N ASN D 396 20.74 -21.41 -23.52
CA ASN D 396 19.66 -22.18 -22.93
C ASN D 396 18.95 -21.23 -21.98
N ALA D 397 17.82 -20.72 -22.46
CA ALA D 397 17.11 -19.60 -21.85
C ALA D 397 15.97 -19.19 -22.79
N GLY D 398 15.03 -18.41 -22.27
CA GLY D 398 13.96 -17.87 -23.09
C GLY D 398 13.01 -18.91 -23.63
N LEU D 399 12.08 -18.47 -24.48
CA LEU D 399 11.05 -19.33 -25.03
C LEU D 399 11.33 -19.84 -26.44
N HIS D 400 12.50 -19.50 -26.99
CA HIS D 400 12.83 -19.90 -28.35
C HIS D 400 14.31 -20.23 -28.52
N PHE D 401 14.61 -20.93 -29.62
CA PHE D 401 15.99 -21.06 -30.09
C PHE D 401 16.00 -21.13 -31.61
N VAL D 402 17.18 -21.25 -32.22
CA VAL D 402 17.24 -21.25 -33.69
C VAL D 402 17.77 -22.58 -34.22
N THR D 403 17.22 -23.03 -35.35
CA THR D 403 17.67 -24.28 -35.95
C THR D 403 18.13 -24.08 -37.39
N GLU D 404 19.37 -24.48 -37.67
CA GLU D 404 19.89 -24.46 -39.03
C GLU D 404 19.83 -25.87 -39.62
N PHE D 405 19.56 -25.97 -40.91
CA PHE D 405 19.42 -27.28 -41.55
C PHE D 405 20.34 -27.47 -42.75
N ASP D 406 20.83 -28.69 -42.93
CA ASP D 406 21.49 -29.07 -44.17
C ASP D 406 20.40 -29.71 -45.02
N THR D 407 19.96 -29.01 -46.05
CA THR D 407 18.80 -29.44 -46.83
C THR D 407 18.96 -29.42 -48.35
N ARG D 408 19.27 -28.23 -48.87
CA ARG D 408 19.20 -27.83 -50.30
C ARG D 408 17.83 -27.26 -50.64
N ARG D 409 16.90 -27.35 -49.70
CA ARG D 409 15.60 -26.71 -49.87
C ARG D 409 15.60 -25.30 -49.31
N THR D 410 15.01 -24.37 -50.04
CA THR D 410 14.90 -23.00 -49.59
C THR D 410 14.01 -22.89 -48.35
N GLU D 411 14.17 -21.82 -47.60
CA GLU D 411 13.38 -21.57 -46.40
C GLU D 411 11.89 -21.52 -46.72
N GLN D 412 11.54 -20.88 -47.83
CA GLN D 412 10.15 -20.71 -48.21
C GLN D 412 9.45 -22.03 -48.50
N ASP D 413 10.13 -22.94 -49.20
CA ASP D 413 9.56 -24.24 -49.49
C ASP D 413 9.36 -25.06 -48.23
N ILE D 414 10.30 -24.93 -47.29
CA ILE D 414 10.18 -25.56 -45.98
C ILE D 414 8.94 -25.05 -45.26
N LEU D 415 8.77 -23.74 -45.27
CA LEU D 415 7.60 -23.12 -44.64
C LEU D 415 6.30 -23.57 -45.29
N SER D 416 6.31 -23.70 -46.61
CA SER D 416 5.13 -24.18 -47.34
C SER D 416 4.76 -25.61 -46.94
N HIS D 417 5.75 -26.51 -47.00
CA HIS D 417 5.54 -27.90 -46.62
C HIS D 417 5.12 -28.05 -45.17
N ALA D 418 5.65 -27.20 -44.30
CA ALA D 418 5.26 -27.17 -42.89
C ALA D 418 3.80 -26.76 -42.77
N ALA D 419 3.42 -25.75 -43.54
CA ALA D 419 2.05 -25.26 -43.54
C ALA D 419 1.09 -26.34 -44.02
N GLY D 420 1.55 -27.16 -44.97
CA GLY D 420 0.74 -28.25 -45.47
C GLY D 420 0.62 -29.40 -44.48
N LEU D 421 1.58 -29.49 -43.57
CA LEU D 421 1.60 -30.53 -42.55
C LEU D 421 0.93 -30.08 -41.25
N GLN D 422 0.32 -28.90 -41.30
CA GLN D 422 -0.31 -28.28 -40.13
C GLN D 422 0.70 -28.01 -39.02
N LEU D 423 1.84 -27.42 -39.40
CA LEU D 423 2.86 -27.02 -38.45
C LEU D 423 3.12 -25.53 -38.62
N GLU D 424 2.78 -24.74 -37.60
CA GLU D 424 3.04 -23.30 -37.66
C GLU D 424 4.47 -23.02 -37.22
N ILE D 425 5.25 -22.43 -38.11
CA ILE D 425 6.65 -22.16 -37.85
C ILE D 425 7.12 -20.97 -38.69
N PHE D 426 8.15 -20.27 -38.22
CA PHE D 426 8.62 -19.07 -38.90
C PHE D 426 10.08 -19.14 -39.32
N GLY D 427 10.41 -18.44 -40.41
CA GLY D 427 11.79 -18.40 -40.89
C GLY D 427 12.58 -17.25 -40.29
N MET D 428 13.90 -17.39 -40.29
CA MET D 428 14.79 -16.38 -39.72
C MET D 428 14.88 -15.13 -40.61
N SER D 429 14.57 -15.29 -41.88
CA SER D 429 14.65 -14.20 -42.84
C SER D 429 13.73 -13.04 -42.46
N ARG D 430 12.70 -13.32 -41.66
CA ARG D 430 11.76 -12.28 -41.25
C ARG D 430 12.36 -11.37 -40.19
N PHE D 431 13.51 -11.75 -39.64
CA PHE D 431 14.20 -10.90 -38.68
C PHE D 431 15.33 -10.09 -39.30
N ASN D 432 15.51 -10.27 -40.61
CA ASN D 432 16.42 -9.43 -41.36
C ASN D 432 15.83 -8.03 -41.50
N LEU D 433 16.59 -7.02 -41.09
CA LEU D 433 16.14 -5.64 -41.21
C LEU D 433 16.53 -5.10 -42.58
N LYS D 434 17.83 -5.02 -42.83
CA LYS D 434 18.34 -4.48 -44.09
C LYS D 434 18.08 -5.40 -45.29
N GLU D 435 17.88 -6.70 -45.05
CA GLU D 435 17.16 -7.54 -45.99
C GLU D 435 17.68 -7.60 -47.43
N ASN D 436 18.77 -8.28 -47.74
CA ASN D 436 19.17 -8.23 -49.14
C ASN D 436 18.71 -9.45 -49.96
N LYS D 437 19.57 -10.44 -50.11
CA LYS D 437 19.16 -11.73 -50.68
C LYS D 437 19.97 -12.91 -50.17
N ARG D 438 21.23 -12.83 -50.58
CA ARG D 438 22.16 -13.95 -50.78
C ARG D 438 22.83 -14.49 -49.51
N GLN D 439 23.28 -15.75 -49.55
CA GLN D 439 23.05 -16.68 -50.65
C GLN D 439 22.36 -17.90 -50.08
N THR D 440 23.16 -18.73 -49.44
CA THR D 440 22.70 -19.87 -48.67
C THR D 440 22.76 -19.43 -47.22
N GLY D 441 21.76 -19.82 -46.44
CA GLY D 441 21.75 -19.42 -45.04
C GLY D 441 22.88 -20.04 -44.22
N ARG D 442 22.95 -21.37 -44.11
CA ARG D 442 21.95 -22.33 -44.57
C ARG D 442 20.59 -22.04 -43.93
N PRO D 443 19.49 -22.46 -44.57
CA PRO D 443 18.16 -22.02 -44.09
C PRO D 443 17.97 -22.26 -42.61
N ALA D 444 17.47 -21.25 -41.92
CA ALA D 444 17.33 -21.31 -40.48
C ALA D 444 15.91 -20.95 -40.08
N LEU D 445 15.39 -21.66 -39.08
CA LEU D 445 14.08 -21.37 -38.54
C LEU D 445 14.21 -20.94 -37.08
N ILE D 446 13.22 -20.19 -36.61
CA ILE D 446 13.11 -19.91 -35.18
C ILE D 446 12.06 -20.83 -34.59
N ILE D 447 12.41 -21.49 -33.49
CA ILE D 447 11.51 -22.42 -32.84
C ILE D 447 11.14 -21.89 -31.47
N GLY D 448 9.89 -21.45 -31.31
CA GLY D 448 9.37 -21.21 -29.98
C GLY D 448 8.75 -22.47 -29.39
N PHE D 449 9.01 -22.72 -28.12
CA PHE D 449 8.35 -23.81 -27.39
C PHE D 449 7.24 -23.36 -26.44
N ALA D 450 6.95 -22.06 -26.42
CA ALA D 450 6.01 -21.47 -25.47
C ALA D 450 4.67 -22.19 -25.35
N ARG D 451 3.86 -22.14 -26.41
CA ARG D 451 2.53 -22.75 -26.37
C ARG D 451 2.49 -24.18 -26.89
N LEU D 452 3.66 -24.74 -27.20
CA LEU D 452 3.75 -26.13 -27.62
C LEU D 452 3.37 -27.08 -26.48
N LYS D 453 2.54 -28.07 -26.79
CA LYS D 453 2.16 -29.10 -25.81
C LYS D 453 3.20 -30.21 -25.79
N GLU D 454 3.48 -30.74 -24.59
CA GLU D 454 4.52 -31.76 -24.40
C GLU D 454 4.36 -32.98 -25.30
N GLU D 455 3.11 -33.37 -25.57
CA GLU D 455 2.84 -34.55 -26.38
C GLU D 455 2.75 -34.23 -27.87
N ASP D 456 2.83 -32.95 -28.22
CA ASP D 456 2.85 -32.53 -29.62
C ASP D 456 4.27 -32.38 -30.15
N ILE D 457 5.26 -32.54 -29.27
CA ILE D 457 6.65 -32.36 -29.64
C ILE D 457 7.10 -33.37 -30.69
N GLN D 458 6.98 -34.64 -30.37
CA GLN D 458 7.45 -35.73 -31.22
C GLN D 458 6.98 -35.53 -32.66
N GLU D 459 5.66 -35.66 -32.85
CA GLU D 459 5.05 -35.47 -34.16
C GLU D 459 5.50 -34.16 -34.78
N GLY D 460 5.52 -33.09 -33.99
CA GLY D 460 5.93 -31.80 -34.50
C GLY D 460 7.27 -31.92 -35.18
N VAL D 461 8.25 -32.44 -34.44
CA VAL D 461 9.58 -32.61 -34.98
C VAL D 461 9.55 -33.49 -36.23
N GLN D 462 8.79 -34.58 -36.17
CA GLN D 462 8.64 -35.46 -37.32
C GLN D 462 8.16 -34.66 -38.52
N ARG D 463 7.11 -33.88 -38.32
CA ARG D 463 6.57 -33.07 -39.41
C ARG D 463 7.65 -32.15 -39.92
N LEU D 464 8.39 -31.54 -39.00
CA LEU D 464 9.46 -30.63 -39.36
C LEU D 464 10.44 -31.35 -40.29
N PHE D 465 10.79 -32.58 -39.96
CA PHE D 465 11.67 -33.37 -40.81
C PHE D 465 11.06 -33.45 -42.20
N LYS D 466 9.82 -33.92 -42.27
CA LYS D 466 9.13 -34.09 -43.54
C LYS D 466 9.02 -32.75 -44.27
N ALA D 467 9.07 -31.65 -43.52
CA ALA D 467 9.02 -30.33 -44.11
C ALA D 467 10.33 -29.99 -44.83
N VAL D 468 11.47 -30.30 -44.23
CA VAL D 468 12.74 -29.97 -44.89
C VAL D 468 13.21 -30.98 -45.95
N TYR D 469 13.05 -32.28 -45.67
CA TYR D 469 13.50 -33.31 -46.60
C TYR D 469 12.43 -33.95 -47.50
N GLY D 470 11.17 -33.57 -47.31
CA GLY D 470 10.08 -34.13 -48.13
C GLY D 470 10.17 -33.66 -49.57
N HIS D 471 9.31 -34.20 -50.43
CA HIS D 471 9.36 -33.82 -51.85
C HIS D 471 8.05 -33.27 -52.43
N LYS D 472 8.05 -33.05 -53.75
CA LYS D 472 7.02 -32.29 -54.48
C LYS D 472 7.16 -30.79 -54.26
ZN ZN E . 17.08 -1.37 50.48
N1 IMD F . 17.96 2.36 26.06
C2 IMD F . 17.59 2.13 24.79
N3 IMD F . 18.44 2.81 23.97
C4 IMD F . 19.33 3.46 24.73
C5 IMD F . 19.03 3.18 26.06
C ACT G . -1.35 -7.03 40.02
O ACT G . -1.16 -5.86 40.37
OXT ACT G . -2.16 -7.19 39.08
CH3 ACT G . -0.66 -8.19 40.67
ZN ZN H . -13.90 22.43 21.95
N1 IMD I . -13.85 -0.91 28.32
C2 IMD I . -14.96 -1.07 29.10
N3 IMD I . -15.13 -2.38 29.35
C4 IMD I . -14.13 -3.06 28.74
C5 IMD I . -13.32 -2.13 28.09
C ACT J . 2.31 5.02 21.67
O ACT J . 2.36 5.47 22.83
OXT ACT J . 2.61 5.84 20.76
CH3 ACT J . 1.93 3.60 21.37
C ACT K . 5.69 12.70 18.99
O ACT K . 5.92 11.74 19.75
OXT ACT K . 5.79 13.84 19.49
CH3 ACT K . 5.32 12.50 17.55
C ACT L . -13.22 -4.70 35.17
O ACT L . -13.46 -5.68 35.93
OXT ACT L . -13.10 -4.97 33.96
CH3 ACT L . -13.10 -3.31 35.69
C ACT M . -40.11 -14.96 46.19
O ACT M . -40.69 -15.10 45.10
OXT ACT M . -39.32 -15.86 46.53
CH3 ACT M . -40.34 -13.74 47.05
ZN ZN N . -13.33 10.06 -50.34
N1 IMD O . -12.00 14.78 -24.11
C2 IMD O . -11.73 13.55 -24.61
N3 IMD O . -11.83 13.60 -25.96
C4 IMD O . -12.15 14.87 -26.31
C5 IMD O . -12.25 15.61 -25.15
C ACT P . -2.16 -5.38 -39.34
O ACT P . -1.76 -5.97 -38.31
OXT ACT P . -1.66 -4.27 -39.56
CH3 ACT P . -3.18 -5.99 -40.24
C ACT Q . -23.68 31.57 1.03
O ACT Q . -23.52 30.96 2.11
OXT ACT Q . -22.77 32.36 0.72
CH3 ACT Q . -24.88 31.37 0.17
ZN ZN R . 25.16 11.08 -20.95
N1 IMD S . 11.12 -9.83 -28.94
C2 IMD S . 12.01 -8.81 -28.79
N3 IMD S . 11.46 -7.88 -27.99
C4 IMD S . 10.22 -8.30 -27.63
C5 IMD S . 10.00 -9.52 -28.24
C ACT T . 3.08 14.22 -18.42
O ACT T . 3.88 15.17 -18.41
OXT ACT T . 2.60 13.92 -19.53
CH3 ACT T . 2.70 13.48 -17.17
C ACT U . -3.54 5.67 -2.62
O ACT U . -4.27 5.78 -3.63
OXT ACT U . -2.61 6.48 -2.52
CH3 ACT U . -3.80 4.60 -1.59
#